data_8E0V
#
_entry.id   8E0V
#
_cell.length_a   210.193
_cell.length_b   52.908
_cell.length_c   150.481
_cell.angle_alpha   90.000
_cell.angle_beta   115.711
_cell.angle_gamma   90.000
#
_symmetry.space_group_name_H-M   'C 1 2 1'
#
loop_
_entity.id
_entity.type
_entity.pdbx_description
1 polymer 'Phospho-2-dehydro-3-deoxyheptonate aldolase, Phe-sensitive'
2 non-polymer 'MANGANESE (II) ION'
3 non-polymer beta-D-galactopyranose
4 non-polymer PHOSPHOENOLPYRUVATE
5 non-polymer 'PHOSPHATE ION'
6 water water
#
_entity_poly.entity_id   1
_entity_poly.type   'polypeptide(L)'
_entity_poly.pdbx_seq_one_letter_code
;GMNYQNDDLRIKEIKELLPPVALLEKFPATENAANTVAHARKAIHKILKGNDDRLLVVIGPCSIHDPVAAKEYATRLLAL
REELKDELEIVMRVYFEKPRTTVGWKGLINDPHMDNSFQINDGLRIARKLLLDINDSGLPAAGEFLDMITPQYLADLMSW
GAIGARTTESQVHRELASGLSCPVGFKNGTDGTIKVAIDAINAAGAPHCFLSVTKWGHSAIVNTSGNGDCHIILRGGKEP
NYSAKHVAEVKEGLNKAGLPAQVMIDFSHANSSKQFKKQMDVCADVCQQIAGGEKAIIGVMVESHLVEGNQSLESGEPLA
YGKSITDACIGWEDTDALLRQLANAVKARRG
;
_entity_poly.pdbx_strand_id   A,B,C,D
#
# COMPACT_ATOMS: atom_id res chain seq x y z
N ASP A 8 -18.77 1.46 10.36
CA ASP A 8 -18.22 0.08 10.44
C ASP A 8 -18.45 -0.47 11.85
N LEU A 9 -19.72 -0.65 12.22
CA LEU A 9 -20.09 -1.17 13.56
C LEU A 9 -20.02 -2.70 13.60
N ARG A 10 -19.86 -3.35 12.45
CA ARG A 10 -19.83 -4.83 12.40
C ARG A 10 -18.41 -5.28 12.04
N ILE A 11 -17.44 -4.36 12.05
CA ILE A 11 -16.03 -4.69 11.83
C ILE A 11 -15.32 -4.50 13.17
N LYS A 12 -14.92 -5.60 13.80
CA LYS A 12 -14.45 -5.52 15.17
C LYS A 12 -12.95 -5.32 15.30
N GLU A 13 -12.17 -5.58 14.25
CA GLU A 13 -10.72 -5.43 14.31
C GLU A 13 -10.17 -5.62 12.91
N ILE A 14 -9.07 -4.92 12.62
CA ILE A 14 -8.33 -5.05 11.37
C ILE A 14 -6.86 -5.27 11.74
N LYS A 15 -6.18 -6.18 11.17
CA LYS A 15 -4.87 -6.70 11.53
C LYS A 15 -3.99 -6.82 10.29
N GLU A 16 -2.69 -6.65 10.50
CA GLU A 16 -1.73 -6.58 9.41
C GLU A 16 -1.58 -7.93 8.70
N LEU A 17 -1.54 -7.89 7.37
CA LEU A 17 -1.40 -9.08 6.55
C LEU A 17 -0.13 -8.95 5.73
N LEU A 18 0.79 -9.93 5.88
CA LEU A 18 1.94 -9.97 5.00
C LEU A 18 1.48 -9.88 3.54
N PRO A 19 2.16 -9.09 2.71
CA PRO A 19 1.86 -9.07 1.30
C PRO A 19 2.44 -10.31 0.59
N PRO A 20 1.81 -10.77 -0.50
CA PRO A 20 2.29 -11.91 -1.31
C PRO A 20 3.78 -11.82 -1.67
N VAL A 21 4.28 -10.61 -1.95
CA VAL A 21 5.71 -10.41 -2.31
C VAL A 21 6.61 -10.89 -1.15
N ALA A 22 6.18 -10.71 0.10
CA ALA A 22 6.98 -11.14 1.27
C ALA A 22 7.07 -12.67 1.32
N LEU A 23 6.00 -13.38 0.99
CA LEU A 23 6.03 -14.86 0.96
C LEU A 23 6.73 -15.38 -0.31
N LEU A 24 6.65 -14.63 -1.41
CA LEU A 24 7.37 -15.02 -2.64
C LEU A 24 8.89 -14.82 -2.45
N GLU A 25 9.27 -13.87 -1.60
CA GLU A 25 10.70 -13.58 -1.40
C GLU A 25 11.23 -14.52 -0.31
N LYS A 26 10.39 -14.82 0.67
CA LYS A 26 10.88 -15.79 1.69
C LYS A 26 10.94 -17.21 1.08
N PHE A 27 9.97 -17.57 0.26
CA PHE A 27 9.88 -18.92 -0.30
C PHE A 27 9.79 -18.87 -1.82
N PRO A 28 10.90 -18.54 -2.50
CA PRO A 28 10.87 -18.48 -3.97
C PRO A 28 10.89 -19.87 -4.58
N ALA A 29 10.23 -20.01 -5.72
CA ALA A 29 10.32 -21.27 -6.43
C ALA A 29 11.78 -21.56 -6.76
N THR A 30 12.26 -22.74 -6.35
CA THR A 30 13.51 -23.24 -6.88
C THR A 30 13.36 -23.47 -8.39
N GLU A 31 14.47 -23.74 -9.07
CA GLU A 31 14.35 -24.10 -10.48
C GLU A 31 13.62 -25.43 -10.65
N ASN A 32 13.87 -26.39 -9.76
CA ASN A 32 13.10 -27.62 -9.82
C ASN A 32 11.61 -27.34 -9.64
N ALA A 33 11.25 -26.50 -8.66
CA ALA A 33 9.82 -26.29 -8.39
C ALA A 33 9.14 -25.68 -9.59
N ALA A 34 9.77 -24.68 -10.20
CA ALA A 34 9.18 -24.03 -11.35
C ALA A 34 9.09 -24.98 -12.54
N ASN A 35 10.10 -25.84 -12.72
CA ASN A 35 10.04 -26.80 -13.81
C ASN A 35 8.90 -27.78 -13.60
N THR A 36 8.70 -28.21 -12.35
CA THR A 36 7.61 -29.12 -12.06
C THR A 36 6.26 -28.48 -12.43
N VAL A 37 6.06 -27.23 -11.99
CA VAL A 37 4.78 -26.58 -12.28
C VAL A 37 4.62 -26.42 -13.78
N ALA A 38 5.69 -25.99 -14.46
CA ALA A 38 5.58 -25.70 -15.88
C ALA A 38 5.25 -26.96 -16.65
N HIS A 39 5.98 -28.04 -16.35
CA HIS A 39 5.81 -29.32 -17.05
C HIS A 39 4.41 -29.88 -16.83
N ALA A 40 3.91 -29.80 -15.59
CA ALA A 40 2.60 -30.36 -15.25
C ALA A 40 1.47 -29.54 -15.89
N ARG A 41 1.58 -28.21 -15.87
CA ARG A 41 0.57 -27.40 -16.57
C ARG A 41 0.54 -27.73 -18.05
N LYS A 42 1.71 -27.88 -18.70
CA LYS A 42 1.68 -28.24 -20.12
C LYS A 42 1.09 -29.63 -20.32
N ALA A 43 1.48 -30.61 -19.49
CA ALA A 43 0.95 -31.97 -19.68
C ALA A 43 -0.57 -31.98 -19.56
N ILE A 44 -1.09 -31.30 -18.54
CA ILE A 44 -2.55 -31.24 -18.37
C ILE A 44 -3.19 -30.53 -19.57
N HIS A 45 -2.55 -29.49 -20.10
CA HIS A 45 -3.09 -28.82 -21.28
C HIS A 45 -3.15 -29.78 -22.47
N LYS A 46 -2.08 -30.55 -22.66
CA LYS A 46 -2.02 -31.53 -23.78
C LYS A 46 -3.10 -32.58 -23.61
N ILE A 47 -3.37 -32.97 -22.37
CA ILE A 47 -4.44 -33.94 -22.14
C ILE A 47 -5.79 -33.30 -22.45
N LEU A 48 -6.01 -32.07 -22.00
CA LEU A 48 -7.28 -31.42 -22.26
C LEU A 48 -7.50 -31.20 -23.74
N LYS A 49 -6.43 -30.93 -24.49
CA LYS A 49 -6.58 -30.76 -25.94
C LYS A 49 -6.85 -32.07 -26.66
N GLY A 50 -6.80 -33.19 -25.96
CA GLY A 50 -6.94 -34.46 -26.63
C GLY A 50 -5.70 -34.94 -27.33
N ASN A 51 -4.56 -34.29 -27.13
CA ASN A 51 -3.32 -34.70 -27.78
C ASN A 51 -2.53 -35.71 -26.96
N ASP A 52 -2.93 -35.98 -25.73
CA ASP A 52 -2.36 -37.04 -24.91
C ASP A 52 -3.52 -37.84 -24.37
N ASP A 53 -3.35 -39.16 -24.28
CA ASP A 53 -4.40 -40.06 -23.84
C ASP A 53 -4.19 -40.57 -22.41
N ARG A 54 -3.23 -40.01 -21.69
CA ARG A 54 -3.03 -40.38 -20.30
C ARG A 54 -4.15 -39.76 -19.45
N LEU A 55 -4.32 -40.32 -18.26
CA LEU A 55 -5.37 -39.87 -17.35
C LEU A 55 -4.77 -38.95 -16.28
N LEU A 56 -5.34 -37.75 -16.11
CA LEU A 56 -4.97 -36.86 -15.02
C LEU A 56 -5.53 -37.41 -13.71
N VAL A 57 -4.67 -37.66 -12.71
CA VAL A 57 -5.11 -38.13 -11.41
C VAL A 57 -4.75 -37.09 -10.35
N VAL A 58 -5.75 -36.43 -9.77
CA VAL A 58 -5.57 -35.55 -8.62
C VAL A 58 -5.92 -36.35 -7.39
N ILE A 59 -4.98 -36.51 -6.47
CA ILE A 59 -5.18 -37.47 -5.39
C ILE A 59 -4.41 -37.00 -4.18
N GLY A 60 -5.05 -37.08 -3.01
CA GLY A 60 -4.37 -36.65 -1.80
C GLY A 60 -5.37 -36.34 -0.72
N PRO A 61 -4.91 -35.83 0.41
CA PRO A 61 -5.81 -35.70 1.56
C PRO A 61 -6.96 -34.75 1.29
N CYS A 62 -8.08 -34.99 1.97
CA CYS A 62 -9.14 -33.99 1.97
C CYS A 62 -8.57 -32.61 2.29
N SER A 63 -7.77 -32.52 3.36
CA SER A 63 -7.13 -31.28 3.72
C SER A 63 -5.80 -31.63 4.38
N ILE A 64 -4.87 -30.68 4.32
CA ILE A 64 -3.54 -30.81 4.91
C ILE A 64 -3.59 -30.16 6.29
N HIS A 65 -3.29 -30.92 7.34
CA HIS A 65 -3.21 -30.30 8.65
C HIS A 65 -1.84 -30.48 9.28
N ASP A 66 -0.96 -31.19 8.63
CA ASP A 66 0.34 -31.55 9.17
C ASP A 66 1.35 -31.66 8.05
N PRO A 67 2.28 -30.71 7.93
CA PRO A 67 3.26 -30.77 6.84
C PRO A 67 4.16 -32.01 6.87
N VAL A 68 4.49 -32.53 8.04
CA VAL A 68 5.34 -33.72 8.11
C VAL A 68 4.66 -34.89 7.39
N ALA A 69 3.40 -35.21 7.77
CA ALA A 69 2.69 -36.30 7.10
C ALA A 69 2.49 -36.00 5.61
N ALA A 70 2.29 -34.73 5.26
CA ALA A 70 2.10 -34.44 3.85
C ALA A 70 3.36 -34.72 3.05
N LYS A 71 4.53 -34.48 3.63
CA LYS A 71 5.81 -34.73 2.93
C LYS A 71 6.05 -36.24 2.80
N GLU A 72 5.71 -37.02 3.83
CA GLU A 72 5.79 -38.48 3.64
C GLU A 72 4.80 -38.97 2.55
N TYR A 73 3.57 -38.46 2.57
CA TYR A 73 2.63 -38.81 1.52
C TYR A 73 3.22 -38.47 0.14
N ALA A 74 3.82 -37.27 0.04
CA ALA A 74 4.36 -36.81 -1.24
C ALA A 74 5.48 -37.72 -1.74
N THR A 75 6.34 -38.16 -0.83
CA THR A 75 7.40 -39.10 -1.21
C THR A 75 6.83 -40.40 -1.78
N ARG A 76 5.85 -41.00 -1.08
CA ARG A 76 5.22 -42.23 -1.58
C ARG A 76 4.50 -41.99 -2.92
N LEU A 77 3.77 -40.89 -3.01
CA LEU A 77 3.04 -40.58 -4.24
C LEU A 77 4.01 -40.36 -5.41
N LEU A 78 5.08 -39.60 -5.20
CA LEU A 78 6.06 -39.33 -6.23
C LEU A 78 6.64 -40.63 -6.77
N ALA A 79 6.91 -41.61 -5.89
CA ALA A 79 7.35 -42.91 -6.41
C ALA A 79 6.32 -43.51 -7.36
N LEU A 80 5.02 -43.48 -6.98
CA LEU A 80 4.04 -44.03 -7.94
C LEU A 80 3.94 -43.17 -9.21
N ARG A 81 4.15 -41.87 -9.07
CA ARG A 81 4.10 -40.98 -10.21
C ARG A 81 5.17 -41.34 -11.23
N GLU A 82 6.40 -41.61 -10.75
CA GLU A 82 7.45 -42.02 -11.67
C GLU A 82 7.12 -43.36 -12.28
N GLU A 83 6.61 -44.30 -11.48
CA GLU A 83 6.37 -45.65 -12.02
C GLU A 83 5.22 -45.73 -13.01
N LEU A 84 4.18 -44.90 -12.87
CA LEU A 84 3.00 -45.03 -13.73
C LEU A 84 2.88 -43.90 -14.75
N LYS A 85 3.94 -43.09 -14.86
CA LYS A 85 3.95 -41.87 -15.72
C LYS A 85 3.52 -42.14 -17.17
N ASP A 86 3.79 -43.33 -17.67
CA ASP A 86 3.39 -43.66 -19.04
C ASP A 86 1.87 -43.61 -19.20
N GLU A 87 1.13 -43.89 -18.13
CA GLU A 87 -0.32 -43.96 -18.18
C GLU A 87 -1.01 -42.84 -17.44
N LEU A 88 -0.40 -42.34 -16.37
CA LEU A 88 -1.03 -41.40 -15.47
C LEU A 88 -0.19 -40.15 -15.37
N GLU A 89 -0.86 -39.00 -15.33
CA GLU A 89 -0.25 -37.73 -14.92
C GLU A 89 -0.71 -37.48 -13.49
N ILE A 90 0.12 -37.84 -12.52
CA ILE A 90 -0.27 -37.86 -11.12
C ILE A 90 0.06 -36.52 -10.49
N VAL A 91 -0.95 -35.87 -9.91
CA VAL A 91 -0.84 -34.59 -9.23
C VAL A 91 -1.32 -34.76 -7.79
N MET A 92 -0.60 -34.20 -6.82
CA MET A 92 -1.00 -34.36 -5.42
C MET A 92 -1.99 -33.28 -5.03
N ARG A 93 -3.06 -33.71 -4.36
CA ARG A 93 -4.04 -32.83 -3.78
C ARG A 93 -3.45 -32.15 -2.56
N VAL A 94 -3.37 -30.81 -2.60
CA VAL A 94 -2.82 -30.01 -1.51
C VAL A 94 -3.88 -28.97 -1.16
N TYR A 95 -4.92 -29.39 -0.44
CA TYR A 95 -5.98 -28.49 -0.02
C TYR A 95 -5.78 -28.13 1.45
N PHE A 96 -6.04 -26.87 1.79
CA PHE A 96 -5.72 -26.41 3.14
C PHE A 96 -6.94 -26.32 4.04
N GLU A 97 -8.11 -26.35 3.44
CA GLU A 97 -9.34 -26.09 4.17
C GLU A 97 -10.45 -27.00 3.66
N LYS A 98 -11.35 -27.40 4.55
CA LYS A 98 -12.56 -28.10 4.10
C LYS A 98 -13.72 -27.14 4.33
N PRO A 99 -14.31 -26.54 3.28
CA PRO A 99 -15.38 -25.58 3.48
C PRO A 99 -16.63 -26.30 3.96
N ARG A 100 -17.20 -25.74 5.01
CA ARG A 100 -18.44 -26.30 5.58
C ARG A 100 -19.30 -25.11 6.04
N THR A 101 -20.60 -25.32 6.23
CA THR A 101 -21.44 -24.28 6.86
C THR A 101 -21.34 -24.60 8.34
N THR A 102 -21.39 -25.90 8.67
CA THR A 102 -21.15 -26.37 10.04
C THR A 102 -19.87 -25.80 10.65
N VAL A 103 -19.79 -25.79 11.99
CA VAL A 103 -18.59 -25.28 12.63
C VAL A 103 -17.48 -26.30 12.51
N GLY A 104 -16.25 -25.81 12.67
CA GLY A 104 -15.08 -26.67 12.73
C GLY A 104 -13.81 -25.90 12.46
N TRP A 105 -12.72 -26.68 12.46
CA TRP A 105 -11.40 -26.17 12.11
C TRP A 105 -11.45 -25.47 10.76
N LYS A 106 -10.86 -24.29 10.69
CA LYS A 106 -10.92 -23.47 9.45
C LYS A 106 -9.75 -23.80 8.52
N GLY A 107 -8.99 -24.87 8.82
CA GLY A 107 -7.96 -25.26 7.86
C GLY A 107 -6.60 -24.69 8.19
N LEU A 108 -5.62 -25.05 7.35
CA LEU A 108 -4.22 -24.81 7.72
C LEU A 108 -3.81 -23.35 7.52
N ILE A 109 -4.40 -22.66 6.55
CA ILE A 109 -4.04 -21.26 6.35
C ILE A 109 -4.60 -20.40 7.47
N ASN A 110 -5.90 -20.61 7.80
CA ASN A 110 -6.59 -19.83 8.82
C ASN A 110 -5.99 -20.20 10.15
N ASP A 111 -5.93 -21.47 10.45
CA ASP A 111 -5.65 -21.87 11.81
C ASP A 111 -4.63 -22.99 11.84
N PRO A 112 -3.39 -22.69 11.43
CA PRO A 112 -2.39 -23.75 11.35
C PRO A 112 -2.17 -24.44 12.67
N HIS A 113 -2.23 -23.71 13.78
CA HIS A 113 -1.99 -24.37 15.06
C HIS A 113 -3.25 -25.10 15.54
N MET A 114 -4.31 -25.15 14.76
CA MET A 114 -5.50 -25.94 15.11
C MET A 114 -5.97 -25.66 16.55
N ASP A 115 -6.14 -24.39 16.91
CA ASP A 115 -6.57 -24.04 18.25
C ASP A 115 -7.51 -22.84 18.23
N ASN A 116 -8.00 -22.45 17.06
CA ASN A 116 -8.86 -21.27 16.87
C ASN A 116 -8.13 -19.95 17.12
N SER A 117 -6.86 -19.84 16.81
CA SER A 117 -6.16 -18.58 17.02
C SER A 117 -6.07 -17.73 15.74
N PHE A 118 -6.63 -18.21 14.64
CA PHE A 118 -6.58 -17.48 13.37
C PHE A 118 -5.23 -16.80 13.13
N GLN A 119 -4.19 -17.63 13.04
CA GLN A 119 -2.85 -17.13 12.77
C GLN A 119 -2.54 -17.20 11.27
N ILE A 120 -3.21 -16.32 10.51
CA ILE A 120 -3.22 -16.45 9.06
C ILE A 120 -1.83 -16.22 8.46
N ASN A 121 -1.06 -15.26 8.99
CA ASN A 121 0.28 -15.04 8.47
C ASN A 121 1.14 -16.30 8.64
N ASP A 122 1.05 -16.96 9.80
CA ASP A 122 1.73 -18.23 9.98
C ASP A 122 1.22 -19.25 8.99
N GLY A 123 -0.12 -19.33 8.85
CA GLY A 123 -0.71 -20.29 7.95
C GLY A 123 -0.18 -20.15 6.54
N LEU A 124 -0.10 -18.93 6.04
CA LEU A 124 0.35 -18.69 4.65
C LEU A 124 1.82 -19.14 4.50
N ARG A 125 2.66 -18.83 5.47
CA ARG A 125 4.07 -19.26 5.44
C ARG A 125 4.13 -20.79 5.44
N ILE A 126 3.35 -21.44 6.31
CA ILE A 126 3.48 -22.90 6.36
C ILE A 126 2.99 -23.50 5.06
N ALA A 127 1.86 -23.00 4.54
CA ALA A 127 1.28 -23.54 3.32
C ALA A 127 2.18 -23.31 2.12
N ARG A 128 2.72 -22.09 1.99
CA ARG A 128 3.58 -21.87 0.82
C ARG A 128 4.84 -22.72 0.91
N LYS A 129 5.43 -22.82 2.10
CA LYS A 129 6.62 -23.65 2.26
C LYS A 129 6.33 -25.11 1.89
N LEU A 130 5.21 -25.66 2.34
CA LEU A 130 4.85 -27.04 1.95
C LEU A 130 4.74 -27.17 0.41
N LEU A 131 4.06 -26.26 -0.25
CA LEU A 131 3.88 -26.33 -1.72
C LEU A 131 5.25 -26.28 -2.41
N LEU A 132 6.13 -25.40 -1.96
CA LEU A 132 7.49 -25.31 -2.53
C LEU A 132 8.18 -26.66 -2.35
N ASP A 133 8.11 -27.25 -1.15
CA ASP A 133 8.86 -28.49 -0.95
C ASP A 133 8.34 -29.61 -1.84
N ILE A 134 7.03 -29.74 -1.95
CA ILE A 134 6.47 -30.78 -2.79
C ILE A 134 6.86 -30.56 -4.24
N ASN A 135 6.66 -29.34 -4.76
CA ASN A 135 7.02 -29.11 -6.16
C ASN A 135 8.51 -29.31 -6.37
N ASP A 136 9.32 -28.85 -5.42
CA ASP A 136 10.76 -28.93 -5.59
C ASP A 136 11.23 -30.38 -5.62
N SER A 137 10.51 -31.28 -4.93
CA SER A 137 10.83 -32.71 -5.00
C SER A 137 10.44 -33.35 -6.34
N GLY A 138 9.72 -32.65 -7.22
CA GLY A 138 9.31 -33.18 -8.50
C GLY A 138 7.84 -33.54 -8.63
N LEU A 139 7.02 -33.31 -7.58
CA LEU A 139 5.62 -33.72 -7.61
C LEU A 139 4.73 -32.50 -7.81
N PRO A 140 3.92 -32.43 -8.87
CA PRO A 140 2.98 -31.30 -9.06
C PRO A 140 1.89 -31.27 -8.00
N ALA A 141 1.29 -30.09 -7.80
CA ALA A 141 0.30 -29.90 -6.76
C ALA A 141 -1.02 -29.34 -7.30
N ALA A 142 -2.13 -29.78 -6.72
CA ALA A 142 -3.46 -29.29 -7.09
C ALA A 142 -4.08 -28.54 -5.92
N GLY A 143 -4.75 -27.43 -6.21
CA GLY A 143 -5.22 -26.54 -5.19
C GLY A 143 -6.73 -26.33 -5.30
N GLU A 144 -7.29 -25.73 -4.26
CA GLU A 144 -8.69 -25.28 -4.33
C GLU A 144 -8.73 -23.78 -4.12
N PHE A 145 -9.45 -23.09 -5.00
CA PHE A 145 -9.58 -21.64 -4.94
C PHE A 145 -10.90 -21.27 -4.27
N LEU A 146 -10.84 -20.92 -2.99
CA LEU A 146 -12.04 -20.51 -2.28
C LEU A 146 -12.27 -19.00 -2.26
N ASP A 147 -11.24 -18.19 -2.44
CA ASP A 147 -11.36 -16.76 -2.27
C ASP A 147 -10.45 -16.07 -3.28
N MET A 148 -10.61 -14.75 -3.39
CA MET A 148 -9.85 -13.98 -4.36
C MET A 148 -8.49 -13.48 -3.86
N ILE A 149 -8.14 -13.66 -2.60
CA ILE A 149 -6.91 -13.11 -2.05
C ILE A 149 -5.85 -14.19 -1.93
N THR A 150 -6.16 -15.31 -1.27
CA THR A 150 -5.22 -16.45 -1.08
C THR A 150 -4.46 -16.87 -2.34
N PRO A 151 -5.06 -16.97 -3.54
CA PRO A 151 -4.33 -17.48 -4.71
C PRO A 151 -3.06 -16.70 -5.05
N GLN A 152 -3.03 -15.39 -4.77
CA GLN A 152 -1.83 -14.56 -5.03
C GLN A 152 -0.59 -15.09 -4.27
N TYR A 153 -0.78 -15.80 -3.15
CA TYR A 153 0.39 -16.30 -2.44
C TYR A 153 0.81 -17.68 -2.91
N LEU A 154 -0.08 -18.42 -3.58
CA LEU A 154 0.19 -19.85 -3.78
C LEU A 154 0.07 -20.32 -5.20
N ALA A 155 -0.69 -19.64 -6.07
CA ALA A 155 -1.03 -20.22 -7.36
C ALA A 155 0.19 -20.44 -8.25
N ASP A 156 1.29 -19.69 -8.07
CA ASP A 156 2.48 -19.96 -8.88
C ASP A 156 3.08 -21.33 -8.60
N LEU A 157 2.65 -22.01 -7.55
CA LEU A 157 3.07 -23.38 -7.25
C LEU A 157 1.93 -24.38 -7.49
N MET A 158 0.91 -23.97 -8.23
CA MET A 158 -0.21 -24.88 -8.50
C MET A 158 -0.29 -25.22 -9.99
N SER A 159 -0.35 -26.52 -10.29
CA SER A 159 -0.41 -27.02 -11.66
C SER A 159 -1.82 -27.25 -12.15
N TRP A 160 -2.81 -27.17 -11.26
CA TRP A 160 -4.22 -27.42 -11.53
C TRP A 160 -4.99 -26.95 -10.31
N GLY A 161 -6.18 -26.41 -10.53
CA GLY A 161 -6.99 -25.97 -9.41
C GLY A 161 -8.47 -26.27 -9.62
N ALA A 162 -9.18 -26.30 -8.51
CA ALA A 162 -10.62 -26.48 -8.53
C ALA A 162 -11.26 -25.24 -7.96
N ILE A 163 -12.33 -24.82 -8.56
CA ILE A 163 -13.11 -23.76 -7.94
C ILE A 163 -14.05 -24.42 -6.97
N GLY A 164 -14.26 -23.80 -5.80
CA GLY A 164 -15.19 -24.35 -4.80
C GLY A 164 -16.55 -24.68 -5.37
N ALA A 165 -17.09 -25.84 -4.99
CA ALA A 165 -18.37 -26.30 -5.54
C ALA A 165 -19.50 -25.32 -5.24
N ARG A 166 -19.42 -24.59 -4.13
CA ARG A 166 -20.44 -23.64 -3.74
C ARG A 166 -20.28 -22.31 -4.46
N THR A 167 -19.28 -22.16 -5.33
CA THR A 167 -19.08 -20.90 -6.03
C THR A 167 -18.92 -21.07 -7.54
N THR A 168 -19.29 -22.23 -8.08
CA THR A 168 -19.29 -22.42 -9.54
C THR A 168 -20.11 -21.36 -10.24
N GLU A 169 -21.18 -20.90 -9.61
CA GLU A 169 -22.13 -20.00 -10.24
C GLU A 169 -21.73 -18.56 -10.06
N SER A 170 -20.72 -18.31 -9.20
CA SER A 170 -20.38 -16.96 -8.77
C SER A 170 -19.53 -16.23 -9.80
N GLN A 171 -19.98 -15.04 -10.18
CA GLN A 171 -19.23 -14.27 -11.15
C GLN A 171 -17.80 -14.00 -10.67
N VAL A 172 -17.61 -13.72 -9.38
CA VAL A 172 -16.27 -13.28 -8.94
C VAL A 172 -15.29 -14.44 -9.00
N HIS A 173 -15.77 -15.67 -8.71
CA HIS A 173 -14.91 -16.86 -8.82
C HIS A 173 -14.62 -17.22 -10.27
N ARG A 174 -15.59 -17.02 -11.18
CA ARG A 174 -15.34 -17.21 -12.61
C ARG A 174 -14.32 -16.19 -13.15
N GLU A 175 -14.48 -14.90 -12.78
CA GLU A 175 -13.46 -13.90 -13.13
C GLU A 175 -12.10 -14.37 -12.67
N LEU A 176 -12.02 -14.87 -11.44
CA LEU A 176 -10.77 -15.42 -10.93
C LEU A 176 -10.22 -16.49 -11.85
N ALA A 177 -11.05 -17.49 -12.19
CA ALA A 177 -10.58 -18.59 -13.05
C ALA A 177 -10.02 -18.08 -14.37
N SER A 178 -10.62 -17.01 -14.91
CA SER A 178 -10.23 -16.55 -16.24
C SER A 178 -8.81 -15.99 -16.29
N GLY A 179 -8.24 -15.60 -15.15
CA GLY A 179 -6.86 -15.17 -15.11
C GLY A 179 -5.85 -16.11 -14.43
N LEU A 180 -6.25 -17.32 -14.04
CA LEU A 180 -5.32 -18.27 -13.40
C LEU A 180 -4.40 -18.91 -14.43
N SER A 181 -3.13 -19.10 -14.06
CA SER A 181 -2.15 -19.65 -14.98
C SER A 181 -2.27 -21.17 -15.15
N CYS A 182 -3.03 -21.83 -14.33
CA CYS A 182 -3.20 -23.28 -14.42
C CYS A 182 -4.58 -23.65 -14.96
N PRO A 183 -4.74 -24.90 -15.40
CA PRO A 183 -6.08 -25.42 -15.71
C PRO A 183 -6.97 -25.41 -14.48
N VAL A 184 -8.27 -25.40 -14.73
CA VAL A 184 -9.25 -25.18 -13.67
C VAL A 184 -10.41 -26.13 -13.88
N GLY A 185 -10.89 -26.70 -12.78
CA GLY A 185 -12.04 -27.60 -12.80
C GLY A 185 -13.19 -26.97 -12.05
N PHE A 186 -14.38 -27.09 -12.64
CA PHE A 186 -15.64 -26.60 -12.05
C PHE A 186 -16.54 -27.78 -11.73
N LYS A 187 -16.99 -27.87 -10.47
CA LYS A 187 -17.86 -28.96 -10.04
C LYS A 187 -19.28 -28.73 -10.54
N ASN A 188 -19.97 -29.84 -10.78
CA ASN A 188 -21.36 -29.78 -11.26
C ASN A 188 -22.28 -29.36 -10.13
N GLY A 189 -23.57 -29.26 -10.42
CA GLY A 189 -24.53 -28.90 -9.41
C GLY A 189 -24.78 -30.00 -8.40
N THR A 190 -25.15 -29.56 -7.18
CA THR A 190 -25.43 -30.49 -6.10
C THR A 190 -26.64 -31.39 -6.38
N ASP A 191 -27.45 -31.05 -7.37
CA ASP A 191 -28.52 -31.93 -7.82
C ASP A 191 -28.05 -32.74 -9.02
N GLY A 192 -26.78 -32.61 -9.42
CA GLY A 192 -26.25 -33.40 -10.51
C GLY A 192 -26.37 -32.78 -11.89
N THR A 193 -27.00 -31.61 -12.00
CA THR A 193 -27.05 -30.96 -13.29
C THR A 193 -25.73 -30.26 -13.59
N ILE A 194 -25.55 -29.91 -14.85
CA ILE A 194 -24.28 -29.41 -15.33
C ILE A 194 -24.41 -28.00 -15.90
N LYS A 195 -25.58 -27.38 -15.80
CA LYS A 195 -25.82 -26.11 -16.49
C LYS A 195 -24.95 -24.98 -15.92
N VAL A 196 -24.91 -24.87 -14.60
CA VAL A 196 -24.04 -23.82 -13.97
C VAL A 196 -22.59 -24.08 -14.37
N ALA A 197 -22.14 -25.34 -14.35
CA ALA A 197 -20.74 -25.64 -14.64
C ALA A 197 -20.38 -25.30 -16.08
N ILE A 198 -21.32 -25.45 -17.01
CA ILE A 198 -21.06 -25.08 -18.40
C ILE A 198 -21.06 -23.55 -18.54
N ASP A 199 -22.01 -22.88 -17.89
CA ASP A 199 -21.91 -21.42 -17.82
C ASP A 199 -20.55 -20.99 -17.28
N ALA A 200 -20.06 -21.66 -16.23
CA ALA A 200 -18.76 -21.31 -15.65
C ALA A 200 -17.63 -21.52 -16.63
N ILE A 201 -17.61 -22.66 -17.33
CA ILE A 201 -16.52 -22.90 -18.29
C ILE A 201 -16.50 -21.82 -19.36
N ASN A 202 -17.69 -21.44 -19.85
CA ASN A 202 -17.79 -20.39 -20.87
C ASN A 202 -17.34 -19.04 -20.33
N ALA A 203 -17.87 -18.65 -19.18
CA ALA A 203 -17.48 -17.37 -18.60
C ALA A 203 -15.97 -17.33 -18.37
N ALA A 204 -15.42 -18.37 -17.77
CA ALA A 204 -13.98 -18.35 -17.49
C ALA A 204 -13.16 -18.35 -18.76
N GLY A 205 -13.74 -18.78 -19.89
CA GLY A 205 -12.93 -18.80 -21.08
C GLY A 205 -12.82 -17.45 -21.78
N ALA A 206 -13.66 -16.46 -21.39
CA ALA A 206 -13.70 -15.09 -21.89
C ALA A 206 -12.76 -14.18 -21.09
N PRO A 207 -12.19 -13.15 -21.73
CA PRO A 207 -11.48 -12.12 -20.97
C PRO A 207 -12.43 -11.32 -20.08
N HIS A 208 -11.86 -10.78 -19.01
CA HIS A 208 -12.61 -10.09 -17.97
C HIS A 208 -11.77 -8.93 -17.46
N CYS A 209 -12.44 -7.94 -16.89
CA CYS A 209 -11.77 -6.86 -16.21
C CYS A 209 -12.45 -6.69 -14.87
N PHE A 210 -11.66 -6.61 -13.79
CA PHE A 210 -12.26 -6.59 -12.45
C PHE A 210 -11.20 -6.19 -11.43
N LEU A 211 -11.65 -5.97 -10.20
CA LEU A 211 -10.75 -5.57 -9.13
C LEU A 211 -10.13 -6.79 -8.47
N SER A 212 -8.91 -6.59 -7.96
CA SER A 212 -8.15 -7.68 -7.39
C SER A 212 -6.98 -7.12 -6.60
N VAL A 213 -6.56 -7.87 -5.58
CA VAL A 213 -5.35 -7.55 -4.84
C VAL A 213 -4.13 -8.02 -5.63
N THR A 214 -3.09 -7.18 -5.71
CA THR A 214 -1.83 -7.49 -6.39
C THR A 214 -0.83 -8.16 -5.46
N LYS A 215 0.28 -8.64 -6.05
CA LYS A 215 1.38 -9.18 -5.25
C LYS A 215 1.78 -8.23 -4.13
N TRP A 216 1.56 -6.92 -4.31
CA TRP A 216 2.02 -5.90 -3.37
C TRP A 216 1.07 -5.67 -2.21
N GLY A 217 -0.05 -6.39 -2.14
CA GLY A 217 -0.99 -6.15 -1.07
C GLY A 217 -1.96 -5.02 -1.32
N HIS A 218 -2.02 -4.49 -2.54
CA HIS A 218 -2.86 -3.36 -2.91
C HIS A 218 -3.90 -3.78 -3.92
N SER A 219 -5.08 -3.20 -3.84
CA SER A 219 -6.09 -3.46 -4.86
C SER A 219 -5.75 -2.72 -6.13
N ALA A 220 -6.09 -3.33 -7.26
CA ALA A 220 -5.86 -2.77 -8.57
C ALA A 220 -6.96 -3.25 -9.50
N ILE A 221 -6.92 -2.70 -10.72
CA ILE A 221 -7.78 -3.14 -11.83
C ILE A 221 -7.00 -4.13 -12.69
N VAL A 222 -7.56 -5.29 -12.97
CA VAL A 222 -6.83 -6.29 -13.74
C VAL A 222 -7.68 -6.74 -14.92
N ASN A 223 -6.98 -7.10 -16.00
CA ASN A 223 -7.54 -7.62 -17.24
C ASN A 223 -6.98 -9.01 -17.45
N THR A 224 -7.85 -9.95 -17.73
CA THR A 224 -7.43 -11.32 -17.93
C THR A 224 -7.60 -11.72 -19.40
N SER A 225 -6.92 -12.79 -19.77
CA SER A 225 -7.01 -13.27 -21.14
C SER A 225 -8.15 -14.21 -21.38
N GLY A 226 -8.80 -14.72 -20.33
CA GLY A 226 -9.63 -15.90 -20.48
C GLY A 226 -8.80 -17.17 -20.36
N ASN A 227 -9.43 -18.23 -19.86
CA ASN A 227 -8.78 -19.51 -19.55
C ASN A 227 -9.49 -20.60 -20.31
N GLY A 228 -8.82 -21.15 -21.31
CA GLY A 228 -9.44 -22.22 -22.07
C GLY A 228 -9.19 -23.61 -21.55
N ASP A 229 -8.43 -23.75 -20.46
CA ASP A 229 -8.15 -25.05 -19.82
C ASP A 229 -9.10 -25.32 -18.65
N CYS A 230 -10.38 -25.07 -18.82
CA CYS A 230 -11.40 -25.29 -17.81
C CYS A 230 -12.25 -26.46 -18.22
N HIS A 231 -12.61 -27.30 -17.26
CA HIS A 231 -13.35 -28.51 -17.55
C HIS A 231 -14.30 -28.77 -16.39
N ILE A 232 -15.25 -29.68 -16.62
CA ILE A 232 -16.21 -30.07 -15.61
C ILE A 232 -15.62 -31.12 -14.68
N ILE A 233 -16.07 -31.11 -13.43
CA ILE A 233 -15.79 -32.16 -12.46
C ILE A 233 -17.14 -32.73 -12.07
N LEU A 234 -17.37 -34.01 -12.38
CA LEU A 234 -18.58 -34.70 -11.94
C LEU A 234 -18.41 -35.18 -10.50
N ARG A 235 -19.24 -34.67 -9.61
CA ARG A 235 -19.07 -34.99 -8.17
C ARG A 235 -20.35 -35.58 -7.60
N GLY A 236 -21.38 -35.67 -8.43
CA GLY A 236 -22.62 -36.31 -7.98
C GLY A 236 -23.68 -35.31 -7.57
N GLY A 237 -24.95 -35.72 -7.64
CA GLY A 237 -26.03 -34.89 -7.17
C GLY A 237 -26.66 -35.53 -5.96
N LYS A 238 -27.99 -35.68 -5.99
CA LYS A 238 -28.66 -36.51 -5.00
C LYS A 238 -27.99 -37.89 -4.91
N GLU A 239 -27.64 -38.46 -6.07
CA GLU A 239 -27.04 -39.78 -6.18
C GLU A 239 -25.72 -39.73 -6.91
N PRO A 240 -24.95 -40.83 -6.90
CA PRO A 240 -23.71 -40.89 -7.70
C PRO A 240 -23.97 -40.70 -9.19
N ASN A 241 -23.07 -39.96 -9.84
CA ASN A 241 -23.18 -39.67 -11.28
C ASN A 241 -21.87 -39.95 -11.98
N TYR A 242 -21.27 -41.11 -11.70
CA TYR A 242 -20.02 -41.52 -12.33
C TYR A 242 -20.21 -42.56 -13.42
N SER A 243 -21.43 -43.12 -13.47
CA SER A 243 -21.79 -44.21 -14.40
C SER A 243 -21.67 -43.81 -15.87
N ALA A 244 -21.63 -44.82 -16.74
CA ALA A 244 -21.52 -44.60 -18.20
C ALA A 244 -22.73 -43.83 -18.73
N LYS A 245 -23.93 -44.11 -18.21
CA LYS A 245 -25.14 -43.38 -18.66
C LYS A 245 -24.97 -41.90 -18.35
N HIS A 246 -24.57 -41.60 -17.11
CA HIS A 246 -24.33 -40.20 -16.69
C HIS A 246 -23.24 -39.57 -17.55
N VAL A 247 -22.18 -40.30 -17.83
CA VAL A 247 -21.03 -39.71 -18.56
C VAL A 247 -21.54 -39.36 -19.96
N ALA A 248 -22.34 -40.23 -20.55
CA ALA A 248 -22.83 -39.99 -21.93
C ALA A 248 -23.76 -38.79 -21.93
N GLU A 249 -24.60 -38.68 -20.91
CA GLU A 249 -25.50 -37.49 -20.80
C GLU A 249 -24.65 -36.22 -20.73
N VAL A 250 -23.60 -36.23 -19.92
CA VAL A 250 -22.79 -35.00 -19.73
C VAL A 250 -22.07 -34.69 -21.04
N LYS A 251 -21.60 -35.71 -21.74
CA LYS A 251 -20.90 -35.53 -23.03
C LYS A 251 -21.87 -34.89 -24.03
N GLU A 252 -23.12 -35.34 -24.02
CA GLU A 252 -24.13 -34.78 -24.95
C GLU A 252 -24.35 -33.31 -24.58
N GLY A 253 -24.47 -32.99 -23.28
CA GLY A 253 -24.60 -31.59 -22.89
C GLY A 253 -23.42 -30.74 -23.33
N LEU A 254 -22.20 -31.27 -23.17
CA LEU A 254 -20.98 -30.51 -23.50
C LEU A 254 -20.90 -30.28 -25.01
N ASN A 255 -21.39 -31.25 -25.78
CA ASN A 255 -21.40 -31.08 -27.26
C ASN A 255 -22.46 -30.05 -27.65
N LYS A 256 -23.64 -30.14 -27.04
CA LYS A 256 -24.75 -29.21 -27.36
C LYS A 256 -24.28 -27.80 -27.07
N ALA A 257 -23.35 -27.68 -26.13
CA ALA A 257 -22.84 -26.37 -25.76
C ALA A 257 -21.58 -26.00 -26.50
N GLY A 258 -21.14 -26.84 -27.44
CA GLY A 258 -19.94 -26.50 -28.18
C GLY A 258 -18.65 -26.60 -27.39
N LEU A 259 -18.64 -27.38 -26.33
CA LEU A 259 -17.45 -27.56 -25.52
C LEU A 259 -16.87 -28.94 -25.75
N PRO A 260 -15.58 -29.12 -25.48
CA PRO A 260 -14.99 -30.46 -25.51
C PRO A 260 -15.75 -31.40 -24.60
N ALA A 261 -16.03 -32.60 -25.10
CA ALA A 261 -16.82 -33.59 -24.36
C ALA A 261 -15.88 -34.41 -23.46
N GLN A 262 -15.39 -33.71 -22.43
CA GLN A 262 -14.51 -34.39 -21.47
CA GLN A 262 -14.47 -34.37 -21.46
C GLN A 262 -14.87 -34.05 -19.99
N VAL A 263 -14.65 -35.03 -19.13
CA VAL A 263 -15.03 -34.88 -17.73
C VAL A 263 -13.91 -35.36 -16.80
N MET A 264 -13.87 -34.75 -15.63
CA MET A 264 -13.16 -35.31 -14.49
C MET A 264 -14.21 -35.87 -13.55
N ILE A 265 -13.93 -37.07 -13.04
CA ILE A 265 -14.86 -37.74 -12.12
C ILE A 265 -14.23 -37.72 -10.74
N ASP A 266 -14.94 -37.14 -9.80
CA ASP A 266 -14.55 -37.12 -8.41
C ASP A 266 -15.07 -38.39 -7.76
N PHE A 267 -14.17 -39.25 -7.27
CA PHE A 267 -14.60 -40.53 -6.70
C PHE A 267 -15.24 -40.43 -5.33
N SER A 268 -15.13 -39.31 -4.65
CA SER A 268 -15.51 -39.23 -3.27
C SER A 268 -16.87 -38.58 -3.09
N HIS A 269 -17.20 -38.34 -1.82
CA HIS A 269 -18.42 -37.60 -1.39
C HIS A 269 -19.68 -38.17 -2.01
N ALA A 270 -20.47 -37.26 -2.58
CA ALA A 270 -21.73 -37.78 -3.11
C ALA A 270 -21.49 -38.96 -4.03
N ASN A 271 -20.44 -38.90 -4.87
CA ASN A 271 -20.20 -39.98 -5.83
C ASN A 271 -19.86 -41.30 -5.14
N SER A 272 -19.27 -41.25 -3.93
CA SER A 272 -19.00 -42.43 -3.10
C SER A 272 -20.01 -42.64 -1.96
N SER A 273 -21.06 -41.81 -1.88
CA SER A 273 -22.07 -41.89 -0.82
C SER A 273 -21.51 -41.51 0.55
N LYS A 274 -20.36 -40.81 0.60
CA LYS A 274 -19.74 -40.34 1.84
C LYS A 274 -19.25 -41.49 2.75
N GLN A 275 -18.74 -42.56 2.15
CA GLN A 275 -18.03 -43.63 2.84
C GLN A 275 -16.74 -43.83 2.07
N PHE A 276 -15.60 -43.58 2.72
CA PHE A 276 -14.37 -43.42 1.94
C PHE A 276 -14.08 -44.67 1.11
N LYS A 277 -14.35 -45.84 1.65
CA LYS A 277 -14.08 -47.10 0.98
C LYS A 277 -14.80 -47.21 -0.37
N LYS A 278 -15.93 -46.56 -0.52
CA LYS A 278 -16.65 -46.68 -1.80
C LYS A 278 -15.92 -45.99 -2.94
N GLN A 279 -14.93 -45.14 -2.67
CA GLN A 279 -14.07 -44.67 -3.77
C GLN A 279 -13.51 -45.85 -4.55
N MET A 280 -13.21 -46.96 -3.86
CA MET A 280 -12.69 -48.12 -4.56
C MET A 280 -13.73 -48.65 -5.56
N ASP A 281 -15.02 -48.69 -5.16
CA ASP A 281 -16.07 -49.10 -6.10
C ASP A 281 -16.19 -48.17 -7.29
N VAL A 282 -16.10 -46.84 -7.04
CA VAL A 282 -16.15 -45.90 -8.16
C VAL A 282 -14.96 -46.19 -9.09
N CYS A 283 -13.79 -46.42 -8.48
CA CYS A 283 -12.64 -46.80 -9.28
C CYS A 283 -13.00 -47.96 -10.21
N ALA A 284 -13.60 -49.01 -9.66
CA ALA A 284 -13.87 -50.21 -10.45
C ALA A 284 -14.70 -49.84 -11.67
N ASP A 285 -15.79 -49.10 -11.43
CA ASP A 285 -16.66 -48.72 -12.53
C ASP A 285 -15.89 -47.88 -13.54
N VAL A 286 -15.20 -46.83 -13.06
CA VAL A 286 -14.55 -45.91 -13.99
C VAL A 286 -13.46 -46.64 -14.77
N CYS A 287 -12.82 -47.65 -14.13
CA CYS A 287 -11.76 -48.36 -14.85
C CYS A 287 -12.33 -49.14 -16.01
N GLN A 288 -13.45 -49.81 -15.76
CA GLN A 288 -14.19 -50.49 -16.81
C GLN A 288 -14.53 -49.50 -17.93
N GLN A 289 -15.00 -48.29 -17.58
CA GLN A 289 -15.36 -47.36 -18.64
C GLN A 289 -14.13 -47.01 -19.46
N ILE A 290 -13.00 -46.87 -18.79
CA ILE A 290 -11.80 -46.51 -19.53
C ILE A 290 -11.30 -47.69 -20.32
N ALA A 291 -11.38 -48.90 -19.77
CA ALA A 291 -10.79 -50.07 -20.46
C ALA A 291 -11.55 -50.38 -21.76
N GLY A 292 -12.85 -50.13 -21.78
CA GLY A 292 -13.68 -50.41 -22.95
C GLY A 292 -13.64 -49.30 -23.98
N GLY A 293 -12.80 -48.27 -23.79
CA GLY A 293 -12.63 -47.24 -24.82
C GLY A 293 -13.25 -45.89 -24.52
N GLU A 294 -13.52 -45.55 -23.26
CA GLU A 294 -14.03 -44.18 -22.98
C GLU A 294 -12.86 -43.17 -22.98
N LYS A 295 -12.83 -42.27 -23.98
CA LYS A 295 -11.81 -41.25 -24.03
C LYS A 295 -12.26 -39.94 -23.40
N ALA A 296 -13.55 -39.74 -23.16
CA ALA A 296 -14.02 -38.51 -22.54
C ALA A 296 -13.61 -38.37 -21.07
N ILE A 297 -13.23 -39.46 -20.39
CA ILE A 297 -12.81 -39.30 -18.99
C ILE A 297 -11.33 -38.96 -19.02
N ILE A 298 -11.03 -37.67 -18.81
CA ILE A 298 -9.65 -37.18 -18.85
C ILE A 298 -9.04 -37.06 -17.45
N GLY A 299 -9.86 -37.19 -16.39
CA GLY A 299 -9.26 -37.12 -15.07
C GLY A 299 -10.18 -37.70 -14.02
N VAL A 300 -9.58 -37.92 -12.86
CA VAL A 300 -10.25 -38.37 -11.66
C VAL A 300 -9.66 -37.64 -10.47
N MET A 301 -10.47 -37.53 -9.42
CA MET A 301 -10.06 -36.94 -8.15
C MET A 301 -10.35 -37.94 -7.03
N VAL A 302 -9.37 -38.13 -6.15
CA VAL A 302 -9.46 -39.13 -5.09
C VAL A 302 -8.98 -38.54 -3.78
N GLU A 303 -9.72 -38.81 -2.69
CA GLU A 303 -9.32 -38.39 -1.35
C GLU A 303 -8.62 -39.53 -0.65
N SER A 304 -7.36 -39.26 -0.27
CA SER A 304 -6.36 -40.27 0.00
C SER A 304 -5.35 -39.73 1.00
N HIS A 305 -4.89 -40.61 1.91
CA HIS A 305 -3.96 -40.22 2.95
C HIS A 305 -3.13 -41.46 3.29
N LEU A 306 -2.13 -41.30 4.17
CA LEU A 306 -1.32 -42.42 4.63
C LEU A 306 -2.18 -43.45 5.34
N VAL A 307 -3.00 -43.00 6.28
CA VAL A 307 -3.83 -43.84 7.13
C VAL A 307 -5.29 -43.57 6.75
N GLU A 308 -6.04 -44.62 6.44
CA GLU A 308 -7.42 -44.45 6.00
C GLU A 308 -8.28 -43.85 7.13
N GLY A 309 -9.52 -43.43 6.79
CA GLY A 309 -10.53 -43.06 7.80
C GLY A 309 -10.42 -41.58 8.16
N ASN A 310 -10.85 -41.22 9.36
CA ASN A 310 -10.66 -39.85 9.83
C ASN A 310 -10.74 -39.81 11.35
N GLN A 311 -10.55 -38.62 11.92
CA GLN A 311 -10.55 -38.43 13.36
C GLN A 311 -11.02 -37.01 13.65
N SER A 312 -11.49 -36.78 14.86
CA SER A 312 -11.97 -35.44 15.27
C SER A 312 -10.88 -34.69 16.03
N LEU A 313 -10.70 -33.40 15.75
CA LEU A 313 -9.78 -32.52 16.49
C LEU A 313 -10.36 -32.31 17.88
N GLU A 314 -9.56 -32.45 18.92
CA GLU A 314 -10.08 -32.36 20.32
C GLU A 314 -9.09 -31.60 21.21
N SER A 315 -9.62 -30.67 22.00
CA SER A 315 -8.77 -29.89 22.93
C SER A 315 -8.04 -30.81 23.92
N GLY A 316 -6.78 -30.47 24.19
CA GLY A 316 -5.83 -31.15 25.09
C GLY A 316 -5.53 -32.56 24.65
N GLU A 317 -5.37 -32.79 23.35
CA GLU A 317 -5.20 -34.19 22.90
C GLU A 317 -4.29 -34.29 21.66
N PRO A 318 -3.39 -35.28 21.60
CA PRO A 318 -2.61 -35.48 20.42
C PRO A 318 -3.49 -36.09 19.31
N LEU A 319 -2.97 -36.14 18.10
CA LEU A 319 -3.72 -36.71 16.96
C LEU A 319 -2.98 -37.88 16.33
N ALA A 320 -3.74 -38.75 15.68
CA ALA A 320 -3.13 -39.87 14.94
C ALA A 320 -2.36 -39.29 13.76
N TYR A 321 -1.21 -39.87 13.47
CA TYR A 321 -0.38 -39.42 12.33
C TYR A 321 -0.97 -39.87 10.99
N GLY A 322 -0.93 -39.01 10.00
CA GLY A 322 -1.35 -39.35 8.62
C GLY A 322 -2.82 -39.65 8.46
N LYS A 323 -3.66 -39.16 9.37
CA LYS A 323 -5.05 -39.55 9.23
C LYS A 323 -5.87 -38.28 9.21
N SER A 324 -6.85 -38.23 8.32
CA SER A 324 -7.53 -36.96 8.05
C SER A 324 -8.21 -36.43 9.30
N ILE A 325 -8.25 -35.10 9.46
CA ILE A 325 -9.10 -34.51 10.51
C ILE A 325 -10.31 -33.82 9.90
N THR A 326 -10.52 -33.98 8.60
CA THR A 326 -11.74 -33.52 7.93
C THR A 326 -12.50 -34.74 7.42
N ASP A 327 -12.74 -34.86 6.11
CA ASP A 327 -13.46 -36.00 5.56
C ASP A 327 -12.59 -37.26 5.54
N ALA A 328 -13.25 -38.42 5.51
CA ALA A 328 -12.54 -39.68 5.58
C ALA A 328 -11.93 -40.01 4.22
N CYS A 329 -10.73 -40.59 4.24
CA CYS A 329 -9.94 -40.85 3.04
C CYS A 329 -9.60 -42.33 2.94
N ILE A 330 -9.35 -42.80 1.71
CA ILE A 330 -8.69 -44.09 1.64
C ILE A 330 -7.25 -43.96 2.13
N GLY A 331 -6.68 -45.08 2.59
CA GLY A 331 -5.33 -45.12 3.11
C GLY A 331 -4.34 -45.52 2.03
N TRP A 332 -3.03 -45.66 2.42
CA TRP A 332 -2.04 -45.86 1.34
C TRP A 332 -2.20 -47.17 0.53
N GLU A 333 -2.49 -48.28 1.20
CA GLU A 333 -2.68 -49.60 0.52
C GLU A 333 -3.74 -49.48 -0.59
N ASP A 334 -4.94 -49.03 -0.24
CA ASP A 334 -5.95 -48.83 -1.27
C ASP A 334 -5.48 -47.82 -2.31
N THR A 335 -4.70 -46.83 -1.90
CA THR A 335 -4.30 -45.81 -2.87
C THR A 335 -3.38 -46.42 -3.93
N ASP A 336 -2.43 -47.25 -3.50
CA ASP A 336 -1.54 -47.96 -4.43
C ASP A 336 -2.35 -48.83 -5.40
N ALA A 337 -3.28 -49.63 -4.85
CA ALA A 337 -4.12 -50.47 -5.70
C ALA A 337 -4.95 -49.65 -6.68
N LEU A 338 -5.51 -48.53 -6.21
CA LEU A 338 -6.35 -47.70 -7.06
C LEU A 338 -5.54 -47.11 -8.22
N LEU A 339 -4.34 -46.58 -7.92
CA LEU A 339 -3.54 -46.00 -8.99
C LEU A 339 -3.18 -47.07 -10.01
N ARG A 340 -2.75 -48.25 -9.52
CA ARG A 340 -2.43 -49.34 -10.44
C ARG A 340 -3.63 -49.76 -11.28
N GLN A 341 -4.82 -49.77 -10.69
CA GLN A 341 -6.00 -50.09 -11.49
C GLN A 341 -6.20 -49.10 -12.61
N LEU A 342 -6.12 -47.80 -12.30
CA LEU A 342 -6.36 -46.79 -13.33
C LEU A 342 -5.30 -46.88 -14.43
N ALA A 343 -4.03 -47.09 -14.04
CA ALA A 343 -2.97 -47.25 -15.02
C ALA A 343 -3.30 -48.39 -15.97
N ASN A 344 -3.66 -49.56 -15.42
CA ASN A 344 -3.96 -50.69 -16.28
C ASN A 344 -5.16 -50.40 -17.17
N ALA A 345 -6.13 -49.64 -16.66
CA ALA A 345 -7.27 -49.29 -17.51
C ALA A 345 -6.83 -48.39 -18.67
N VAL A 346 -5.95 -47.43 -18.39
CA VAL A 346 -5.47 -46.56 -19.47
C VAL A 346 -4.77 -47.41 -20.52
N LYS A 347 -4.02 -48.43 -20.07
CA LYS A 347 -3.36 -49.32 -21.01
C LYS A 347 -4.38 -50.03 -21.89
N ALA A 348 -5.27 -50.80 -21.32
CA ALA A 348 -6.31 -51.48 -22.13
C ALA A 348 -6.89 -50.53 -23.20
N ARG A 349 -7.23 -49.30 -22.84
CA ARG A 349 -7.89 -48.39 -23.81
C ARG A 349 -6.95 -48.15 -24.99
N ARG A 350 -5.63 -48.18 -24.76
CA ARG A 350 -4.65 -47.87 -25.84
C ARG A 350 -3.99 -49.17 -26.28
N GLY A 351 -4.48 -49.76 -27.37
CA GLY A 351 -3.95 -51.06 -27.76
C GLY A 351 -4.41 -52.14 -26.79
N ASP B 7 4.38 -16.99 -13.77
CA ASP B 7 3.30 -16.31 -13.01
C ASP B 7 2.56 -15.33 -13.92
N ASP B 8 1.27 -15.12 -13.72
CA ASP B 8 0.52 -14.08 -14.45
C ASP B 8 0.62 -14.17 -15.98
N LEU B 9 0.54 -15.36 -16.56
CA LEU B 9 0.50 -15.49 -18.04
C LEU B 9 -0.91 -15.23 -18.59
N ARG B 10 -1.94 -15.22 -17.74
CA ARG B 10 -3.32 -14.93 -18.19
C ARG B 10 -3.75 -13.57 -17.63
N ILE B 11 -2.87 -12.89 -16.90
CA ILE B 11 -3.12 -11.53 -16.47
C ILE B 11 -2.50 -10.62 -17.52
N LYS B 12 -3.33 -9.82 -18.20
CA LYS B 12 -2.84 -9.06 -19.33
C LYS B 12 -2.35 -7.69 -18.92
N GLU B 13 -3.05 -7.04 -17.99
CA GLU B 13 -2.70 -5.69 -17.60
C GLU B 13 -3.13 -5.46 -16.17
N ILE B 14 -2.37 -4.61 -15.49
CA ILE B 14 -2.70 -4.22 -14.10
C ILE B 14 -2.67 -2.69 -14.08
N LYS B 15 -3.76 -2.06 -13.64
CA LYS B 15 -3.88 -0.59 -13.67
C LYS B 15 -4.19 -0.05 -12.28
N GLU B 16 -3.85 1.22 -12.06
CA GLU B 16 -4.05 1.87 -10.75
C GLU B 16 -5.53 1.98 -10.38
N LEU B 17 -5.80 1.84 -9.09
CA LEU B 17 -7.18 1.93 -8.59
C LEU B 17 -7.22 2.89 -7.41
N LEU B 18 -8.06 3.90 -7.49
CA LEU B 18 -8.22 4.81 -6.38
C LEU B 18 -8.61 4.02 -5.15
N PRO B 19 -8.09 4.34 -3.97
CA PRO B 19 -8.52 3.64 -2.76
C PRO B 19 -9.83 4.23 -2.25
N PRO B 20 -10.63 3.48 -1.47
CA PRO B 20 -11.87 4.01 -0.96
C PRO B 20 -11.72 5.39 -0.29
N VAL B 21 -10.62 5.64 0.41
CA VAL B 21 -10.40 6.92 1.13
C VAL B 21 -10.48 8.10 0.16
N ALA B 22 -10.11 7.94 -1.11
CA ALA B 22 -10.13 9.10 -2.02
C ALA B 22 -11.57 9.42 -2.43
N LEU B 23 -12.41 8.40 -2.63
CA LEU B 23 -13.83 8.63 -2.96
C LEU B 23 -14.58 9.10 -1.70
N LEU B 24 -14.21 8.61 -0.54
CA LEU B 24 -14.84 9.10 0.70
C LEU B 24 -14.44 10.58 0.93
N GLU B 25 -13.21 10.95 0.56
CA GLU B 25 -12.82 12.34 0.76
C GLU B 25 -13.41 13.25 -0.31
N LYS B 26 -13.46 12.77 -1.56
CA LYS B 26 -14.03 13.59 -2.61
C LYS B 26 -15.53 13.76 -2.37
N PHE B 27 -16.19 12.71 -1.90
CA PHE B 27 -17.66 12.65 -1.85
C PHE B 27 -18.11 12.31 -0.44
N PRO B 28 -17.83 13.18 0.53
CA PRO B 28 -18.26 12.90 1.91
C PRO B 28 -19.78 12.94 2.03
N ALA B 29 -20.29 12.08 2.91
CA ALA B 29 -21.68 12.09 3.24
C ALA B 29 -22.08 13.44 3.78
N THR B 30 -23.09 14.07 3.19
CA THR B 30 -23.65 15.25 3.83
C THR B 30 -24.38 14.83 5.11
N GLU B 31 -24.76 15.80 5.92
CA GLU B 31 -25.57 15.46 7.11
C GLU B 31 -26.88 14.81 6.66
N ASN B 32 -27.50 15.35 5.61
CA ASN B 32 -28.82 14.84 5.16
C ASN B 32 -28.71 13.38 4.70
N ALA B 33 -27.74 13.07 3.86
CA ALA B 33 -27.50 11.70 3.40
C ALA B 33 -27.29 10.75 4.59
N ALA B 34 -26.52 11.20 5.58
CA ALA B 34 -26.19 10.31 6.72
C ALA B 34 -27.47 10.03 7.51
N ASN B 35 -28.25 11.07 7.73
CA ASN B 35 -29.53 10.91 8.47
C ASN B 35 -30.43 9.96 7.68
N THR B 36 -30.50 10.14 6.37
CA THR B 36 -31.34 9.25 5.54
C THR B 36 -30.90 7.80 5.81
N VAL B 37 -29.61 7.51 5.65
CA VAL B 37 -29.12 6.12 5.82
C VAL B 37 -29.47 5.61 7.23
N ALA B 38 -29.19 6.41 8.24
CA ALA B 38 -29.40 5.92 9.63
C ALA B 38 -30.87 5.63 9.88
N HIS B 39 -31.74 6.54 9.46
CA HIS B 39 -33.19 6.38 9.68
C HIS B 39 -33.66 5.13 8.96
N ALA B 40 -33.19 4.92 7.75
CA ALA B 40 -33.71 3.79 6.96
C ALA B 40 -33.23 2.48 7.58
N ARG B 41 -31.99 2.45 8.06
CA ARG B 41 -31.47 1.22 8.71
C ARG B 41 -32.30 0.93 9.95
N LYS B 42 -32.57 1.96 10.76
CA LYS B 42 -33.38 1.77 11.99
C LYS B 42 -34.80 1.29 11.61
N ALA B 43 -35.39 1.83 10.54
CA ALA B 43 -36.75 1.44 10.13
C ALA B 43 -36.74 -0.03 9.70
N ILE B 44 -35.72 -0.44 8.95
CA ILE B 44 -35.73 -1.84 8.44
C ILE B 44 -35.46 -2.73 9.64
N HIS B 45 -34.57 -2.27 10.52
CA HIS B 45 -34.36 -3.07 11.73
C HIS B 45 -35.67 -3.22 12.50
N LYS B 46 -36.43 -2.12 12.63
CA LYS B 46 -37.69 -2.20 13.36
C LYS B 46 -38.66 -3.15 12.66
N ILE B 47 -38.75 -3.08 11.34
CA ILE B 47 -39.60 -4.01 10.60
C ILE B 47 -39.14 -5.45 10.83
N LEU B 48 -37.82 -5.67 10.88
CA LEU B 48 -37.32 -7.03 11.01
C LEU B 48 -37.50 -7.56 12.43
N LYS B 49 -37.34 -6.69 13.44
CA LYS B 49 -37.66 -7.06 14.83
C LYS B 49 -39.14 -7.38 15.01
N GLY B 50 -39.99 -7.10 14.01
CA GLY B 50 -41.41 -7.27 14.14
C GLY B 50 -42.13 -6.13 14.82
N ASN B 51 -41.44 -5.07 15.22
CA ASN B 51 -42.11 -3.98 15.92
C ASN B 51 -42.64 -2.90 14.99
N ASP B 52 -42.85 -3.22 13.72
CA ASP B 52 -43.43 -2.27 12.79
C ASP B 52 -44.20 -3.04 11.75
N ASP B 53 -45.46 -2.66 11.53
CA ASP B 53 -46.29 -3.39 10.59
C ASP B 53 -46.16 -2.90 9.15
N ARG B 54 -45.34 -1.88 8.88
CA ARG B 54 -45.20 -1.40 7.52
C ARG B 54 -44.40 -2.40 6.66
N LEU B 55 -44.38 -2.15 5.37
CA LEU B 55 -43.72 -3.03 4.40
C LEU B 55 -42.48 -2.33 3.86
N LEU B 56 -41.31 -3.01 3.93
CA LEU B 56 -40.12 -2.57 3.21
C LEU B 56 -40.29 -2.80 1.71
N VAL B 57 -40.15 -1.77 0.90
CA VAL B 57 -40.33 -1.90 -0.55
C VAL B 57 -39.04 -1.46 -1.22
N VAL B 58 -38.31 -2.42 -1.80
CA VAL B 58 -37.08 -2.14 -2.54
C VAL B 58 -37.44 -2.17 -4.01
N ILE B 59 -37.40 -1.01 -4.65
CA ILE B 59 -38.02 -0.82 -5.96
C ILE B 59 -37.16 0.12 -6.80
N GLY B 60 -36.99 -0.22 -8.07
CA GLY B 60 -36.25 0.63 -8.96
C GLY B 60 -35.61 -0.15 -10.09
N PRO B 61 -34.71 0.50 -10.83
CA PRO B 61 -34.18 -0.12 -12.04
C PRO B 61 -33.46 -1.40 -11.71
N CYS B 62 -33.54 -2.33 -12.66
CA CYS B 62 -32.69 -3.51 -12.60
C CYS B 62 -31.24 -3.10 -12.44
N SER B 63 -30.80 -2.12 -13.23
CA SER B 63 -29.42 -1.63 -13.21
C SER B 63 -29.46 -0.14 -13.48
N ILE B 64 -28.58 0.60 -12.81
CA ILE B 64 -28.34 1.99 -13.12
C ILE B 64 -27.39 2.08 -14.31
N HIS B 65 -27.73 2.88 -15.29
CA HIS B 65 -26.76 3.13 -16.35
C HIS B 65 -26.73 4.58 -16.80
N ASP B 66 -27.60 5.41 -16.28
CA ASP B 66 -27.67 6.82 -16.68
C ASP B 66 -28.05 7.59 -15.42
N PRO B 67 -27.10 8.29 -14.80
CA PRO B 67 -27.42 9.04 -13.56
C PRO B 67 -28.55 10.03 -13.72
N VAL B 68 -28.78 10.64 -14.89
CA VAL B 68 -29.81 11.72 -15.02
C VAL B 68 -31.21 11.10 -14.88
N ALA B 69 -31.43 10.02 -15.61
CA ALA B 69 -32.70 9.30 -15.50
C ALA B 69 -32.87 8.76 -14.08
N ALA B 70 -31.78 8.31 -13.46
CA ALA B 70 -31.85 7.74 -12.10
C ALA B 70 -32.35 8.83 -11.16
N LYS B 71 -31.85 10.04 -11.33
CA LYS B 71 -32.23 11.16 -10.42
C LYS B 71 -33.70 11.54 -10.70
N GLU B 72 -34.11 11.54 -11.96
CA GLU B 72 -35.55 11.78 -12.22
C GLU B 72 -36.40 10.72 -11.50
N TYR B 73 -35.99 9.45 -11.60
CA TYR B 73 -36.76 8.35 -11.00
C TYR B 73 -36.80 8.54 -9.48
N ALA B 74 -35.68 8.95 -8.91
CA ALA B 74 -35.61 9.09 -7.45
C ALA B 74 -36.51 10.24 -6.99
N THR B 75 -36.51 11.34 -7.73
CA THR B 75 -37.39 12.48 -7.39
C THR B 75 -38.85 12.02 -7.48
N ARG B 76 -39.17 11.20 -8.48
CA ARG B 76 -40.55 10.66 -8.59
C ARG B 76 -40.82 9.68 -7.44
N LEU B 77 -39.81 8.77 -7.15
CA LEU B 77 -40.06 7.79 -6.10
C LEU B 77 -40.11 8.46 -4.74
N LEU B 78 -39.40 9.57 -4.56
CA LEU B 78 -39.36 10.25 -3.28
C LEU B 78 -40.74 10.80 -2.93
N ALA B 79 -41.40 11.42 -3.92
CA ALA B 79 -42.79 11.82 -3.73
C ALA B 79 -43.62 10.70 -3.11
N LEU B 80 -43.54 9.50 -3.69
CA LEU B 80 -44.40 8.42 -3.21
C LEU B 80 -43.93 7.88 -1.87
N ARG B 81 -42.62 7.79 -1.67
CA ARG B 81 -42.11 7.41 -0.35
C ARG B 81 -42.73 8.30 0.70
N GLU B 82 -42.86 9.59 0.41
CA GLU B 82 -43.43 10.53 1.37
C GLU B 82 -44.93 10.30 1.53
N GLU B 83 -45.65 10.26 0.41
CA GLU B 83 -47.10 10.01 0.43
C GLU B 83 -47.45 8.72 1.17
N LEU B 84 -46.72 7.64 0.92
CA LEU B 84 -47.09 6.33 1.45
C LEU B 84 -46.34 5.96 2.73
N LYS B 85 -45.81 6.96 3.43
CA LYS B 85 -44.97 6.73 4.64
C LYS B 85 -45.59 5.80 5.68
N ASP B 86 -46.90 5.85 5.88
CA ASP B 86 -47.48 5.07 6.97
C ASP B 86 -47.69 3.60 6.62
N GLU B 87 -47.63 3.24 5.33
CA GLU B 87 -47.73 1.84 4.93
C GLU B 87 -46.40 1.25 4.49
N LEU B 88 -45.63 2.00 3.70
CA LEU B 88 -44.44 1.52 3.04
C LEU B 88 -43.20 2.25 3.54
N GLU B 89 -42.12 1.51 3.69
CA GLU B 89 -40.77 2.05 3.82
C GLU B 89 -40.12 1.86 2.47
N ILE B 90 -40.14 2.89 1.63
CA ILE B 90 -39.73 2.73 0.25
C ILE B 90 -38.23 3.01 0.11
N VAL B 91 -37.52 2.05 -0.48
CA VAL B 91 -36.09 2.15 -0.74
C VAL B 91 -35.85 1.93 -2.23
N MET B 92 -35.09 2.84 -2.86
CA MET B 92 -34.81 2.73 -4.29
C MET B 92 -33.66 1.74 -4.61
N ARG B 93 -33.93 0.80 -5.55
CA ARG B 93 -32.85 0.02 -6.16
C ARG B 93 -31.84 0.94 -6.86
N VAL B 94 -30.61 0.92 -6.38
CA VAL B 94 -29.53 1.62 -7.06
C VAL B 94 -28.41 0.63 -7.35
N TYR B 95 -28.63 -0.29 -8.27
CA TYR B 95 -27.71 -1.40 -8.47
C TYR B 95 -26.60 -1.00 -9.45
N PHE B 96 -25.37 -1.01 -8.98
CA PHE B 96 -24.21 -0.70 -9.81
C PHE B 96 -23.47 -1.93 -10.31
N GLU B 97 -23.84 -3.13 -9.84
CA GLU B 97 -23.12 -4.36 -10.14
C GLU B 97 -24.11 -5.44 -10.56
N LYS B 98 -23.85 -6.04 -11.70
CA LYS B 98 -24.80 -7.03 -12.25
C LYS B 98 -24.09 -8.36 -12.46
N PRO B 99 -24.60 -9.47 -11.88
CA PRO B 99 -24.02 -10.80 -12.15
C PRO B 99 -24.59 -11.35 -13.45
N ARG B 100 -23.74 -11.82 -14.34
CA ARG B 100 -24.17 -12.38 -15.61
C ARG B 100 -24.29 -13.90 -15.55
N THR B 101 -25.16 -14.44 -16.40
CA THR B 101 -25.27 -15.89 -16.48
C THR B 101 -24.00 -16.49 -17.04
N THR B 102 -23.39 -15.79 -18.02
CA THR B 102 -22.05 -16.13 -18.50
C THR B 102 -21.23 -14.84 -18.62
N VAL B 103 -21.46 -14.08 -19.70
CA VAL B 103 -20.75 -12.84 -19.98
C VAL B 103 -21.76 -11.73 -20.25
N GLY B 104 -21.28 -10.50 -20.20
CA GLY B 104 -22.12 -9.34 -20.46
C GLY B 104 -21.72 -8.14 -19.61
N TRP B 105 -22.42 -7.02 -19.86
CA TRP B 105 -22.19 -5.79 -19.11
C TRP B 105 -22.42 -6.04 -17.63
N LYS B 106 -21.44 -5.66 -16.80
CA LYS B 106 -21.50 -5.96 -15.37
C LYS B 106 -21.98 -4.78 -14.51
N GLY B 107 -22.45 -3.69 -15.13
CA GLY B 107 -22.99 -2.58 -14.39
C GLY B 107 -22.13 -1.35 -14.55
N LEU B 108 -22.65 -0.25 -13.96
CA LEU B 108 -22.05 1.07 -14.13
C LEU B 108 -20.60 1.12 -13.62
N ILE B 109 -20.33 0.51 -12.46
CA ILE B 109 -19.01 0.61 -11.89
C ILE B 109 -17.99 -0.07 -12.80
N ASN B 110 -18.30 -1.27 -13.25
CA ASN B 110 -17.33 -2.03 -14.03
C ASN B 110 -17.01 -1.34 -15.35
N ASP B 111 -18.03 -0.73 -15.97
CA ASP B 111 -17.90 -0.22 -17.34
C ASP B 111 -18.90 0.93 -17.51
N PRO B 112 -18.60 2.08 -16.94
CA PRO B 112 -19.58 3.17 -16.98
C PRO B 112 -19.93 3.62 -18.39
N HIS B 113 -18.98 3.65 -19.33
CA HIS B 113 -19.29 4.13 -20.67
C HIS B 113 -19.83 3.03 -21.56
N MET B 114 -20.10 1.86 -21.00
CA MET B 114 -20.83 0.78 -21.69
C MET B 114 -20.21 0.40 -23.04
N ASP B 115 -18.89 0.62 -23.15
CA ASP B 115 -18.17 0.42 -24.39
C ASP B 115 -16.96 -0.49 -24.19
N ASN B 116 -16.92 -1.27 -23.10
CA ASN B 116 -15.82 -2.19 -22.83
C ASN B 116 -14.51 -1.43 -22.66
N SER B 117 -14.59 -0.19 -22.18
CA SER B 117 -13.42 0.57 -21.78
C SER B 117 -13.09 0.39 -20.31
N PHE B 118 -14.01 -0.11 -19.50
CA PHE B 118 -13.73 -0.50 -18.14
C PHE B 118 -13.04 0.63 -17.35
N GLN B 119 -13.63 1.82 -17.40
CA GLN B 119 -13.08 2.99 -16.68
C GLN B 119 -13.62 2.99 -15.25
N ILE B 120 -13.03 2.10 -14.43
CA ILE B 120 -13.62 1.80 -13.14
C ILE B 120 -13.40 2.93 -12.15
N ASN B 121 -12.28 3.68 -12.27
CA ASN B 121 -12.13 4.87 -11.43
C ASN B 121 -13.24 5.87 -11.71
N ASP B 122 -13.58 6.06 -12.99
CA ASP B 122 -14.74 6.89 -13.34
C ASP B 122 -16.00 6.31 -12.75
N GLY B 123 -16.18 5.00 -12.93
CA GLY B 123 -17.40 4.36 -12.47
C GLY B 123 -17.62 4.55 -10.98
N LEU B 124 -16.55 4.42 -10.19
CA LEU B 124 -16.66 4.63 -8.76
C LEU B 124 -17.00 6.08 -8.42
N ARG B 125 -16.35 7.04 -9.09
CA ARG B 125 -16.71 8.45 -8.88
C ARG B 125 -18.19 8.69 -9.21
N ILE B 126 -18.64 8.22 -10.39
CA ILE B 126 -20.01 8.42 -10.83
C ILE B 126 -20.96 7.76 -9.85
N ALA B 127 -20.65 6.51 -9.46
CA ALA B 127 -21.58 5.78 -8.61
C ALA B 127 -21.69 6.43 -7.25
N ARG B 128 -20.55 6.85 -6.68
CA ARG B 128 -20.63 7.47 -5.37
C ARG B 128 -21.39 8.76 -5.44
N LYS B 129 -21.12 9.58 -6.45
CA LYS B 129 -21.80 10.90 -6.56
C LYS B 129 -23.32 10.68 -6.68
N LEU B 130 -23.73 9.74 -7.52
CA LEU B 130 -25.15 9.45 -7.66
C LEU B 130 -25.76 9.00 -6.33
N LEU B 131 -25.12 8.05 -5.64
CA LEU B 131 -25.64 7.54 -4.34
C LEU B 131 -25.75 8.68 -3.34
N LEU B 132 -24.75 9.57 -3.31
CA LEU B 132 -24.73 10.69 -2.35
C LEU B 132 -25.90 11.63 -2.65
N ASP B 133 -26.12 11.95 -3.91
CA ASP B 133 -27.18 12.90 -4.20
C ASP B 133 -28.54 12.32 -3.85
N ILE B 134 -28.72 11.03 -4.16
CA ILE B 134 -29.99 10.37 -3.85
C ILE B 134 -30.26 10.41 -2.35
N ASN B 135 -29.34 9.83 -1.57
CA ASN B 135 -29.47 9.87 -0.12
C ASN B 135 -29.65 11.29 0.40
N ASP B 136 -28.98 12.25 -0.23
CA ASP B 136 -29.02 13.61 0.25
C ASP B 136 -30.39 14.23 0.01
N SER B 137 -31.09 13.78 -1.04
CA SER B 137 -32.43 14.29 -1.29
C SER B 137 -33.44 13.72 -0.31
N GLY B 138 -33.07 12.65 0.41
CA GLY B 138 -33.92 12.05 1.41
C GLY B 138 -34.35 10.66 1.06
N LEU B 139 -33.89 10.11 -0.07
CA LEU B 139 -34.34 8.80 -0.53
C LEU B 139 -33.29 7.73 -0.23
N PRO B 140 -33.61 6.73 0.58
CA PRO B 140 -32.65 5.65 0.91
C PRO B 140 -32.39 4.77 -0.31
N ALA B 141 -31.32 3.99 -0.24
CA ALA B 141 -30.90 3.25 -1.42
C ALA B 141 -30.53 1.81 -1.08
N ALA B 142 -30.69 0.94 -2.07
CA ALA B 142 -30.43 -0.48 -1.93
C ALA B 142 -29.51 -0.93 -3.06
N GLY B 143 -28.63 -1.88 -2.76
CA GLY B 143 -27.75 -2.39 -3.79
C GLY B 143 -27.51 -3.88 -3.61
N GLU B 144 -27.04 -4.53 -4.69
CA GLU B 144 -26.48 -5.86 -4.56
C GLU B 144 -24.97 -5.75 -4.33
N PHE B 145 -24.49 -6.42 -3.28
CA PHE B 145 -23.08 -6.56 -3.00
C PHE B 145 -22.55 -7.80 -3.70
N LEU B 146 -21.98 -7.60 -4.88
CA LEU B 146 -21.42 -8.68 -5.66
C LEU B 146 -19.90 -8.70 -5.56
N ASP B 147 -19.27 -7.54 -5.79
CA ASP B 147 -17.82 -7.41 -5.75
C ASP B 147 -17.31 -7.43 -4.33
N MET B 148 -16.22 -8.18 -4.09
CA MET B 148 -15.57 -8.15 -2.77
C MET B 148 -14.83 -6.83 -2.51
N ILE B 149 -14.40 -6.10 -3.52
CA ILE B 149 -13.60 -4.91 -3.25
C ILE B 149 -14.46 -3.64 -3.23
N THR B 150 -15.34 -3.42 -4.23
CA THR B 150 -16.15 -2.20 -4.25
C THR B 150 -16.92 -1.81 -2.99
N PRO B 151 -17.47 -2.73 -2.19
CA PRO B 151 -18.31 -2.29 -1.04
C PRO B 151 -17.78 -1.12 -0.20
N GLN B 152 -16.47 -1.07 0.08
CA GLN B 152 -15.92 0.00 0.90
C GLN B 152 -16.08 1.39 0.25
N TYR B 153 -16.24 1.48 -1.07
CA TYR B 153 -16.49 2.76 -1.70
C TYR B 153 -17.91 3.27 -1.49
N LEU B 154 -18.85 2.41 -1.13
CA LEU B 154 -20.27 2.80 -1.18
C LEU B 154 -21.08 2.44 0.06
N ALA B 155 -20.62 1.49 0.90
CA ALA B 155 -21.54 0.86 1.84
C ALA B 155 -22.10 1.85 2.84
N ASP B 156 -21.34 2.92 3.16
CA ASP B 156 -21.82 3.94 4.09
C ASP B 156 -23.05 4.69 3.57
N LEU B 157 -23.33 4.64 2.27
CA LEU B 157 -24.50 5.26 1.66
C LEU B 157 -25.61 4.24 1.32
N MET B 158 -25.49 3.01 1.81
CA MET B 158 -26.42 1.93 1.49
C MET B 158 -27.28 1.70 2.73
N SER B 159 -28.59 1.65 2.54
CA SER B 159 -29.49 1.40 3.66
C SER B 159 -29.91 -0.06 3.75
N TRP B 160 -29.64 -0.85 2.71
CA TRP B 160 -30.02 -2.25 2.60
C TRP B 160 -29.24 -2.86 1.43
N GLY B 161 -28.87 -4.13 1.57
CA GLY B 161 -28.13 -4.80 0.53
C GLY B 161 -28.66 -6.20 0.26
N ALA B 162 -28.28 -6.70 -0.92
CA ALA B 162 -28.68 -8.04 -1.32
C ALA B 162 -27.45 -8.85 -1.71
N ILE B 163 -27.44 -10.11 -1.30
CA ILE B 163 -26.57 -11.11 -1.92
C ILE B 163 -27.40 -11.86 -2.95
N GLY B 164 -26.92 -11.85 -4.20
CA GLY B 164 -27.72 -12.37 -5.31
C GLY B 164 -27.94 -13.86 -5.14
N ALA B 165 -28.86 -14.39 -5.95
CA ALA B 165 -29.14 -15.82 -5.97
C ALA B 165 -27.87 -16.59 -6.30
N ARG B 166 -27.03 -16.04 -7.18
CA ARG B 166 -25.88 -16.81 -7.68
C ARG B 166 -24.68 -16.74 -6.75
N THR B 167 -24.78 -16.02 -5.64
CA THR B 167 -23.68 -15.89 -4.68
C THR B 167 -24.11 -16.11 -3.24
N THR B 168 -25.39 -16.44 -3.01
CA THR B 168 -25.89 -16.71 -1.66
C THR B 168 -25.13 -17.86 -1.03
N GLU B 169 -24.63 -18.76 -1.84
CA GLU B 169 -23.91 -19.93 -1.39
C GLU B 169 -22.45 -19.64 -1.15
N SER B 170 -22.00 -18.45 -1.54
CA SER B 170 -20.56 -18.09 -1.46
C SER B 170 -20.12 -17.70 -0.04
N GLN B 171 -19.06 -18.35 0.44
CA GLN B 171 -18.54 -18.08 1.79
C GLN B 171 -18.03 -16.65 1.87
N VAL B 172 -17.40 -16.15 0.80
CA VAL B 172 -16.88 -14.80 0.95
C VAL B 172 -18.02 -13.81 1.00
N HIS B 173 -19.15 -14.11 0.34
CA HIS B 173 -20.27 -13.17 0.40
C HIS B 173 -20.95 -13.21 1.76
N ARG B 174 -21.07 -14.42 2.33
CA ARG B 174 -21.60 -14.53 3.68
C ARG B 174 -20.71 -13.77 4.66
N GLU B 175 -19.38 -13.82 4.46
CA GLU B 175 -18.48 -13.09 5.36
C GLU B 175 -18.71 -11.58 5.24
N LEU B 176 -18.72 -11.09 4.00
CA LEU B 176 -19.00 -9.68 3.75
C LEU B 176 -20.28 -9.27 4.47
N ALA B 177 -21.35 -10.10 4.34
CA ALA B 177 -22.63 -9.77 4.98
C ALA B 177 -22.47 -9.67 6.49
N SER B 178 -21.72 -10.59 7.09
CA SER B 178 -21.43 -10.53 8.53
C SER B 178 -20.77 -9.22 8.95
N GLY B 179 -20.13 -8.51 8.03
CA GLY B 179 -19.58 -7.22 8.41
C GLY B 179 -20.23 -5.94 7.93
N LEU B 180 -21.37 -6.00 7.24
CA LEU B 180 -21.99 -4.78 6.72
C LEU B 180 -22.80 -4.05 7.80
N SER B 181 -22.82 -2.71 7.70
CA SER B 181 -23.60 -1.93 8.64
C SER B 181 -25.10 -1.91 8.33
N CYS B 182 -25.53 -2.46 7.21
CA CYS B 182 -26.92 -2.40 6.80
C CYS B 182 -27.51 -3.79 6.84
N PRO B 183 -28.84 -3.91 6.93
CA PRO B 183 -29.49 -5.24 6.78
C PRO B 183 -29.23 -5.81 5.39
N VAL B 184 -29.40 -7.12 5.27
CA VAL B 184 -29.02 -7.84 4.05
C VAL B 184 -30.05 -8.91 3.76
N GLY B 185 -30.59 -8.91 2.55
CA GLY B 185 -31.39 -10.05 2.05
C GLY B 185 -30.56 -11.00 1.21
N PHE B 186 -30.87 -12.30 1.36
CA PHE B 186 -30.17 -13.34 0.56
C PHE B 186 -31.16 -13.95 -0.44
N LYS B 187 -30.87 -13.90 -1.74
CA LYS B 187 -31.80 -14.55 -2.65
C LYS B 187 -31.75 -16.06 -2.44
N ASN B 188 -32.85 -16.69 -2.84
CA ASN B 188 -32.87 -18.17 -2.85
C ASN B 188 -32.09 -18.59 -4.08
N GLY B 189 -31.75 -19.87 -4.17
CA GLY B 189 -30.99 -20.38 -5.31
C GLY B 189 -31.72 -20.27 -6.62
N THR B 190 -30.98 -20.32 -7.72
CA THR B 190 -31.53 -20.20 -9.07
C THR B 190 -32.52 -21.35 -9.35
N ASP B 191 -32.32 -22.49 -8.72
CA ASP B 191 -33.20 -23.66 -8.87
C ASP B 191 -34.41 -23.53 -7.93
N GLY B 192 -34.37 -22.55 -7.03
CA GLY B 192 -35.46 -22.34 -6.08
C GLY B 192 -35.12 -22.88 -4.69
N THR B 193 -33.92 -23.41 -4.53
CA THR B 193 -33.53 -24.04 -3.25
C THR B 193 -33.56 -23.00 -2.13
N ILE B 194 -34.30 -23.29 -1.07
CA ILE B 194 -34.42 -22.39 0.07
C ILE B 194 -33.28 -22.57 1.06
N LYS B 195 -32.79 -23.80 1.24
CA LYS B 195 -31.75 -24.08 2.27
C LYS B 195 -30.52 -23.16 2.15
N VAL B 196 -30.00 -22.95 0.94
CA VAL B 196 -28.76 -22.16 0.79
C VAL B 196 -28.91 -20.82 1.51
N ALA B 197 -30.06 -20.17 1.33
CA ALA B 197 -30.31 -18.85 1.93
C ALA B 197 -30.40 -18.94 3.46
N ILE B 198 -31.02 -20.00 3.98
CA ILE B 198 -31.13 -20.19 5.45
C ILE B 198 -29.71 -20.33 6.02
N ASP B 199 -28.88 -21.09 5.30
CA ASP B 199 -27.48 -21.30 5.73
C ASP B 199 -26.74 -19.95 5.71
N ALA B 200 -26.97 -19.14 4.68
CA ALA B 200 -26.33 -17.81 4.57
C ALA B 200 -26.75 -16.93 5.74
N ILE B 201 -28.04 -16.95 6.07
CA ILE B 201 -28.56 -16.11 7.19
C ILE B 201 -27.85 -16.55 8.47
N ASN B 202 -27.72 -17.85 8.65
CA ASN B 202 -27.09 -18.35 9.89
C ASN B 202 -25.61 -17.94 9.94
N ALA B 203 -24.91 -18.06 8.81
CA ALA B 203 -23.47 -17.70 8.76
C ALA B 203 -23.30 -16.20 8.91
N ALA B 204 -24.16 -15.42 8.27
CA ALA B 204 -23.93 -13.96 8.31
C ALA B 204 -24.14 -13.39 9.70
N GLY B 205 -24.97 -14.04 10.53
CA GLY B 205 -25.16 -13.61 11.90
C GLY B 205 -24.02 -13.99 12.82
N ALA B 206 -23.05 -14.79 12.33
CA ALA B 206 -21.92 -15.20 13.15
C ALA B 206 -20.71 -14.30 12.90
N PRO B 207 -19.83 -14.12 13.89
CA PRO B 207 -18.54 -13.47 13.64
C PRO B 207 -17.64 -14.29 12.70
N HIS B 208 -16.84 -13.57 11.94
CA HIS B 208 -15.91 -14.23 11.00
C HIS B 208 -14.57 -13.52 11.01
N CYS B 209 -13.56 -14.17 10.47
CA CYS B 209 -12.20 -13.67 10.37
C CYS B 209 -11.69 -14.05 8.99
N PHE B 210 -11.34 -13.05 8.18
CA PHE B 210 -11.05 -13.39 6.78
C PHE B 210 -10.22 -12.27 6.14
N LEU B 211 -9.70 -12.58 4.96
CA LEU B 211 -8.91 -11.60 4.23
C LEU B 211 -9.83 -10.69 3.43
N SER B 212 -9.51 -9.40 3.43
CA SER B 212 -10.35 -8.37 2.85
C SER B 212 -9.46 -7.17 2.55
N VAL B 213 -10.04 -6.07 2.09
CA VAL B 213 -9.28 -4.90 1.66
C VAL B 213 -9.78 -3.68 2.45
N THR B 214 -8.86 -2.89 2.95
CA THR B 214 -9.20 -1.70 3.76
C THR B 214 -9.63 -0.50 2.92
N LYS B 215 -9.95 0.59 3.60
CA LYS B 215 -10.35 1.86 2.93
C LYS B 215 -9.10 2.51 2.33
N TRP B 216 -7.92 1.94 2.61
CA TRP B 216 -6.64 2.49 2.09
C TRP B 216 -6.16 1.69 0.87
N GLY B 217 -6.94 0.70 0.45
CA GLY B 217 -6.58 -0.14 -0.69
C GLY B 217 -5.65 -1.29 -0.34
N HIS B 218 -5.50 -1.60 0.95
CA HIS B 218 -4.57 -2.64 1.35
C HIS B 218 -5.30 -3.88 1.83
N SER B 219 -4.78 -5.05 1.45
CA SER B 219 -5.28 -6.28 2.03
C SER B 219 -4.96 -6.34 3.53
N ALA B 220 -5.88 -6.94 4.27
CA ALA B 220 -5.77 -7.03 5.71
C ALA B 220 -6.58 -8.24 6.19
N ILE B 221 -6.33 -8.62 7.43
CA ILE B 221 -7.19 -9.55 8.16
C ILE B 221 -8.27 -8.74 8.87
N VAL B 222 -9.52 -9.12 8.66
CA VAL B 222 -10.68 -8.44 9.23
C VAL B 222 -11.46 -9.42 10.11
N ASN B 223 -11.91 -8.95 11.26
CA ASN B 223 -12.83 -9.68 12.13
C ASN B 223 -14.17 -8.94 12.15
N THR B 224 -15.23 -9.66 11.85
CA THR B 224 -16.57 -9.07 11.85
C THR B 224 -17.34 -9.45 13.11
N SER B 225 -18.40 -8.68 13.39
CA SER B 225 -19.28 -8.97 14.53
C SER B 225 -20.38 -9.98 14.22
N GLY B 226 -20.77 -10.13 12.98
CA GLY B 226 -21.98 -10.85 12.68
C GLY B 226 -23.14 -9.90 12.47
N ASN B 227 -24.03 -10.26 11.56
CA ASN B 227 -25.15 -9.40 11.18
C ASN B 227 -26.46 -10.11 11.49
N GLY B 228 -27.20 -9.61 12.50
CA GLY B 228 -28.48 -10.20 12.82
C GLY B 228 -29.63 -9.76 11.92
N ASP B 229 -29.43 -8.68 11.17
CA ASP B 229 -30.48 -8.11 10.33
C ASP B 229 -30.48 -8.70 8.92
N CYS B 230 -30.36 -10.01 8.78
CA CYS B 230 -30.44 -10.66 7.48
C CYS B 230 -31.75 -11.42 7.33
N HIS B 231 -32.20 -11.58 6.09
CA HIS B 231 -33.47 -12.27 5.84
C HIS B 231 -33.44 -12.89 4.45
N ILE B 232 -34.42 -13.72 4.14
CA ILE B 232 -34.51 -14.41 2.85
C ILE B 232 -35.32 -13.55 1.88
N ILE B 233 -35.05 -13.77 0.60
CA ILE B 233 -35.72 -13.11 -0.49
C ILE B 233 -36.15 -14.21 -1.43
N LEU B 234 -37.47 -14.38 -1.58
CA LEU B 234 -38.00 -15.39 -2.53
C LEU B 234 -38.00 -14.77 -3.92
N ARG B 235 -37.37 -15.44 -4.88
CA ARG B 235 -37.18 -14.83 -6.21
C ARG B 235 -37.47 -15.87 -7.30
N GLY B 236 -37.91 -17.05 -6.90
CA GLY B 236 -38.30 -18.02 -7.90
C GLY B 236 -37.19 -18.99 -8.24
N GLY B 237 -37.59 -20.08 -8.86
CA GLY B 237 -36.67 -21.10 -9.30
C GLY B 237 -37.13 -21.56 -10.66
N LYS B 238 -37.25 -22.88 -10.86
CA LYS B 238 -37.85 -23.39 -12.09
C LYS B 238 -39.25 -22.82 -12.27
N GLU B 239 -39.98 -22.68 -11.17
CA GLU B 239 -41.28 -22.05 -11.15
C GLU B 239 -41.27 -21.00 -10.06
N PRO B 240 -42.26 -20.09 -10.06
CA PRO B 240 -42.29 -19.05 -9.03
C PRO B 240 -42.50 -19.62 -7.63
N ASN B 241 -42.09 -18.86 -6.63
CA ASN B 241 -42.29 -19.30 -5.26
C ASN B 241 -42.84 -18.17 -4.41
N TYR B 242 -43.73 -17.34 -4.97
CA TYR B 242 -44.36 -16.26 -4.20
C TYR B 242 -45.68 -16.65 -3.54
N SER B 243 -46.29 -17.75 -4.00
CA SER B 243 -47.60 -18.23 -3.51
C SER B 243 -47.66 -18.41 -1.99
N ALA B 244 -48.86 -18.39 -1.43
CA ALA B 244 -49.04 -18.63 0.01
C ALA B 244 -48.51 -20.02 0.40
N LYS B 245 -48.61 -21.00 -0.47
CA LYS B 245 -48.09 -22.35 -0.16
C LYS B 245 -46.57 -22.27 0.07
N HIS B 246 -45.89 -21.65 -0.89
CA HIS B 246 -44.43 -21.51 -0.80
C HIS B 246 -44.10 -20.69 0.43
N VAL B 247 -44.90 -19.67 0.71
CA VAL B 247 -44.57 -18.76 1.85
C VAL B 247 -44.67 -19.59 3.13
N ALA B 248 -45.70 -20.42 3.25
CA ALA B 248 -45.89 -21.29 4.43
C ALA B 248 -44.70 -22.25 4.57
N GLU B 249 -44.34 -22.90 3.47
CA GLU B 249 -43.19 -23.82 3.50
C GLU B 249 -41.94 -23.10 4.00
N VAL B 250 -41.68 -21.89 3.51
CA VAL B 250 -40.46 -21.13 3.88
C VAL B 250 -40.53 -20.75 5.36
N LYS B 251 -41.72 -20.37 5.83
CA LYS B 251 -41.89 -20.00 7.26
C LYS B 251 -41.60 -21.22 8.14
N GLU B 252 -42.09 -22.38 7.73
CA GLU B 252 -41.81 -23.62 8.50
C GLU B 252 -40.30 -23.90 8.48
N GLY B 253 -39.64 -23.71 7.33
CA GLY B 253 -38.18 -23.91 7.24
C GLY B 253 -37.44 -22.98 8.18
N LEU B 254 -37.83 -21.72 8.22
CA LEU B 254 -37.16 -20.72 9.09
C LEU B 254 -37.37 -21.12 10.55
N ASN B 255 -38.57 -21.58 10.88
CA ASN B 255 -38.85 -21.95 12.30
C ASN B 255 -37.96 -23.16 12.64
N LYS B 256 -37.94 -24.16 11.76
CA LYS B 256 -37.10 -25.35 11.99
C LYS B 256 -35.67 -24.88 12.21
N ALA B 257 -35.21 -23.91 11.41
CA ALA B 257 -33.84 -23.45 11.54
C ALA B 257 -33.67 -22.44 12.67
N GLY B 258 -34.71 -22.23 13.46
CA GLY B 258 -34.59 -21.31 14.57
C GLY B 258 -34.44 -19.86 14.19
N LEU B 259 -34.91 -19.48 12.99
CA LEU B 259 -34.90 -18.12 12.47
C LEU B 259 -36.30 -17.54 12.47
N PRO B 260 -36.41 -16.21 12.49
CA PRO B 260 -37.74 -15.58 12.43
C PRO B 260 -38.45 -15.94 11.14
N ALA B 261 -39.77 -16.17 11.24
CA ALA B 261 -40.54 -16.62 10.08
C ALA B 261 -40.96 -15.38 9.29
N GLN B 262 -40.02 -14.87 8.52
CA GLN B 262 -40.28 -13.60 7.80
C GLN B 262 -39.70 -13.71 6.41
N VAL B 263 -40.32 -13.04 5.45
CA VAL B 263 -39.86 -13.18 4.04
C VAL B 263 -40.02 -11.88 3.28
N MET B 264 -39.12 -11.67 2.32
CA MET B 264 -39.28 -10.58 1.36
C MET B 264 -39.55 -11.33 0.07
N ILE B 265 -40.42 -10.80 -0.76
CA ILE B 265 -40.77 -11.47 -2.02
C ILE B 265 -40.35 -10.58 -3.17
N ASP B 266 -39.42 -11.09 -3.97
CA ASP B 266 -39.00 -10.42 -5.18
C ASP B 266 -40.05 -10.71 -6.25
N PHE B 267 -40.65 -9.65 -6.80
CA PHE B 267 -41.70 -9.86 -7.79
C PHE B 267 -41.16 -10.15 -9.17
N SER B 268 -39.86 -9.93 -9.41
CA SER B 268 -39.28 -9.99 -10.74
C SER B 268 -38.49 -11.30 -10.92
N HIS B 269 -37.57 -11.31 -11.89
CA HIS B 269 -36.69 -12.46 -12.20
C HIS B 269 -37.55 -13.71 -12.39
N ALA B 270 -37.26 -14.83 -11.72
CA ALA B 270 -37.97 -16.08 -11.97
C ALA B 270 -39.34 -16.14 -11.32
N ASN B 271 -39.71 -15.17 -10.47
CA ASN B 271 -41.09 -15.13 -9.98
C ASN B 271 -42.03 -14.52 -11.02
N SER B 272 -41.51 -13.68 -11.92
CA SER B 272 -42.26 -13.14 -13.04
C SER B 272 -41.96 -13.86 -14.34
N SER B 273 -41.15 -14.92 -14.28
CA SER B 273 -40.74 -15.64 -15.48
C SER B 273 -40.03 -14.71 -16.47
N LYS B 274 -39.29 -13.72 -15.96
CA LYS B 274 -38.54 -12.74 -16.76
C LYS B 274 -39.45 -11.92 -17.70
N GLN B 275 -40.75 -11.88 -17.40
CA GLN B 275 -41.74 -11.06 -18.16
C GLN B 275 -42.20 -9.95 -17.22
N PHE B 276 -41.93 -8.69 -17.55
CA PHE B 276 -42.13 -7.59 -16.57
C PHE B 276 -43.57 -7.44 -16.08
N LYS B 277 -44.55 -7.70 -16.93
CA LYS B 277 -45.97 -7.50 -16.56
C LYS B 277 -46.44 -8.50 -15.49
N LYS B 278 -45.89 -9.71 -15.47
CA LYS B 278 -46.29 -10.69 -14.44
C LYS B 278 -45.99 -10.12 -13.05
N GLN B 279 -45.17 -9.06 -12.98
CA GLN B 279 -44.82 -8.43 -11.69
C GLN B 279 -46.11 -7.90 -11.06
N MET B 280 -46.94 -7.21 -11.83
CA MET B 280 -48.29 -6.77 -11.40
C MET B 280 -49.10 -8.01 -11.07
N ASP B 281 -48.96 -9.06 -11.88
CA ASP B 281 -49.73 -10.26 -11.41
C ASP B 281 -49.31 -10.70 -9.99
N VAL B 282 -48.00 -10.76 -9.72
CA VAL B 282 -47.49 -11.20 -8.39
C VAL B 282 -47.92 -10.19 -7.32
N CYS B 283 -47.96 -8.90 -7.65
CA CYS B 283 -48.39 -7.86 -6.69
C CYS B 283 -49.84 -8.21 -6.28
N ALA B 284 -50.68 -8.43 -7.28
CA ALA B 284 -52.08 -8.82 -6.98
C ALA B 284 -52.07 -10.02 -6.03
N ASP B 285 -51.35 -11.09 -6.39
CA ASP B 285 -51.35 -12.29 -5.52
C ASP B 285 -50.76 -11.99 -4.14
N VAL B 286 -49.62 -11.28 -4.10
CA VAL B 286 -48.98 -10.99 -2.82
C VAL B 286 -49.83 -10.03 -2.01
N CYS B 287 -50.47 -9.05 -2.68
CA CYS B 287 -51.34 -8.13 -1.95
C CYS B 287 -52.45 -8.88 -1.24
N GLN B 288 -52.99 -9.93 -1.89
CA GLN B 288 -54.06 -10.69 -1.26
C GLN B 288 -53.54 -11.33 0.03
N GLN B 289 -52.35 -11.96 -0.04
CA GLN B 289 -51.79 -12.56 1.16
C GLN B 289 -51.66 -11.54 2.27
N ILE B 290 -51.23 -10.33 1.92
CA ILE B 290 -51.01 -9.35 2.97
C ILE B 290 -52.35 -8.86 3.50
N ALA B 291 -53.31 -8.67 2.60
CA ALA B 291 -54.62 -8.16 3.04
C ALA B 291 -55.35 -9.18 3.92
N GLY B 292 -55.05 -10.48 3.77
CA GLY B 292 -55.64 -11.53 4.57
C GLY B 292 -54.97 -11.78 5.90
N GLY B 293 -53.96 -10.98 6.27
CA GLY B 293 -53.35 -11.08 7.58
C GLY B 293 -51.95 -11.66 7.59
N GLU B 294 -51.41 -12.06 6.43
CA GLU B 294 -50.03 -12.55 6.38
C GLU B 294 -49.03 -11.54 6.96
N LYS B 295 -48.46 -11.86 8.10
CA LYS B 295 -47.53 -10.94 8.73
C LYS B 295 -46.09 -11.29 8.40
N ALA B 296 -45.84 -12.49 7.86
CA ALA B 296 -44.48 -12.91 7.57
C ALA B 296 -43.87 -12.15 6.40
N ILE B 297 -44.68 -11.50 5.58
CA ILE B 297 -44.19 -10.75 4.42
C ILE B 297 -43.81 -9.36 4.89
N ILE B 298 -42.52 -9.14 5.12
CA ILE B 298 -42.07 -7.86 5.64
C ILE B 298 -41.54 -6.94 4.54
N GLY B 299 -41.33 -7.47 3.34
CA GLY B 299 -40.85 -6.61 2.28
C GLY B 299 -41.09 -7.24 0.93
N VAL B 300 -40.91 -6.43 -0.10
CA VAL B 300 -40.98 -6.91 -1.48
C VAL B 300 -39.97 -6.12 -2.31
N MET B 301 -39.68 -6.63 -3.49
CA MET B 301 -38.74 -6.00 -4.40
C MET B 301 -39.34 -6.04 -5.78
N VAL B 302 -39.10 -4.98 -6.55
CA VAL B 302 -39.72 -4.77 -7.85
C VAL B 302 -38.74 -4.07 -8.78
N GLU B 303 -38.71 -4.52 -10.01
CA GLU B 303 -37.84 -3.92 -11.01
C GLU B 303 -38.65 -2.92 -11.83
N SER B 304 -38.41 -1.63 -11.56
CA SER B 304 -39.21 -0.52 -12.04
C SER B 304 -38.32 0.56 -12.65
N HIS B 305 -38.83 1.19 -13.72
CA HIS B 305 -38.10 2.25 -14.39
C HIS B 305 -39.09 3.29 -14.93
N LEU B 306 -38.56 4.33 -15.56
CA LEU B 306 -39.40 5.38 -16.12
C LEU B 306 -40.26 4.87 -17.26
N VAL B 307 -39.67 4.09 -18.16
CA VAL B 307 -40.34 3.51 -19.30
C VAL B 307 -40.14 2.00 -19.20
N GLU B 308 -41.19 1.25 -19.50
CA GLU B 308 -41.20 -0.19 -19.29
C GLU B 308 -40.37 -0.91 -20.35
N GLY B 309 -40.15 -2.21 -20.11
CA GLY B 309 -39.45 -3.06 -21.05
C GLY B 309 -37.94 -2.99 -20.93
N ASN B 310 -37.22 -3.20 -22.02
CA ASN B 310 -35.77 -3.15 -21.95
C ASN B 310 -35.24 -3.09 -23.38
N GLN B 311 -33.95 -2.81 -23.49
CA GLN B 311 -33.28 -2.61 -24.79
C GLN B 311 -31.86 -3.15 -24.76
N SER B 312 -31.31 -3.46 -25.92
CA SER B 312 -29.94 -4.02 -26.02
C SER B 312 -28.90 -2.91 -26.15
N LEU B 313 -27.68 -3.19 -25.70
CA LEU B 313 -26.56 -2.22 -25.78
C LEU B 313 -25.71 -2.60 -27.01
N PRO B 318 -26.50 4.92 -29.54
CA PRO B 318 -27.31 5.69 -28.59
C PRO B 318 -28.52 4.89 -28.08
N LEU B 319 -28.87 5.10 -26.82
CA LEU B 319 -29.94 4.29 -26.17
C LEU B 319 -31.22 5.10 -25.95
N ALA B 320 -32.33 4.41 -25.78
CA ALA B 320 -33.61 5.07 -25.49
C ALA B 320 -33.65 5.51 -24.04
N TYR B 321 -34.17 6.69 -23.77
CA TYR B 321 -34.22 7.24 -22.40
C TYR B 321 -35.20 6.47 -21.48
N GLY B 322 -34.87 6.37 -20.19
CA GLY B 322 -35.73 5.72 -19.19
C GLY B 322 -35.94 4.23 -19.33
N LYS B 323 -35.19 3.56 -20.20
CA LYS B 323 -35.43 2.13 -20.45
C LYS B 323 -34.24 1.27 -19.98
N SER B 324 -34.50 0.20 -19.23
CA SER B 324 -33.47 -0.69 -18.71
C SER B 324 -32.64 -1.36 -19.81
N ILE B 325 -31.31 -1.45 -19.61
CA ILE B 325 -30.45 -2.19 -20.53
C ILE B 325 -30.07 -3.55 -19.99
N THR B 326 -30.71 -3.99 -18.90
CA THR B 326 -30.58 -5.37 -18.44
C THR B 326 -31.99 -5.97 -18.47
N ASP B 327 -32.54 -6.41 -17.33
CA ASP B 327 -33.84 -7.08 -17.37
C ASP B 327 -34.95 -6.07 -17.67
N ALA B 328 -36.11 -6.59 -18.10
CA ALA B 328 -37.23 -5.70 -18.38
C ALA B 328 -37.89 -5.26 -17.07
N CYS B 329 -38.27 -3.99 -17.01
CA CYS B 329 -38.89 -3.39 -15.83
C CYS B 329 -40.29 -2.90 -16.15
N ILE B 330 -41.13 -2.80 -15.11
CA ILE B 330 -42.40 -2.10 -15.31
C ILE B 330 -42.13 -0.60 -15.39
N GLY B 331 -43.02 0.13 -16.08
CA GLY B 331 -42.85 1.54 -16.31
C GLY B 331 -43.34 2.35 -15.14
N TRP B 332 -43.23 3.67 -15.27
CA TRP B 332 -43.57 4.50 -14.12
C TRP B 332 -45.05 4.37 -13.76
N GLU B 333 -45.95 4.34 -14.74
CA GLU B 333 -47.38 4.27 -14.45
C GLU B 333 -47.74 3.00 -13.70
N ASP B 334 -47.26 1.86 -14.18
CA ASP B 334 -47.54 0.63 -13.44
C ASP B 334 -46.89 0.67 -12.08
N THR B 335 -45.76 1.37 -11.96
CA THR B 335 -45.10 1.52 -10.67
C THR B 335 -45.99 2.24 -9.67
N ASP B 336 -46.48 3.42 -10.03
CA ASP B 336 -47.37 4.17 -9.15
C ASP B 336 -48.53 3.30 -8.72
N ALA B 337 -49.13 2.58 -9.68
CA ALA B 337 -50.27 1.75 -9.34
C ALA B 337 -49.88 0.62 -8.39
N LEU B 338 -48.71 0.02 -8.60
CA LEU B 338 -48.24 -1.07 -7.76
C LEU B 338 -48.01 -0.59 -6.33
N LEU B 339 -47.30 0.52 -6.18
CA LEU B 339 -47.05 1.03 -4.84
C LEU B 339 -48.37 1.31 -4.13
N ARG B 340 -49.36 1.84 -4.85
CA ARG B 340 -50.64 2.12 -4.17
C ARG B 340 -51.37 0.82 -3.80
N GLN B 341 -51.30 -0.20 -4.67
CA GLN B 341 -51.81 -1.52 -4.30
C GLN B 341 -51.18 -2.03 -3.01
N LEU B 342 -49.85 -1.87 -2.87
CA LEU B 342 -49.20 -2.43 -1.68
C LEU B 342 -49.59 -1.64 -0.44
N ALA B 343 -49.62 -0.32 -0.55
CA ALA B 343 -50.08 0.50 0.57
C ALA B 343 -51.48 0.06 1.01
N ASN B 344 -52.39 -0.17 0.05
CA ASN B 344 -53.74 -0.56 0.45
C ASN B 344 -53.74 -1.91 1.14
N ALA B 345 -52.97 -2.87 0.62
CA ALA B 345 -52.93 -4.17 1.27
C ALA B 345 -52.40 -4.06 2.70
N VAL B 346 -51.43 -3.16 2.92
CA VAL B 346 -50.89 -2.98 4.26
C VAL B 346 -51.96 -2.40 5.17
N LYS B 347 -52.65 -1.36 4.71
CA LYS B 347 -53.80 -0.80 5.43
C LYS B 347 -54.77 -1.89 5.84
N ALA B 348 -55.04 -2.83 4.95
CA ALA B 348 -56.01 -3.88 5.22
C ALA B 348 -55.48 -4.88 6.24
N ARG B 349 -54.22 -5.26 6.10
CA ARG B 349 -53.61 -6.23 7.04
C ARG B 349 -53.84 -5.77 8.49
N ARG B 350 -53.72 -4.47 8.75
CA ARG B 350 -53.84 -4.02 10.16
C ARG B 350 -55.30 -3.72 10.51
N ASP C 8 4.53 15.89 -13.08
CA ASP C 8 5.69 14.97 -12.97
C ASP C 8 6.50 15.03 -14.26
N LEU C 9 6.76 16.24 -14.75
CA LEU C 9 7.55 16.42 -15.99
C LEU C 9 9.01 16.01 -15.80
N ARG C 10 9.56 16.18 -14.59
CA ARG C 10 10.96 15.80 -14.31
C ARG C 10 11.03 14.39 -13.70
N ILE C 11 9.90 13.69 -13.57
CA ILE C 11 9.92 12.29 -13.14
C ILE C 11 9.92 11.40 -14.39
N LYS C 12 11.03 10.70 -14.64
CA LYS C 12 11.10 9.90 -15.87
C LYS C 12 10.40 8.56 -15.71
N GLU C 13 10.56 7.89 -14.57
CA GLU C 13 10.05 6.53 -14.42
C GLU C 13 9.76 6.25 -12.95
N ILE C 14 8.74 5.44 -12.68
CA ILE C 14 8.45 4.98 -11.33
C ILE C 14 8.42 3.46 -11.32
N LYS C 15 9.18 2.84 -10.43
CA LYS C 15 9.27 1.38 -10.44
C LYS C 15 8.97 0.80 -9.05
N GLU C 16 8.55 -0.47 -9.04
CA GLU C 16 8.14 -1.15 -7.83
C GLU C 16 9.30 -1.41 -6.87
N LEU C 17 9.02 -1.22 -5.60
CA LEU C 17 10.01 -1.40 -4.54
C LEU C 17 9.51 -2.43 -3.55
N LEU C 18 10.33 -3.43 -3.27
CA LEU C 18 10.01 -4.40 -2.21
C LEU C 18 9.77 -3.69 -0.89
N PRO C 19 8.68 -3.97 -0.18
CA PRO C 19 8.45 -3.34 1.14
C PRO C 19 9.41 -3.92 2.18
N PRO C 20 9.72 -3.18 3.27
CA PRO C 20 10.58 -3.77 4.30
C PRO C 20 10.17 -5.16 4.74
N VAL C 21 8.87 -5.48 4.89
CA VAL C 21 8.51 -6.80 5.43
C VAL C 21 9.00 -7.88 4.50
N ALA C 22 9.04 -7.62 3.19
CA ALA C 22 9.59 -8.64 2.31
C ALA C 22 11.03 -8.99 2.68
N LEU C 23 11.86 -7.97 2.98
CA LEU C 23 13.26 -8.22 3.31
C LEU C 23 13.40 -8.81 4.70
N LEU C 24 12.56 -8.37 5.64
CA LEU C 24 12.57 -8.95 6.97
C LEU C 24 12.20 -10.44 6.94
N GLU C 25 11.17 -10.81 6.15
CA GLU C 25 10.76 -12.21 6.04
C GLU C 25 11.81 -13.07 5.31
N LYS C 26 12.39 -12.54 4.23
CA LYS C 26 13.37 -13.34 3.51
C LYS C 26 14.64 -13.56 4.35
N PHE C 27 15.07 -12.52 5.05
CA PHE C 27 16.30 -12.56 5.82
C PHE C 27 16.01 -12.18 7.26
N PRO C 28 15.38 -13.08 8.04
CA PRO C 28 15.17 -12.81 9.47
C PRO C 28 16.47 -12.88 10.26
N ALA C 29 16.54 -12.08 11.33
CA ALA C 29 17.65 -12.23 12.25
C ALA C 29 17.69 -13.62 12.84
N THR C 30 18.85 -14.29 12.79
CA THR C 30 19.04 -15.45 13.66
C THR C 30 19.06 -15.01 15.12
N GLU C 31 19.09 -15.99 16.00
CA GLU C 31 19.25 -15.73 17.43
C GLU C 31 20.57 -15.03 17.73
N ASN C 32 21.67 -15.52 17.13
CA ASN C 32 22.98 -14.94 17.36
C ASN C 32 23.08 -13.53 16.78
N ALA C 33 22.54 -13.29 15.58
CA ALA C 33 22.51 -11.93 15.03
C ALA C 33 21.81 -10.97 15.99
N ALA C 34 20.61 -11.37 16.48
CA ALA C 34 19.84 -10.46 17.35
C ALA C 34 20.59 -10.25 18.66
N ASN C 35 21.27 -11.30 19.15
CA ASN C 35 22.09 -11.20 20.37
C ASN C 35 23.24 -10.20 20.15
N THR C 36 23.88 -10.26 18.98
CA THR C 36 25.01 -9.36 18.63
C THR C 36 24.52 -7.91 18.65
N VAL C 37 23.36 -7.66 18.06
CA VAL C 37 22.82 -6.29 18.04
C VAL C 37 22.47 -5.85 19.45
N ALA C 38 21.71 -6.67 20.19
CA ALA C 38 21.30 -6.31 21.55
C ALA C 38 22.50 -6.06 22.47
N HIS C 39 23.51 -6.93 22.43
CA HIS C 39 24.65 -6.71 23.30
C HIS C 39 25.45 -5.49 22.92
N ALA C 40 25.67 -5.26 21.62
CA ALA C 40 26.47 -4.09 21.21
C ALA C 40 25.76 -2.78 21.55
N ARG C 41 24.45 -2.68 21.30
CA ARG C 41 23.70 -1.48 21.73
C ARG C 41 23.76 -1.27 23.23
N LYS C 42 23.59 -2.34 24.04
CA LYS C 42 23.71 -2.20 25.49
C LYS C 42 25.10 -1.72 25.89
N ALA C 43 26.14 -2.25 25.24
CA ALA C 43 27.48 -1.89 25.67
C ALA C 43 27.79 -0.45 25.32
N ILE C 44 27.24 0.04 24.21
CA ILE C 44 27.50 1.42 23.83
C ILE C 44 26.73 2.36 24.74
N HIS C 45 25.49 2.00 25.04
CA HIS C 45 24.71 2.78 25.99
C HIS C 45 25.45 2.89 27.30
N LYS C 46 26.03 1.79 27.76
CA LYS C 46 26.77 1.80 29.01
C LYS C 46 27.97 2.73 28.93
N ILE C 47 28.64 2.77 27.77
CA ILE C 47 29.75 3.72 27.62
C ILE C 47 29.27 5.17 27.68
N LEU C 48 28.15 5.46 27.00
CA LEU C 48 27.65 6.83 26.96
C LEU C 48 27.09 7.28 28.30
N LYS C 49 26.69 6.36 29.16
CA LYS C 49 26.19 6.75 30.45
C LYS C 49 27.32 6.96 31.43
N GLY C 50 28.56 6.72 30.99
CA GLY C 50 29.71 6.82 31.86
C GLY C 50 30.07 5.59 32.66
N ASN C 51 29.40 4.45 32.44
CA ASN C 51 29.57 3.28 33.29
C ASN C 51 30.53 2.22 32.70
N ASP C 52 31.23 2.54 31.62
CA ASP C 52 32.18 1.61 31.05
C ASP C 52 33.33 2.44 30.50
N ASP C 53 34.57 2.06 30.81
CA ASP C 53 35.72 2.87 30.43
C ASP C 53 36.34 2.40 29.11
N ARG C 54 35.69 1.49 28.39
CA ARG C 54 36.23 1.00 27.14
C ARG C 54 35.94 2.00 26.01
N LEU C 55 36.61 1.78 24.87
CA LEU C 55 36.53 2.69 23.74
C LEU C 55 35.64 2.09 22.64
N LEU C 56 34.59 2.80 22.23
CA LEU C 56 33.83 2.35 21.08
C LEU C 56 34.62 2.60 19.80
N VAL C 57 34.78 1.60 18.95
CA VAL C 57 35.63 1.74 17.76
C VAL C 57 34.81 1.35 16.53
N VAL C 58 34.46 2.34 15.71
CA VAL C 58 33.69 2.11 14.49
C VAL C 58 34.67 2.11 13.33
N ILE C 59 34.94 0.96 12.76
CA ILE C 59 36.08 0.88 11.85
C ILE C 59 35.75 -0.07 10.72
N GLY C 60 36.16 0.30 9.53
CA GLY C 60 35.83 -0.52 8.40
C GLY C 60 35.80 0.32 7.15
N PRO C 61 35.32 -0.29 6.05
CA PRO C 61 35.47 0.35 4.74
C PRO C 61 34.72 1.67 4.65
N CYS C 62 35.25 2.56 3.82
CA CYS C 62 34.51 3.78 3.54
C CYS C 62 33.13 3.43 3.02
N SER C 63 33.05 2.47 2.10
CA SER C 63 31.79 1.98 1.59
C SER C 63 31.91 0.48 1.32
N ILE C 64 30.82 -0.25 1.50
CA ILE C 64 30.73 -1.65 1.04
C ILE C 64 30.42 -1.67 -0.45
N HIS C 65 31.23 -2.38 -1.23
CA HIS C 65 30.86 -2.62 -2.61
C HIS C 65 31.00 -4.08 -3.01
N ASP C 66 31.49 -4.94 -2.12
CA ASP C 66 31.70 -6.33 -2.47
C ASP C 66 31.50 -7.21 -1.24
N PRO C 67 30.40 -7.97 -1.18
CA PRO C 67 30.18 -8.85 -0.02
C PRO C 67 31.33 -9.79 0.28
N VAL C 68 32.06 -10.27 -0.73
CA VAL C 68 33.09 -11.26 -0.47
C VAL C 68 34.21 -10.65 0.36
N ALA C 69 34.72 -9.49 -0.09
CA ALA C 69 35.77 -8.81 0.68
C ALA C 69 35.21 -8.28 1.99
N ALA C 70 33.91 -7.92 2.03
CA ALA C 70 33.33 -7.45 3.28
C ALA C 70 33.36 -8.55 4.33
N LYS C 71 33.09 -9.80 3.91
CA LYS C 71 33.05 -10.91 4.88
C LYS C 71 34.46 -11.38 5.29
N GLU C 72 35.42 -11.36 4.35
CA GLU C 72 36.81 -11.59 4.73
C GLU C 72 37.27 -10.54 5.76
N TYR C 73 37.04 -9.26 5.44
CA TYR C 73 37.30 -8.19 6.41
C TYR C 73 36.66 -8.47 7.76
N ALA C 74 35.34 -8.73 7.78
CA ALA C 74 34.63 -9.02 9.03
C ALA C 74 35.30 -10.14 9.83
N THR C 75 35.75 -11.23 9.18
CA THR C 75 36.43 -12.25 9.96
C THR C 75 37.67 -11.69 10.64
N ARG C 76 38.50 -10.97 9.90
CA ARG C 76 39.72 -10.43 10.53
C ARG C 76 39.38 -9.51 11.72
N LEU C 77 38.40 -8.63 11.53
CA LEU C 77 38.06 -7.68 12.58
C LEU C 77 37.44 -8.38 13.77
N LEU C 78 36.60 -9.39 13.51
CA LEU C 78 36.04 -10.16 14.61
C LEU C 78 37.13 -10.77 15.47
N ALA C 79 38.17 -11.33 14.85
CA ALA C 79 39.24 -11.90 15.68
C ALA C 79 39.87 -10.85 16.58
N LEU C 80 40.04 -9.61 16.11
CA LEU C 80 40.59 -8.55 16.99
C LEU C 80 39.58 -8.05 18.02
N ARG C 81 38.29 -8.03 17.70
CA ARG C 81 37.23 -7.60 18.64
C ARG C 81 37.28 -8.55 19.83
N GLU C 82 37.45 -9.83 19.54
CA GLU C 82 37.53 -10.86 20.58
C GLU C 82 38.81 -10.67 21.39
N GLU C 83 39.94 -10.43 20.73
CA GLU C 83 41.19 -10.36 21.48
C GLU C 83 41.32 -9.07 22.29
N LEU C 84 40.71 -7.98 21.85
CA LEU C 84 40.85 -6.68 22.47
C LEU C 84 39.62 -6.23 23.26
N LYS C 85 38.62 -7.10 23.45
CA LYS C 85 37.31 -6.64 23.98
C LYS C 85 37.35 -6.13 25.42
N ASP C 86 38.40 -6.43 26.20
CA ASP C 86 38.53 -5.79 27.50
C ASP C 86 38.78 -4.28 27.38
N GLU C 87 39.25 -3.80 26.22
CA GLU C 87 39.56 -2.39 26.02
C GLU C 87 38.67 -1.71 25.02
N LEU C 88 38.24 -2.42 23.97
CA LEU C 88 37.58 -1.85 22.80
C LEU C 88 36.27 -2.59 22.59
N GLU C 89 35.22 -1.84 22.19
CA GLU C 89 33.93 -2.40 21.73
C GLU C 89 34.04 -2.26 20.20
N ILE C 90 34.44 -3.32 19.44
CA ILE C 90 34.66 -2.98 18.04
C ILE C 90 33.40 -3.22 17.23
N VAL C 91 33.07 -2.27 16.35
CA VAL C 91 31.87 -2.31 15.52
C VAL C 91 32.32 -2.05 14.10
N MET C 92 31.90 -2.87 13.14
CA MET C 92 32.38 -2.68 11.77
C MET C 92 31.57 -1.62 11.03
N ARG C 93 32.27 -0.72 10.31
CA ARG C 93 31.59 0.14 9.33
C ARG C 93 31.00 -0.73 8.22
N VAL C 94 29.69 -0.79 8.11
CA VAL C 94 29.07 -1.52 7.00
C VAL C 94 28.18 -0.49 6.30
N TYR C 95 28.79 0.42 5.53
CA TYR C 95 28.09 1.57 4.98
C TYR C 95 27.54 1.23 3.58
N PHE C 96 26.21 1.30 3.44
CA PHE C 96 25.57 1.01 2.18
C PHE C 96 25.13 2.27 1.42
N GLU C 97 25.29 3.45 2.02
CA GLU C 97 24.81 4.71 1.45
C GLU C 97 25.87 5.78 1.64
N LYS C 98 26.26 6.44 0.53
CA LYS C 98 27.30 7.45 0.58
C LYS C 98 26.74 8.81 0.13
N PRO C 99 26.97 9.89 0.90
CA PRO C 99 26.56 11.22 0.42
C PRO C 99 27.65 11.82 -0.46
N ARG C 100 27.30 12.37 -1.61
CA ARG C 100 28.27 12.94 -2.53
C ARG C 100 28.30 14.47 -2.43
N THR C 101 29.49 15.03 -2.72
CA THR C 101 29.64 16.47 -2.76
C THR C 101 28.79 17.08 -3.86
N THR C 102 28.73 16.41 -5.02
CA THR C 102 27.72 16.76 -6.02
C THR C 102 27.06 15.48 -6.53
N VAL C 103 27.72 14.78 -7.47
CA VAL C 103 27.27 13.52 -8.06
C VAL C 103 28.32 12.42 -7.86
N GLY C 104 27.87 11.17 -7.95
CA GLY C 104 28.75 10.03 -7.80
C GLY C 104 27.97 8.80 -7.40
N TRP C 105 28.68 7.68 -7.34
CA TRP C 105 28.07 6.41 -6.90
C TRP C 105 27.57 6.56 -5.47
N LYS C 106 26.29 6.28 -5.25
CA LYS C 106 25.71 6.52 -3.93
C LYS C 106 25.80 5.32 -3.02
N GLY C 107 26.38 4.21 -3.48
CA GLY C 107 26.62 3.09 -2.60
C GLY C 107 25.92 1.82 -3.07
N LEU C 108 26.03 0.78 -2.23
CA LEU C 108 25.62 -0.54 -2.66
C LEU C 108 24.10 -0.64 -2.86
N ILE C 109 23.31 -0.05 -1.98
CA ILE C 109 21.85 -0.19 -2.11
C ILE C 109 21.35 0.53 -3.36
N ASN C 110 21.78 1.78 -3.54
CA ASN C 110 21.33 2.59 -4.68
C ASN C 110 21.74 2.00 -6.03
N ASP C 111 22.93 1.39 -6.12
CA ASP C 111 23.44 0.91 -7.42
C ASP C 111 24.39 -0.25 -7.22
N PRO C 112 23.88 -1.43 -6.82
CA PRO C 112 24.77 -2.54 -6.42
C PRO C 112 25.64 -3.00 -7.54
N HIS C 113 25.22 -2.87 -8.80
CA HIS C 113 26.12 -3.36 -9.85
C HIS C 113 27.03 -2.26 -10.38
N MET C 114 27.03 -1.09 -9.74
CA MET C 114 28.05 -0.06 -9.93
C MET C 114 28.13 0.40 -11.39
N ASP C 115 27.02 0.27 -12.12
CA ASP C 115 26.96 0.54 -13.56
C ASP C 115 25.77 1.42 -13.88
N ASN C 116 25.27 2.16 -12.90
CA ASN C 116 24.14 3.05 -13.07
C ASN C 116 22.91 2.32 -13.62
N SER C 117 22.76 1.02 -13.25
CA SER C 117 21.50 0.33 -13.47
C SER C 117 20.54 0.45 -12.30
N PHE C 118 21.00 0.93 -11.14
CA PHE C 118 20.11 1.28 -10.02
C PHE C 118 19.14 0.14 -9.66
N GLN C 119 19.66 -1.09 -9.60
CA GLN C 119 18.87 -2.25 -9.23
C GLN C 119 18.68 -2.28 -7.70
N ILE C 120 17.86 -1.35 -7.21
CA ILE C 120 17.79 -1.14 -5.76
C ILE C 120 17.15 -2.34 -5.05
N ASN C 121 16.18 -3.03 -5.67
CA ASN C 121 15.67 -4.24 -5.03
C ASN C 121 16.80 -5.27 -4.81
N ASP C 122 17.64 -5.47 -5.82
CA ASP C 122 18.83 -6.30 -5.64
C ASP C 122 19.70 -5.77 -4.50
N GLY C 123 19.98 -4.45 -4.52
CA GLY C 123 20.86 -3.87 -3.53
C GLY C 123 20.37 -4.08 -2.11
N LEU C 124 19.04 -3.95 -1.88
CA LEU C 124 18.46 -4.23 -0.56
C LEU C 124 18.62 -5.71 -0.19
N ARG C 125 18.44 -6.61 -1.15
CA ARG C 125 18.61 -8.03 -0.81
C ARG C 125 20.06 -8.32 -0.43
N ILE C 126 20.98 -7.80 -1.25
CA ILE C 126 22.42 -7.99 -1.01
C ILE C 126 22.79 -7.39 0.34
N ALA C 127 22.32 -6.18 0.59
CA ALA C 127 22.75 -5.45 1.77
C ALA C 127 22.25 -6.13 3.03
N ARG C 128 20.97 -6.50 3.07
CA ARG C 128 20.48 -7.16 4.26
C ARG C 128 21.14 -8.53 4.47
N LYS C 129 21.26 -9.36 3.43
CA LYS C 129 21.95 -10.66 3.57
C LYS C 129 23.35 -10.45 4.17
N LEU C 130 24.05 -9.43 3.68
CA LEU C 130 25.40 -9.19 4.19
C LEU C 130 25.36 -8.76 5.66
N LEU C 131 24.46 -7.84 5.98
CA LEU C 131 24.33 -7.37 7.37
C LEU C 131 24.03 -8.54 8.29
N LEU C 132 23.15 -9.42 7.82
CA LEU C 132 22.73 -10.56 8.62
C LEU C 132 23.90 -11.51 8.83
N ASP C 133 24.69 -11.77 7.78
CA ASP C 133 25.84 -12.68 7.88
C ASP C 133 26.87 -12.14 8.86
N ILE C 134 27.15 -10.83 8.80
CA ILE C 134 28.15 -10.25 9.67
C ILE C 134 27.69 -10.29 11.12
N ASN C 135 26.46 -9.83 11.39
CA ASN C 135 25.95 -9.93 12.76
C ASN C 135 25.91 -11.40 13.22
N ASP C 136 25.50 -12.32 12.36
CA ASP C 136 25.38 -13.69 12.83
C ASP C 136 26.74 -14.23 13.19
N SER C 137 27.79 -13.76 12.48
CA SER C 137 29.14 -14.21 12.80
C SER C 137 29.59 -13.69 14.16
N GLY C 138 28.87 -12.72 14.75
CA GLY C 138 29.26 -12.16 16.05
C GLY C 138 29.82 -10.73 16.01
N LEU C 139 29.89 -10.09 14.85
CA LEU C 139 30.48 -8.75 14.71
C LEU C 139 29.37 -7.73 14.54
N PRO C 140 29.23 -6.77 15.45
CA PRO C 140 28.20 -5.74 15.26
C PRO C 140 28.59 -4.83 14.11
N ALA C 141 27.58 -4.08 13.60
CA ALA C 141 27.72 -3.26 12.40
C ALA C 141 27.22 -1.85 12.66
N ALA C 142 27.91 -0.88 12.05
CA ALA C 142 27.59 0.54 12.04
C ALA C 142 27.16 0.99 10.65
N GLY C 143 26.29 2.00 10.60
CA GLY C 143 25.88 2.55 9.30
C GLY C 143 25.60 4.05 9.32
N GLU C 144 25.82 4.72 8.19
CA GLU C 144 25.29 6.07 8.04
C GLU C 144 23.83 6.01 7.62
N PHE C 145 22.97 6.67 8.39
CA PHE C 145 21.55 6.76 8.00
C PHE C 145 21.38 8.00 7.14
N LEU C 146 21.42 7.83 5.82
CA LEU C 146 21.26 8.95 4.91
C LEU C 146 19.85 9.01 4.31
N ASP C 147 19.41 7.93 3.70
CA ASP C 147 18.11 7.82 3.08
C ASP C 147 16.99 7.76 4.13
N MET C 148 15.83 8.33 3.83
CA MET C 148 14.71 8.34 4.81
C MET C 148 13.88 7.05 4.72
N ILE C 149 14.05 6.26 3.67
CA ILE C 149 13.23 5.08 3.48
C ILE C 149 14.04 3.84 3.85
N THR C 150 15.25 3.63 3.26
CA THR C 150 16.01 2.43 3.61
C THR C 150 16.13 1.98 5.07
N PRO C 151 16.13 2.87 6.08
CA PRO C 151 16.35 2.39 7.45
C PRO C 151 15.47 1.21 7.87
N GLN C 152 14.16 1.21 7.55
CA GLN C 152 13.28 0.10 7.91
C GLN C 152 13.75 -1.26 7.37
N TYR C 153 14.62 -1.30 6.36
CA TYR C 153 15.13 -2.55 5.84
C TYR C 153 16.31 -3.11 6.63
N LEU C 154 16.94 -2.29 7.46
CA LEU C 154 18.24 -2.61 8.04
C LEU C 154 18.39 -2.29 9.52
N ALA C 155 17.62 -1.34 10.06
CA ALA C 155 17.94 -0.77 11.36
C ALA C 155 18.00 -1.85 12.44
N ASP C 156 17.15 -2.87 12.32
CA ASP C 156 17.19 -3.92 13.34
C ASP C 156 18.53 -4.68 13.35
N LEU C 157 19.38 -4.52 12.34
CA LEU C 157 20.69 -5.19 12.37
C LEU C 157 21.82 -4.21 12.61
N MET C 158 21.50 -2.95 12.97
CA MET C 158 22.47 -1.89 13.17
C MET C 158 22.67 -1.69 14.66
N SER C 159 23.93 -1.73 15.10
CA SER C 159 24.18 -1.46 16.50
C SER C 159 24.49 0.01 16.78
N TRP C 160 24.83 0.79 15.76
CA TRP C 160 25.17 2.18 15.92
C TRP C 160 24.98 2.86 14.57
N GLY C 161 24.49 4.10 14.58
CA GLY C 161 24.31 4.82 13.34
C GLY C 161 24.94 6.20 13.40
N ALA C 162 25.25 6.72 12.23
CA ALA C 162 25.81 8.06 12.08
C ALA C 162 24.90 8.90 11.19
N ILE C 163 24.67 10.15 11.59
CA ILE C 163 24.12 11.18 10.71
C ILE C 163 25.31 11.98 10.20
N GLY C 164 25.47 11.98 8.86
CA GLY C 164 26.65 12.55 8.24
C GLY C 164 26.72 14.06 8.39
N ALA C 165 27.94 14.59 8.20
CA ALA C 165 28.20 16.02 8.31
C ALA C 165 27.23 16.83 7.45
N ARG C 166 26.88 16.30 6.27
CA ARG C 166 26.06 17.08 5.35
C ARG C 166 24.57 17.10 5.74
N THR C 167 24.17 16.28 6.71
CA THR C 167 22.76 16.15 7.08
C THR C 167 22.51 16.32 8.57
N THR C 168 23.54 16.60 9.36
CA THR C 168 23.39 16.80 10.80
C THR C 168 22.38 17.90 11.12
N GLU C 169 22.39 18.96 10.33
CA GLU C 169 21.47 20.07 10.49
C GLU C 169 20.06 19.78 9.98
N SER C 170 19.84 18.63 9.35
CA SER C 170 18.58 18.35 8.65
C SER C 170 17.50 17.86 9.63
N GLN C 171 16.36 18.53 9.69
CA GLN C 171 15.26 18.17 10.65
C GLN C 171 14.75 16.75 10.45
N VAL C 172 14.66 16.28 9.21
CA VAL C 172 14.15 14.91 8.92
C VAL C 172 15.18 13.89 9.41
N HIS C 173 16.45 14.26 9.36
CA HIS C 173 17.44 13.33 9.90
C HIS C 173 17.39 13.30 11.43
N ARG C 174 17.23 14.46 12.06
CA ARG C 174 17.05 14.50 13.51
C ARG C 174 15.81 13.72 13.95
N GLU C 175 14.70 13.83 13.18
CA GLU C 175 13.49 13.06 13.49
C GLU C 175 13.76 11.55 13.38
N LEU C 176 14.36 11.13 12.26
CA LEU C 176 14.81 9.77 12.11
C LEU C 176 15.58 9.29 13.34
N ALA C 177 16.60 10.05 13.74
CA ALA C 177 17.42 9.65 14.89
C ALA C 177 16.58 9.52 16.17
N SER C 178 15.62 10.42 16.36
CA SER C 178 14.79 10.40 17.56
C SER C 178 13.98 9.13 17.67
N GLY C 179 13.75 8.44 16.55
CA GLY C 179 13.08 7.15 16.61
C GLY C 179 13.90 5.91 16.37
N LEU C 180 15.23 6.00 16.30
CA LEU C 180 16.04 4.81 16.02
C LEU C 180 16.31 4.05 17.30
N SER C 181 16.35 2.74 17.18
CA SER C 181 16.59 1.86 18.32
C SER C 181 18.06 1.78 18.72
N CYS C 182 18.99 2.29 17.91
CA CYS C 182 20.41 2.20 18.20
C CYS C 182 20.94 3.56 18.60
N PRO C 183 22.07 3.63 19.30
CA PRO C 183 22.73 4.92 19.52
C PRO C 183 23.10 5.59 18.20
N VAL C 184 23.22 6.91 18.24
CA VAL C 184 23.45 7.70 17.03
C VAL C 184 24.48 8.80 17.29
N GLY C 185 25.49 8.86 16.42
CA GLY C 185 26.47 9.93 16.40
C GLY C 185 26.15 10.91 15.28
N PHE C 186 26.33 12.19 15.59
CA PHE C 186 26.13 13.30 14.67
C PHE C 186 27.49 13.91 14.33
N LYS C 187 27.89 13.87 13.05
CA LYS C 187 29.13 14.54 12.67
C LYS C 187 28.98 16.05 12.85
N ASN C 188 30.09 16.73 13.19
CA ASN C 188 30.05 18.19 13.08
C ASN C 188 29.92 18.58 11.61
N GLY C 189 29.64 19.86 11.37
CA GLY C 189 29.41 20.35 10.01
C GLY C 189 30.68 20.34 9.17
N THR C 190 30.48 20.37 7.83
CA THR C 190 31.61 20.24 6.92
C THR C 190 32.61 21.38 7.01
N ASP C 191 32.21 22.54 7.50
CA ASP C 191 33.13 23.64 7.75
C ASP C 191 33.68 23.62 9.18
N GLY C 192 33.46 22.53 9.93
CA GLY C 192 33.96 22.42 11.28
C GLY C 192 33.01 22.86 12.39
N THR C 193 31.81 23.36 12.07
CA THR C 193 30.92 23.95 13.07
C THR C 193 30.39 22.90 14.05
N ILE C 194 30.51 23.20 15.34
CA ILE C 194 30.17 22.25 16.39
C ILE C 194 28.70 22.35 16.79
N LYS C 195 28.18 23.58 16.76
CA LYS C 195 26.86 23.89 17.30
C LYS C 195 25.77 23.08 16.60
N VAL C 196 25.93 22.77 15.32
CA VAL C 196 24.87 22.05 14.61
C VAL C 196 24.75 20.63 15.13
N ALA C 197 25.88 20.01 15.52
CA ALA C 197 25.77 18.67 16.10
C ALA C 197 25.18 18.73 17.51
N ILE C 198 25.49 19.78 18.27
CA ILE C 198 24.93 19.94 19.61
C ILE C 198 23.42 20.12 19.52
N ASP C 199 22.98 21.03 18.64
CA ASP C 199 21.55 21.17 18.38
C ASP C 199 20.92 19.85 17.93
N ALA C 200 21.59 19.09 17.07
CA ALA C 200 21.03 17.83 16.60
C ALA C 200 20.82 16.86 17.75
N ILE C 201 21.82 16.76 18.62
CA ILE C 201 21.69 15.88 19.78
C ILE C 201 20.45 16.27 20.59
N ASN C 202 20.30 17.57 20.86
CA ASN C 202 19.14 17.99 21.66
C ASN C 202 17.83 17.72 20.94
N ALA C 203 17.77 17.97 19.63
CA ALA C 203 16.56 17.70 18.86
C ALA C 203 16.24 16.21 18.88
N ALA C 204 17.25 15.36 18.74
CA ALA C 204 17.03 13.93 18.60
C ALA C 204 16.60 13.32 19.92
N GLY C 205 17.01 13.93 21.04
CA GLY C 205 16.59 13.43 22.33
C GLY C 205 15.12 13.71 22.61
N ALA C 206 14.48 14.64 21.87
CA ALA C 206 13.07 14.94 22.12
C ALA C 206 12.18 14.04 21.27
N PRO C 207 10.93 13.84 21.67
CA PRO C 207 9.98 13.09 20.82
C PRO C 207 9.49 13.94 19.68
N HIS C 208 9.16 13.28 18.57
CA HIS C 208 8.75 14.00 17.38
C HIS C 208 7.54 13.30 16.79
N CYS C 209 6.85 14.01 15.91
CA CYS C 209 5.72 13.49 15.17
C CYS C 209 5.86 13.95 13.72
N PHE C 210 5.99 13.00 12.80
CA PHE C 210 6.31 13.39 11.42
C PHE C 210 5.91 12.28 10.46
N LEU C 211 5.98 12.58 9.16
CA LEU C 211 5.66 11.60 8.12
C LEU C 211 6.82 10.64 7.86
N SER C 212 6.52 9.35 7.81
CA SER C 212 7.53 8.36 7.48
C SER C 212 6.85 7.22 6.74
N VAL C 213 7.61 6.19 6.43
CA VAL C 213 7.12 5.02 5.73
C VAL C 213 7.18 3.80 6.67
N THR C 214 6.16 2.96 6.62
CA THR C 214 6.11 1.83 7.53
C THR C 214 6.87 0.63 6.99
N LYS C 215 6.89 -0.44 7.78
CA LYS C 215 7.45 -1.71 7.32
C LYS C 215 6.63 -2.31 6.19
N TRP C 216 5.39 -1.84 5.97
CA TRP C 216 4.59 -2.28 4.83
C TRP C 216 4.82 -1.46 3.57
N GLY C 217 5.74 -0.49 3.62
CA GLY C 217 5.98 0.32 2.45
C GLY C 217 4.94 1.39 2.21
N HIS C 218 4.12 1.73 3.22
CA HIS C 218 3.14 2.79 3.14
C HIS C 218 3.55 3.99 3.98
N SER C 219 3.15 5.18 3.53
CA SER C 219 3.43 6.37 4.31
C SER C 219 2.45 6.46 5.47
N ALA C 220 2.92 7.04 6.55
CA ALA C 220 2.18 7.06 7.80
C ALA C 220 2.66 8.26 8.62
N ILE C 221 1.87 8.61 9.62
CA ILE C 221 2.28 9.51 10.69
C ILE C 221 2.92 8.69 11.80
N VAL C 222 4.16 9.04 12.20
CA VAL C 222 4.78 8.32 13.31
C VAL C 222 5.13 9.27 14.45
N ASN C 223 5.03 8.78 15.67
CA ASN C 223 5.50 9.49 16.86
C ASN C 223 6.70 8.75 17.43
N THR C 224 7.72 9.48 17.84
CA THR C 224 8.93 8.88 18.38
C THR C 224 9.05 9.24 19.85
N SER C 225 9.88 8.49 20.56
CA SER C 225 10.07 8.75 21.97
C SER C 225 11.22 9.70 22.24
N GLY C 226 12.08 9.96 21.24
CA GLY C 226 13.35 10.64 21.47
C GLY C 226 14.43 9.65 21.87
N ASN C 227 15.66 9.97 21.51
CA ASN C 227 16.79 9.03 21.60
C ASN C 227 17.83 9.71 22.49
N GLY C 228 18.02 9.17 23.69
CA GLY C 228 19.00 9.76 24.58
C GLY C 228 20.43 9.29 24.35
N ASP C 229 20.64 8.31 23.48
CA ASP C 229 21.96 7.76 23.17
C ASP C 229 22.55 8.44 21.95
N CYS C 230 22.61 9.77 21.96
CA CYS C 230 23.25 10.51 20.88
C CYS C 230 24.49 11.25 21.39
N HIS C 231 25.49 11.36 20.53
CA HIS C 231 26.72 12.07 20.91
C HIS C 231 27.27 12.68 19.64
N ILE C 232 28.34 13.56 19.79
CA ILE C 232 28.96 14.25 18.66
C ILE C 232 30.06 13.36 18.07
N ILE C 233 30.29 13.53 16.77
CA ILE C 233 31.46 12.98 16.10
C ILE C 233 32.31 14.15 15.57
N LEU C 234 33.57 14.16 15.94
CA LEU C 234 34.51 15.20 15.47
C LEU C 234 35.18 14.70 14.17
N ARG C 235 34.92 15.39 13.07
CA ARG C 235 35.39 14.90 11.74
C ARG C 235 36.19 15.96 11.02
N GLY C 236 36.46 17.07 11.70
CA GLY C 236 37.29 18.11 11.12
C GLY C 236 36.48 19.14 10.37
N GLY C 237 37.12 20.24 10.02
CA GLY C 237 36.46 21.26 9.23
C GLY C 237 37.39 21.78 8.17
N LYS C 238 37.57 23.09 8.11
CA LYS C 238 38.62 23.63 7.26
C LYS C 238 39.99 23.14 7.75
N GLU C 239 40.12 22.92 9.05
CA GLU C 239 41.31 22.32 9.64
C GLU C 239 40.87 21.14 10.52
N PRO C 240 41.78 20.21 10.81
CA PRO C 240 41.41 19.10 11.71
C PRO C 240 40.97 19.62 13.07
N ASN C 241 40.10 18.85 13.75
CA ASN C 241 39.62 19.22 15.07
C ASN C 241 39.72 18.06 16.07
N TYR C 242 40.69 17.14 15.89
CA TYR C 242 40.89 16.04 16.82
C TYR C 242 41.77 16.39 18.03
N SER C 243 42.51 17.51 17.99
CA SER C 243 43.55 17.79 18.97
C SER C 243 42.96 18.21 20.33
N ALA C 244 43.76 18.07 21.38
CA ALA C 244 43.31 18.41 22.74
C ALA C 244 42.68 19.81 22.81
N LYS C 245 43.28 20.81 22.16
CA LYS C 245 42.70 22.16 22.14
C LYS C 245 41.22 22.11 21.70
N HIS C 246 40.96 21.38 20.62
CA HIS C 246 39.60 21.27 20.09
C HIS C 246 38.69 20.43 20.97
N VAL C 247 39.20 19.32 21.51
CA VAL C 247 38.40 18.46 22.39
C VAL C 247 37.96 19.25 23.62
N ALA C 248 38.86 20.09 24.15
CA ALA C 248 38.50 20.94 25.27
C ALA C 248 37.39 21.92 24.88
N GLU C 249 37.50 22.51 23.69
CA GLU C 249 36.43 23.44 23.33
C GLU C 249 35.09 22.72 23.25
N VAL C 250 35.06 21.49 22.73
CA VAL C 250 33.77 20.76 22.52
C VAL C 250 33.16 20.30 23.86
N LYS C 251 34.00 19.82 24.77
CA LYS C 251 33.52 19.43 26.11
C LYS C 251 32.84 20.62 26.78
N GLU C 252 33.48 21.80 26.72
CA GLU C 252 32.88 23.04 27.26
C GLU C 252 31.56 23.33 26.53
N GLY C 253 31.57 23.17 25.21
CA GLY C 253 30.34 23.51 24.53
C GLY C 253 29.20 22.55 24.84
N LEU C 254 29.54 21.27 25.02
CA LEU C 254 28.53 20.29 25.39
C LEU C 254 28.02 20.57 26.79
N ASN C 255 28.94 20.82 27.73
CA ASN C 255 28.51 21.12 29.09
C ASN C 255 27.63 22.37 29.11
N LYS C 256 28.00 23.39 28.34
CA LYS C 256 27.24 24.63 28.36
C LYS C 256 25.81 24.40 27.88
N ALA C 257 25.63 23.47 26.94
CA ALA C 257 24.31 23.09 26.47
C ALA C 257 23.67 21.98 27.33
N GLY C 258 24.26 21.64 28.48
CA GLY C 258 23.64 20.69 29.40
C GLY C 258 23.80 19.23 29.03
N LEU C 259 24.77 18.91 28.13
CA LEU C 259 25.09 17.59 27.61
C LEU C 259 26.38 17.06 28.19
N PRO C 260 26.43 15.77 28.50
CA PRO C 260 27.70 15.16 28.94
C PRO C 260 28.81 15.50 27.97
N ALA C 261 30.01 15.75 28.52
CA ALA C 261 31.19 16.08 27.72
C ALA C 261 31.81 14.79 27.19
N GLN C 262 31.30 14.35 26.05
CA GLN C 262 31.75 13.07 25.47
C GLN C 262 31.87 13.23 23.94
N VAL C 263 32.88 12.59 23.37
CA VAL C 263 33.10 12.79 21.93
C VAL C 263 33.57 11.51 21.25
N MET C 264 33.18 11.35 20.00
CA MET C 264 33.78 10.29 19.16
C MET C 264 34.65 11.07 18.19
N ILE C 265 35.86 10.58 17.93
CA ILE C 265 36.77 11.25 16.99
C ILE C 265 36.94 10.39 15.73
N ASP C 266 36.44 10.91 14.61
CA ASP C 266 36.72 10.39 13.28
C ASP C 266 38.17 10.70 12.86
N PHE C 267 38.97 9.67 12.62
CA PHE C 267 40.35 9.90 12.23
C PHE C 267 40.48 10.30 10.76
N SER C 268 39.43 10.17 9.97
CA SER C 268 39.50 10.25 8.52
C SER C 268 38.82 11.54 8.08
N HIS C 269 38.36 11.57 6.82
CA HIS C 269 37.67 12.75 6.22
C HIS C 269 38.46 14.02 6.56
N ALA C 270 37.84 15.08 7.08
CA ALA C 270 38.57 16.35 7.19
C ALA C 270 39.65 16.30 8.28
N ASN C 271 39.57 15.35 9.22
CA ASN C 271 40.57 15.24 10.28
C ASN C 271 41.88 14.63 9.78
N SER C 272 41.86 13.97 8.62
CA SER C 272 43.09 13.51 7.98
C SER C 272 43.43 14.35 6.76
N SER C 273 42.69 15.44 6.48
CA SER C 273 42.79 16.18 5.23
C SER C 273 42.59 15.24 4.04
N LYS C 274 41.70 14.27 4.21
CA LYS C 274 41.42 13.26 3.18
C LYS C 274 42.69 12.45 2.76
N GLN C 275 43.75 12.44 3.58
CA GLN C 275 44.95 11.65 3.29
C GLN C 275 44.94 10.41 4.19
N PHE C 276 44.77 9.24 3.59
CA PHE C 276 44.37 8.10 4.41
C PHE C 276 45.48 7.70 5.41
N LYS C 277 46.75 7.83 5.06
CA LYS C 277 47.86 7.44 5.97
C LYS C 277 47.85 8.31 7.24
N LYS C 278 47.35 9.55 7.14
CA LYS C 278 47.38 10.45 8.29
C LYS C 278 46.47 9.96 9.39
N GLN C 279 45.50 9.08 9.08
CA GLN C 279 44.72 8.51 10.17
C GLN C 279 45.64 7.97 11.27
N MET C 280 46.83 7.45 10.87
CA MET C 280 47.77 6.90 11.85
C MET C 280 48.33 8.00 12.74
N ASP C 281 48.57 9.20 12.17
CA ASP C 281 48.99 10.36 12.96
C ASP C 281 47.87 10.81 13.87
N VAL C 282 46.64 10.85 13.35
CA VAL C 282 45.56 11.18 14.26
C VAL C 282 45.55 10.15 15.37
N CYS C 283 45.77 8.87 15.01
CA CYS C 283 45.74 7.80 16.01
C CYS C 283 46.78 8.06 17.08
N ALA C 284 48.02 8.36 16.67
CA ALA C 284 49.08 8.62 17.63
C ALA C 284 48.67 9.72 18.61
N ASP C 285 48.06 10.80 18.10
CA ASP C 285 47.76 11.93 18.99
C ASP C 285 46.61 11.57 19.94
N VAL C 286 45.59 10.89 19.43
CA VAL C 286 44.43 10.56 20.25
C VAL C 286 44.78 9.51 21.28
N CYS C 287 45.62 8.52 20.89
CA CYS C 287 46.08 7.54 21.87
C CYS C 287 46.78 8.22 23.03
N GLN C 288 47.58 9.26 22.72
CA GLN C 288 48.31 9.93 23.79
C GLN C 288 47.34 10.68 24.69
N GLN C 289 46.29 11.26 24.09
CA GLN C 289 45.23 11.86 24.89
C GLN C 289 44.61 10.81 25.81
N ILE C 290 44.24 9.65 25.24
CA ILE C 290 43.51 8.66 26.04
C ILE C 290 44.41 8.13 27.16
N ALA C 291 45.58 7.59 26.78
CA ALA C 291 46.58 7.17 27.77
C ALA C 291 46.88 8.27 28.79
N GLY C 292 46.84 9.55 28.36
CA GLY C 292 47.14 10.58 29.34
C GLY C 292 46.03 10.83 30.35
N GLY C 293 44.82 10.28 30.11
CA GLY C 293 43.73 10.43 31.05
C GLY C 293 42.44 11.06 30.53
N GLU C 294 42.39 11.34 29.23
CA GLU C 294 41.19 11.97 28.67
C GLU C 294 40.03 10.97 28.66
N LYS C 295 39.06 11.20 29.55
CA LYS C 295 37.88 10.36 29.67
C LYS C 295 36.81 10.72 28.64
N ALA C 296 36.76 11.97 28.16
CA ALA C 296 35.72 12.40 27.25
C ALA C 296 35.71 11.61 25.94
N ILE C 297 36.87 11.08 25.53
CA ILE C 297 36.94 10.38 24.25
C ILE C 297 36.35 9.00 24.46
N ILE C 298 35.08 8.82 24.07
CA ILE C 298 34.41 7.54 24.24
C ILE C 298 34.40 6.72 22.96
N GLY C 299 34.82 7.30 21.84
CA GLY C 299 34.79 6.53 20.60
C GLY C 299 35.77 7.10 19.61
N VAL C 300 36.05 6.29 18.59
CA VAL C 300 36.81 6.74 17.43
C VAL C 300 36.23 6.04 16.20
N MET C 301 36.50 6.63 15.04
CA MET C 301 36.04 6.03 13.79
C MET C 301 37.19 6.09 12.80
N VAL C 302 37.30 5.03 11.97
CA VAL C 302 38.46 4.81 11.12
C VAL C 302 38.04 4.17 9.80
N GLU C 303 38.58 4.70 8.70
CA GLU C 303 38.29 4.13 7.39
C GLU C 303 39.39 3.17 7.02
N SER C 304 39.01 1.89 6.87
CA SER C 304 39.93 0.77 6.90
C SER C 304 39.39 -0.28 5.97
N HIS C 305 40.28 -0.97 5.27
CA HIS C 305 39.92 -2.02 4.32
C HIS C 305 41.05 -3.05 4.31
N LEU C 306 40.86 -4.13 3.54
CA LEU C 306 41.90 -5.15 3.40
C LEU C 306 43.17 -4.58 2.77
N VAL C 307 43.03 -3.87 1.65
CA VAL C 307 44.15 -3.29 0.93
C VAL C 307 44.04 -1.76 0.95
N GLU C 308 45.16 -1.08 1.13
CA GLU C 308 45.11 0.37 1.33
C GLU C 308 44.82 1.13 0.02
N GLY C 309 44.48 2.42 0.18
CA GLY C 309 44.34 3.31 -0.96
C GLY C 309 42.93 3.29 -1.50
N ASN C 310 42.75 3.60 -2.78
CA ASN C 310 41.45 3.47 -3.44
C ASN C 310 41.69 3.35 -4.94
N GLN C 311 40.60 3.32 -5.70
CA GLN C 311 40.60 2.99 -7.11
C GLN C 311 39.32 3.55 -7.70
N SER C 312 39.35 3.77 -9.02
CA SER C 312 38.30 4.48 -9.71
C SER C 312 37.34 3.52 -10.40
N LEU C 313 36.05 3.71 -10.14
CA LEU C 313 34.98 3.07 -10.89
C LEU C 313 34.98 3.52 -12.35
N GLU C 314 35.35 4.77 -12.61
CA GLU C 314 35.13 5.38 -13.91
C GLU C 314 36.06 4.84 -14.99
N SER C 315 37.25 4.36 -14.63
CA SER C 315 38.18 3.86 -15.64
C SER C 315 37.65 2.66 -16.42
N GLY C 316 36.67 1.94 -15.89
CA GLY C 316 36.35 0.69 -16.56
C GLY C 316 37.30 -0.47 -16.30
N GLU C 317 38.41 -0.25 -15.59
CA GLU C 317 39.27 -1.37 -15.21
C GLU C 317 38.54 -2.31 -14.26
N PRO C 318 38.73 -3.62 -14.39
CA PRO C 318 38.24 -4.54 -13.35
C PRO C 318 38.76 -4.10 -12.00
N LEU C 319 37.90 -4.15 -10.98
CA LEU C 319 38.30 -3.65 -9.66
C LEU C 319 39.28 -4.57 -8.97
N ALA C 320 40.25 -4.01 -8.25
CA ALA C 320 41.08 -4.84 -7.38
C ALA C 320 40.29 -5.23 -6.14
N TYR C 321 40.57 -6.43 -5.64
CA TYR C 321 39.91 -7.01 -4.48
C TYR C 321 40.27 -6.26 -3.19
N GLY C 322 39.28 -6.07 -2.32
CA GLY C 322 39.58 -5.55 -0.99
C GLY C 322 40.03 -4.10 -0.94
N LYS C 323 39.69 -3.30 -1.96
CA LYS C 323 40.21 -1.95 -2.14
C LYS C 323 39.03 -1.01 -2.40
N SER C 324 38.96 0.06 -1.63
CA SER C 324 37.85 1.00 -1.69
C SER C 324 37.68 1.59 -3.09
N ILE C 325 36.42 1.81 -3.49
CA ILE C 325 36.11 2.61 -4.68
C ILE C 325 35.61 4.00 -4.30
N THR C 326 35.68 4.37 -3.01
CA THR C 326 35.27 5.68 -2.56
C THR C 326 36.51 6.28 -1.90
N ASP C 327 36.44 6.69 -0.64
CA ASP C 327 37.59 7.32 -0.01
C ASP C 327 38.70 6.31 0.21
N ALA C 328 39.95 6.79 0.19
CA ALA C 328 41.07 5.92 0.47
C ALA C 328 41.08 5.50 1.93
N CYS C 329 41.48 4.26 2.19
CA CYS C 329 41.47 3.64 3.51
C CYS C 329 42.86 3.10 3.84
N ILE C 330 43.14 2.96 5.12
CA ILE C 330 44.32 2.18 5.51
C ILE C 330 44.06 0.71 5.21
N GLY C 331 45.15 -0.02 4.94
CA GLY C 331 45.07 -1.44 4.69
C GLY C 331 45.02 -2.25 5.98
N TRP C 332 45.02 -3.58 5.83
CA TRP C 332 44.80 -4.40 7.00
C TRP C 332 45.95 -4.32 8.00
N GLU C 333 47.21 -4.27 7.54
CA GLU C 333 48.32 -4.32 8.49
C GLU C 333 48.32 -3.08 9.39
N ASP C 334 48.18 -1.89 8.77
CA ASP C 334 47.99 -0.67 9.54
C ASP C 334 46.78 -0.79 10.46
N THR C 335 45.72 -1.42 9.99
CA THR C 335 44.54 -1.51 10.83
C THR C 335 44.81 -2.27 12.11
N ASP C 336 45.48 -3.42 12.00
CA ASP C 336 45.84 -4.21 13.18
C ASP C 336 46.69 -3.39 14.14
N ALA C 337 47.71 -2.70 13.60
CA ALA C 337 48.57 -1.91 14.47
C ALA C 337 47.79 -0.80 15.16
N LEU C 338 46.84 -0.19 14.43
CA LEU C 338 46.03 0.89 14.98
C LEU C 338 45.11 0.39 16.11
N LEU C 339 44.49 -0.77 15.92
CA LEU C 339 43.60 -1.28 16.98
C LEU C 339 44.39 -1.66 18.22
N ARG C 340 45.58 -2.23 18.05
CA ARG C 340 46.42 -2.49 19.21
C ARG C 340 46.86 -1.20 19.89
N GLN C 341 47.18 -0.16 19.12
CA GLN C 341 47.52 1.11 19.77
C GLN C 341 46.37 1.61 20.63
N LEU C 342 45.16 1.61 20.07
CA LEU C 342 44.00 2.09 20.83
C LEU C 342 43.76 1.26 22.08
N ALA C 343 43.82 -0.09 21.95
CA ALA C 343 43.67 -0.94 23.12
C ALA C 343 44.73 -0.63 24.19
N ASN C 344 45.97 -0.43 23.76
CA ASN C 344 47.03 -0.09 24.73
C ASN C 344 46.72 1.25 25.41
N ALA C 345 46.23 2.23 24.63
CA ALA C 345 45.91 3.53 25.22
C ALA C 345 44.81 3.40 26.24
N VAL C 346 43.76 2.61 25.95
CA VAL C 346 42.65 2.47 26.87
C VAL C 346 43.11 1.80 28.15
N LYS C 347 43.91 0.74 28.01
CA LYS C 347 44.49 0.12 29.18
C LYS C 347 45.27 1.12 30.02
N ALA C 348 46.13 1.94 29.39
CA ALA C 348 46.91 2.88 30.19
C ALA C 348 46.03 3.94 30.81
N ARG C 349 44.96 4.34 30.11
CA ARG C 349 44.02 5.30 30.68
C ARG C 349 43.42 4.76 31.97
N ARG C 350 43.17 3.47 32.03
CA ARG C 350 42.54 2.85 33.23
C ARG C 350 43.58 2.70 34.35
N GLY C 351 44.82 2.34 34.00
CA GLY C 351 45.87 2.07 34.99
C GLY C 351 46.15 3.26 35.87
N ASP D 7 12.65 -3.73 15.94
CA ASP D 7 12.88 -3.36 17.35
C ASP D 7 11.84 -2.31 17.75
N ASP D 8 11.82 -1.14 17.10
CA ASP D 8 10.79 -0.10 17.33
C ASP D 8 10.62 0.29 18.82
N LEU D 9 11.71 0.32 19.58
CA LEU D 9 11.66 0.80 20.99
C LEU D 9 11.33 2.29 21.05
N ARG D 10 11.79 3.07 20.08
CA ARG D 10 11.62 4.54 20.14
C ARG D 10 10.48 4.98 19.20
N ILE D 11 9.68 4.04 18.71
CA ILE D 11 8.48 4.41 17.94
C ILE D 11 7.27 4.17 18.84
N LYS D 12 6.61 5.25 19.26
CA LYS D 12 5.49 5.13 20.22
C LYS D 12 4.18 4.82 19.51
N GLU D 13 3.93 5.40 18.34
CA GLU D 13 2.62 5.21 17.69
C GLU D 13 2.68 5.41 16.18
N ILE D 14 1.90 4.63 15.45
CA ILE D 14 1.80 4.80 13.97
C ILE D 14 0.32 5.05 13.66
N LYS D 15 0.01 6.18 13.04
CA LYS D 15 -1.39 6.54 12.75
C LYS D 15 -1.59 6.69 11.24
N GLU D 16 -2.82 6.55 10.78
CA GLU D 16 -3.13 6.57 9.32
C GLU D 16 -2.94 7.94 8.67
N LEU D 17 -2.50 7.93 7.42
CA LEU D 17 -2.25 9.17 6.70
C LEU D 17 -2.96 9.07 5.36
N LEU D 18 -3.77 10.08 5.04
CA LEU D 18 -4.40 10.10 3.73
C LEU D 18 -3.32 10.08 2.66
N PRO D 19 -3.48 9.30 1.60
CA PRO D 19 -2.50 9.33 0.55
C PRO D 19 -2.72 10.55 -0.32
N PRO D 20 -1.69 11.04 -1.01
CA PRO D 20 -1.89 12.20 -1.91
C PRO D 20 -3.10 12.06 -2.85
N VAL D 21 -3.37 10.87 -3.39
CA VAL D 21 -4.50 10.80 -4.38
C VAL D 21 -5.81 11.30 -3.72
N ALA D 22 -6.01 11.04 -2.43
CA ALA D 22 -7.23 11.48 -1.74
C ALA D 22 -7.34 13.03 -1.74
N LEU D 23 -6.29 13.72 -1.33
CA LEU D 23 -6.30 15.20 -1.36
C LEU D 23 -6.43 15.70 -2.81
N LEU D 24 -5.79 15.03 -3.76
CA LEU D 24 -5.86 15.46 -5.18
C LEU D 24 -7.29 15.30 -5.70
N GLU D 25 -8.02 14.28 -5.24
CA GLU D 25 -9.41 14.00 -5.66
C GLU D 25 -10.37 14.97 -4.96
N LYS D 26 -10.12 15.28 -3.70
CA LYS D 26 -11.02 16.20 -2.96
C LYS D 26 -10.76 17.62 -3.43
N PHE D 27 -9.51 17.94 -3.75
CA PHE D 27 -9.14 19.33 -4.10
C PHE D 27 -8.38 19.35 -5.41
N PRO D 28 -9.06 19.02 -6.53
CA PRO D 28 -8.42 18.99 -7.81
C PRO D 28 -8.13 20.42 -8.29
N ALA D 29 -7.09 20.57 -9.09
CA ALA D 29 -6.78 21.89 -9.65
C ALA D 29 -7.84 22.31 -10.66
N THR D 30 -8.42 23.49 -10.45
CA THR D 30 -9.31 24.02 -11.47
C THR D 30 -8.51 24.35 -12.70
N GLU D 31 -9.19 24.62 -13.80
CA GLU D 31 -8.47 25.10 -15.01
C GLU D 31 -7.63 26.33 -14.67
N ASN D 32 -8.22 27.27 -13.94
CA ASN D 32 -7.54 28.56 -13.61
C ASN D 32 -6.28 28.30 -12.78
N ALA D 33 -6.36 27.49 -11.73
CA ALA D 33 -5.19 27.14 -10.90
C ALA D 33 -4.07 26.56 -11.78
N ALA D 34 -4.45 25.64 -12.66
CA ALA D 34 -3.45 24.99 -13.52
C ALA D 34 -2.78 26.02 -14.42
N ASN D 35 -3.58 26.89 -15.04
CA ASN D 35 -3.01 27.92 -15.93
C ASN D 35 -2.05 28.78 -15.11
N THR D 36 -2.46 29.20 -13.91
CA THR D 36 -1.60 30.07 -13.07
C THR D 36 -0.25 29.36 -12.90
N VAL D 37 -0.29 28.12 -12.42
CA VAL D 37 0.99 27.40 -12.16
C VAL D 37 1.82 27.35 -13.45
N ALA D 38 1.22 26.90 -14.53
CA ALA D 38 2.00 26.71 -15.77
C ALA D 38 2.64 28.02 -16.25
N HIS D 39 1.86 29.08 -16.28
CA HIS D 39 2.36 30.37 -16.81
C HIS D 39 3.46 30.90 -15.90
N ALA D 40 3.27 30.79 -14.59
CA ALA D 40 4.27 31.38 -13.68
C ALA D 40 5.58 30.60 -13.82
N ARG D 41 5.47 29.27 -13.93
CA ARG D 41 6.68 28.43 -14.03
C ARG D 41 7.40 28.78 -15.34
N LYS D 42 6.63 29.01 -16.42
CA LYS D 42 7.24 29.33 -17.74
C LYS D 42 7.90 30.71 -17.66
N ALA D 43 7.25 31.66 -17.00
CA ALA D 43 7.78 33.02 -16.83
C ALA D 43 9.08 32.96 -16.03
N ILE D 44 9.10 32.12 -14.99
CA ILE D 44 10.34 32.06 -14.21
C ILE D 44 11.41 31.37 -15.02
N HIS D 45 11.06 30.38 -15.80
CA HIS D 45 12.07 29.72 -16.68
C HIS D 45 12.68 30.76 -17.64
N LYS D 46 11.87 31.65 -18.21
CA LYS D 46 12.36 32.68 -19.16
C LYS D 46 13.27 33.69 -18.45
N ILE D 47 12.91 34.10 -17.23
CA ILE D 47 13.81 34.98 -16.43
C ILE D 47 15.11 34.23 -16.17
N LEU D 48 15.04 32.93 -15.85
CA LEU D 48 16.31 32.25 -15.55
C LEU D 48 17.14 31.98 -16.79
N LYS D 49 16.51 31.74 -17.93
CA LYS D 49 17.25 31.59 -19.17
C LYS D 49 17.76 32.92 -19.70
N GLY D 50 17.38 34.04 -19.07
CA GLY D 50 17.83 35.35 -19.52
C GLY D 50 17.08 35.98 -20.67
N ASN D 51 15.84 35.54 -20.93
CA ASN D 51 15.05 36.09 -22.04
C ASN D 51 13.89 36.93 -21.54
N ASP D 52 13.82 37.16 -20.24
CA ASP D 52 12.90 38.16 -19.71
C ASP D 52 13.66 39.01 -18.71
N ASP D 53 13.50 40.32 -18.79
CA ASP D 53 14.26 41.26 -17.91
C ASP D 53 13.47 41.59 -16.65
N ARG D 54 12.35 40.92 -16.44
CA ARG D 54 11.51 41.19 -15.25
C ARG D 54 12.13 40.53 -14.02
N LEU D 55 11.76 40.97 -12.83
CA LEU D 55 12.31 40.45 -11.57
C LEU D 55 11.31 39.51 -10.90
N LEU D 56 11.77 38.32 -10.48
CA LEU D 56 10.90 37.40 -9.71
C LEU D 56 10.78 37.96 -8.29
N VAL D 57 9.56 38.16 -7.84
CA VAL D 57 9.35 38.65 -6.45
C VAL D 57 8.52 37.64 -5.68
N VAL D 58 9.18 36.91 -4.80
CA VAL D 58 8.49 35.93 -3.92
C VAL D 58 8.26 36.69 -2.62
N ILE D 59 7.00 36.97 -2.31
CA ILE D 59 6.71 37.83 -1.13
C ILE D 59 5.49 37.36 -0.36
N GLY D 60 5.58 37.48 0.95
CA GLY D 60 4.44 37.16 1.78
C GLY D 60 4.88 36.67 3.15
N PRO D 61 3.92 36.14 3.91
CA PRO D 61 4.17 35.84 5.32
C PRO D 61 5.33 34.86 5.52
N CYS D 62 6.01 35.02 6.65
CA CYS D 62 7.04 34.02 7.03
C CYS D 62 6.37 32.66 7.05
N SER D 63 5.19 32.59 7.66
CA SER D 63 4.46 31.33 7.72
C SER D 63 2.98 31.63 7.70
N ILE D 64 2.23 30.72 7.09
CA ILE D 64 0.78 30.77 7.06
C ILE D 64 0.23 30.08 8.31
N HIS D 65 -0.48 30.81 9.15
CA HIS D 65 -1.21 30.18 10.26
C HIS D 65 -2.72 30.42 10.20
N ASP D 66 -3.18 31.30 9.32
CA ASP D 66 -4.60 31.65 9.20
C ASP D 66 -5.00 31.75 7.74
N PRO D 67 -5.74 30.76 7.22
CA PRO D 67 -6.21 30.83 5.82
C PRO D 67 -7.01 32.07 5.50
N VAL D 68 -7.81 32.61 6.44
CA VAL D 68 -8.55 33.84 6.18
C VAL D 68 -7.60 34.99 5.89
N ALA D 69 -6.69 35.26 6.81
CA ALA D 69 -5.68 36.33 6.61
C ALA D 69 -4.84 36.11 5.33
N ALA D 70 -4.51 34.86 5.00
CA ALA D 70 -3.70 34.56 3.81
C ALA D 70 -4.46 34.96 2.54
N LYS D 71 -5.76 34.69 2.51
CA LYS D 71 -6.59 34.98 1.32
C LYS D 71 -6.80 36.49 1.16
N GLU D 72 -6.92 37.21 2.27
CA GLU D 72 -7.00 38.69 2.20
C GLU D 72 -5.67 39.25 1.67
N TYR D 73 -4.53 38.79 2.21
CA TYR D 73 -3.19 39.22 1.70
C TYR D 73 -3.08 38.83 0.24
N ALA D 74 -3.57 37.64 -0.10
CA ALA D 74 -3.49 37.15 -1.49
C ALA D 74 -4.29 38.07 -2.42
N THR D 75 -5.49 38.47 -2.00
CA THR D 75 -6.25 39.43 -2.82
C THR D 75 -5.51 40.79 -2.93
N ARG D 76 -5.03 41.31 -1.81
CA ARG D 76 -4.25 42.56 -1.86
C ARG D 76 -3.04 42.44 -2.80
N LEU D 77 -2.26 41.36 -2.67
CA LEU D 77 -1.08 41.19 -3.50
C LEU D 77 -1.45 41.00 -4.97
N LEU D 78 -2.56 40.31 -5.25
CA LEU D 78 -2.98 40.09 -6.63
C LEU D 78 -3.17 41.44 -7.34
N ALA D 79 -3.74 42.44 -6.64
CA ALA D 79 -3.82 43.78 -7.24
C ALA D 79 -2.44 44.27 -7.68
N LEU D 80 -1.46 44.15 -6.79
CA LEU D 80 -0.13 44.62 -7.11
C LEU D 80 0.52 43.79 -8.21
N ARG D 81 0.21 42.48 -8.28
CA ARG D 81 0.76 41.62 -9.35
C ARG D 81 0.36 42.19 -10.72
N GLU D 82 -0.92 42.33 -10.99
CA GLU D 82 -1.40 42.80 -12.31
C GLU D 82 -0.75 44.15 -12.66
N GLU D 83 -0.83 45.12 -11.76
CA GLU D 83 -0.31 46.49 -11.97
C GLU D 83 1.20 46.52 -12.28
N LEU D 84 2.03 45.70 -11.65
CA LEU D 84 3.49 45.80 -11.84
C LEU D 84 3.98 44.66 -12.74
N LYS D 85 3.05 43.94 -13.36
CA LYS D 85 3.33 42.78 -14.23
C LYS D 85 4.28 43.07 -15.40
N ASP D 86 4.45 44.31 -15.83
CA ASP D 86 5.42 44.51 -16.90
C ASP D 86 6.86 44.53 -16.39
N GLU D 87 7.06 44.77 -15.09
CA GLU D 87 8.37 44.78 -14.44
C GLU D 87 8.60 43.59 -13.53
N LEU D 88 7.54 43.06 -12.88
CA LEU D 88 7.72 42.09 -11.82
C LEU D 88 6.80 40.89 -12.04
N GLU D 89 7.37 39.71 -11.78
CA GLU D 89 6.60 38.47 -11.70
C GLU D 89 6.38 38.20 -10.22
N ILE D 90 5.21 38.62 -9.72
CA ILE D 90 4.92 38.52 -8.26
C ILE D 90 4.33 37.16 -7.89
N VAL D 91 4.95 36.53 -6.90
CA VAL D 91 4.53 35.18 -6.44
C VAL D 91 4.40 35.23 -4.91
N MET D 92 3.28 34.74 -4.40
CA MET D 92 3.03 34.80 -2.94
C MET D 92 3.82 33.75 -2.18
N ARG D 93 4.48 34.18 -1.11
CA ARG D 93 5.13 33.23 -0.20
C ARG D 93 3.99 32.50 0.51
N VAL D 94 3.88 31.20 0.29
CA VAL D 94 2.86 30.37 0.98
C VAL D 94 3.63 29.26 1.69
N TYR D 95 4.35 29.64 2.74
CA TYR D 95 5.12 28.67 3.55
C TYR D 95 4.26 28.28 4.74
N PHE D 96 4.28 26.99 5.12
CA PHE D 96 3.36 26.51 6.19
C PHE D 96 4.03 26.45 7.57
N GLU D 97 5.36 26.53 7.60
CA GLU D 97 6.10 26.38 8.87
C GLU D 97 7.41 27.18 8.87
N LYS D 98 8.01 27.36 10.04
CA LYS D 98 9.35 27.98 10.13
C LYS D 98 10.30 26.89 10.63
N PRO D 99 11.21 26.36 9.77
CA PRO D 99 12.19 25.37 10.22
C PRO D 99 12.80 26.01 11.46
N ARG D 100 12.53 25.47 12.66
CA ARG D 100 12.98 26.11 13.92
C ARG D 100 14.21 25.41 14.48
N THR D 101 15.26 26.16 14.83
CA THR D 101 16.60 25.60 15.22
C THR D 101 16.50 24.24 15.92
N THR D 102 15.65 24.10 16.95
CA THR D 102 15.41 22.79 17.60
C THR D 102 13.96 22.55 18.04
N VAL D 103 13.14 23.57 18.35
CA VAL D 103 11.74 23.28 18.75
C VAL D 103 10.79 24.48 18.61
N GLY D 104 9.45 24.27 18.70
CA GLY D 104 8.44 25.37 18.69
C GLY D 104 7.12 25.02 17.97
N TRP D 105 6.24 25.99 17.70
CA TRP D 105 5.02 25.72 16.88
C TRP D 105 5.48 25.10 15.57
N LYS D 106 4.84 24.02 15.14
CA LYS D 106 5.38 23.28 13.97
C LYS D 106 4.72 23.67 12.65
N GLY D 107 3.76 24.59 12.68
CA GLY D 107 3.19 25.05 11.40
C GLY D 107 1.79 24.57 11.13
N LEU D 108 1.23 24.92 9.97
CA LEU D 108 -0.17 24.62 9.65
C LEU D 108 -0.38 23.13 9.33
N ILE D 109 0.52 22.54 8.54
CA ILE D 109 0.33 21.12 8.16
C ILE D 109 0.44 20.27 9.44
N ASN D 110 1.46 20.53 10.26
CA ASN D 110 1.62 19.73 11.49
C ASN D 110 0.53 20.11 12.48
N ASP D 111 0.42 21.38 12.82
CA ASP D 111 -0.41 21.78 13.93
C ASP D 111 -1.43 22.83 13.55
N PRO D 112 -2.27 22.54 12.56
CA PRO D 112 -3.18 23.58 12.08
C PRO D 112 -3.98 24.21 13.20
N HIS D 113 -4.33 23.45 14.22
CA HIS D 113 -5.14 24.05 15.29
C HIS D 113 -4.28 24.73 16.36
N MET D 114 -2.96 24.59 16.30
CA MET D 114 -2.06 25.36 17.15
C MET D 114 -2.31 25.04 18.63
N ASP D 115 -2.00 23.77 18.96
CA ASP D 115 -2.26 23.23 20.32
C ASP D 115 -1.42 21.97 20.54
N ASN D 116 -0.56 21.60 19.58
CA ASN D 116 0.23 20.38 19.67
C ASN D 116 -0.62 19.11 19.53
N SER D 117 -1.70 19.16 18.78
CA SER D 117 -2.47 17.95 18.57
C SER D 117 -2.05 17.20 17.30
N PHE D 118 -1.13 17.76 16.53
CA PHE D 118 -0.58 17.13 15.34
C PHE D 118 -1.69 16.51 14.48
N GLN D 119 -2.55 17.36 13.95
CA GLN D 119 -3.62 16.90 13.09
C GLN D 119 -3.21 17.03 11.62
N ILE D 120 -2.32 16.12 11.23
CA ILE D 120 -1.63 16.32 9.96
C ILE D 120 -2.57 16.11 8.78
N ASN D 121 -3.51 15.17 8.89
CA ASN D 121 -4.51 15.01 7.83
C ASN D 121 -5.35 16.30 7.68
N ASP D 122 -5.78 16.90 8.80
CA ASP D 122 -6.44 18.21 8.73
C ASP D 122 -5.55 19.20 8.03
N GLY D 123 -4.28 19.25 8.45
CA GLY D 123 -3.39 20.31 8.00
C GLY D 123 -3.13 20.21 6.51
N LEU D 124 -2.97 18.98 6.02
CA LEU D 124 -2.83 18.77 4.60
C LEU D 124 -4.08 19.22 3.84
N ARG D 125 -5.28 18.86 4.33
CA ARG D 125 -6.48 19.36 3.69
C ARG D 125 -6.47 20.89 3.62
N ILE D 126 -6.24 21.53 4.76
CA ILE D 126 -6.30 22.99 4.84
C ILE D 126 -5.27 23.63 3.92
N ALA D 127 -4.07 23.10 3.91
CA ALA D 127 -3.02 23.70 3.10
C ALA D 127 -3.29 23.48 1.61
N ARG D 128 -3.82 22.31 1.21
CA ARG D 128 -4.07 22.15 -0.22
C ARG D 128 -5.23 23.04 -0.65
N LYS D 129 -6.22 23.24 0.23
CA LYS D 129 -7.36 24.07 -0.11
C LYS D 129 -6.93 25.54 -0.26
N LEU D 130 -6.12 26.03 0.69
CA LEU D 130 -5.55 27.36 0.57
C LEU D 130 -4.78 27.53 -0.73
N LEU D 131 -3.84 26.61 -1.01
CA LEU D 131 -3.05 26.72 -2.25
C LEU D 131 -3.93 26.71 -3.49
N LEU D 132 -4.92 25.82 -3.53
CA LEU D 132 -5.88 25.77 -4.63
C LEU D 132 -6.58 27.12 -4.81
N ASP D 133 -7.16 27.66 -3.73
CA ASP D 133 -7.93 28.89 -3.84
C ASP D 133 -7.04 30.03 -4.32
N ILE D 134 -5.79 30.10 -3.83
CA ILE D 134 -4.92 31.19 -4.23
C ILE D 134 -4.57 31.08 -5.72
N ASN D 135 -4.16 29.89 -6.15
CA ASN D 135 -3.85 29.71 -7.58
C ASN D 135 -5.08 29.97 -8.45
N ASP D 136 -6.25 29.59 -7.98
CA ASP D 136 -7.45 29.72 -8.81
C ASP D 136 -7.76 31.18 -9.05
N SER D 137 -7.54 32.04 -8.05
CA SER D 137 -7.75 33.47 -8.22
C SER D 137 -6.76 34.11 -9.18
N GLY D 138 -5.68 33.42 -9.56
CA GLY D 138 -4.69 33.98 -10.49
C GLY D 138 -3.32 34.25 -9.89
N LEU D 139 -3.11 34.04 -8.60
CA LEU D 139 -1.86 34.39 -7.91
C LEU D 139 -0.97 33.17 -7.78
N PRO D 140 0.20 33.11 -8.39
CA PRO D 140 1.07 31.92 -8.19
C PRO D 140 1.58 31.86 -6.75
N ALA D 141 2.09 30.70 -6.38
CA ALA D 141 2.51 30.47 -5.01
C ALA D 141 3.88 29.81 -4.99
N ALA D 142 4.60 30.07 -3.92
CA ALA D 142 5.96 29.61 -3.69
C ALA D 142 5.95 28.88 -2.37
N GLY D 143 6.61 27.73 -2.35
CA GLY D 143 6.67 26.88 -1.18
C GLY D 143 8.10 26.66 -0.71
N GLU D 144 8.23 26.11 0.48
CA GLU D 144 9.51 25.65 0.99
C GLU D 144 9.42 24.14 1.12
N PHE D 145 10.36 23.42 0.51
CA PHE D 145 10.33 21.96 0.53
C PHE D 145 11.19 21.45 1.67
N LEU D 146 10.60 21.17 2.82
CA LEU D 146 11.39 20.68 3.97
C LEU D 146 11.37 19.15 4.02
N ASP D 147 10.27 18.45 3.67
CA ASP D 147 10.12 16.96 3.81
C ASP D 147 10.10 16.26 2.45
N MET D 148 10.24 14.91 2.38
CA MET D 148 10.15 14.40 1.00
C MET D 148 8.78 13.74 0.79
N ILE D 149 7.88 13.97 1.72
CA ILE D 149 6.56 13.39 1.57
C ILE D 149 5.50 14.46 1.32
N THR D 150 5.53 15.53 2.08
CA THR D 150 4.62 16.70 1.87
C THR D 150 4.52 17.11 0.40
N PRO D 151 5.61 17.24 -0.37
CA PRO D 151 5.53 17.78 -1.75
C PRO D 151 4.53 17.04 -2.63
N GLN D 152 4.40 15.73 -2.45
CA GLN D 152 3.44 14.97 -3.23
C GLN D 152 2.02 15.49 -3.08
N TYR D 153 1.68 16.08 -1.94
CA TYR D 153 0.33 16.61 -1.77
C TYR D 153 0.13 18.01 -2.35
N LEU D 154 1.19 18.75 -2.64
CA LEU D 154 1.09 20.19 -2.82
C LEU D 154 1.85 20.72 -4.02
N ALA D 155 2.87 20.01 -4.52
CA ALA D 155 3.80 20.58 -5.48
C ALA D 155 3.14 20.94 -6.80
N ASP D 156 2.02 20.30 -7.15
CA ASP D 156 1.36 20.66 -8.40
C ASP D 156 0.73 22.05 -8.33
N LEU D 157 0.55 22.61 -7.14
CA LEU D 157 0.01 23.98 -7.00
C LEU D 157 1.14 24.97 -6.70
N MET D 158 2.38 24.60 -7.01
CA MET D 158 3.52 25.48 -6.66
C MET D 158 4.32 25.88 -7.91
N SER D 159 4.58 27.18 -8.05
CA SER D 159 5.29 27.70 -9.25
C SER D 159 6.76 27.94 -8.95
N TRP D 160 7.18 27.81 -7.70
CA TRP D 160 8.56 28.03 -7.32
C TRP D 160 8.74 27.50 -5.91
N GLY D 161 9.95 27.03 -5.60
CA GLY D 161 10.21 26.47 -4.28
C GLY D 161 11.62 26.74 -3.80
N ALA D 162 11.73 26.80 -2.49
CA ALA D 162 13.05 26.97 -1.87
C ALA D 162 13.43 25.74 -1.06
N ILE D 163 14.69 25.37 -1.14
CA ILE D 163 15.21 24.30 -0.25
C ILE D 163 15.77 25.06 0.95
N GLY D 164 15.40 24.63 2.14
CA GLY D 164 15.87 25.28 3.38
C GLY D 164 17.37 25.32 3.50
N ALA D 165 17.88 26.37 4.13
CA ALA D 165 19.34 26.58 4.25
C ALA D 165 19.97 25.43 5.05
N ARG D 166 19.20 24.85 5.96
CA ARG D 166 19.71 23.76 6.81
C ARG D 166 19.75 22.45 6.01
N THR D 167 19.24 22.44 4.78
CA THR D 167 19.28 21.21 3.96
C THR D 167 19.85 21.44 2.57
N THR D 168 20.42 22.60 2.28
CA THR D 168 21.05 22.79 0.98
C THR D 168 22.12 21.74 0.70
N GLU D 169 22.85 21.34 1.75
CA GLU D 169 23.93 20.37 1.61
C GLU D 169 23.44 18.94 1.50
N SER D 170 22.15 18.67 1.78
CA SER D 170 21.66 17.32 1.97
C SER D 170 21.36 16.64 0.63
N GLN D 171 21.95 15.47 0.41
CA GLN D 171 21.76 14.76 -0.84
C GLN D 171 20.29 14.42 -1.08
N VAL D 172 19.52 14.13 -0.01
CA VAL D 172 18.16 13.68 -0.27
C VAL D 172 17.31 14.87 -0.68
N HIS D 173 17.64 16.08 -0.21
CA HIS D 173 16.90 17.26 -0.69
C HIS D 173 17.35 17.68 -2.08
N ARG D 174 18.62 17.44 -2.42
CA ARG D 174 19.05 17.67 -3.80
C ARG D 174 18.38 16.69 -4.75
N GLU D 175 18.24 15.41 -4.33
CA GLU D 175 17.48 14.45 -5.11
C GLU D 175 16.07 14.97 -5.36
N LEU D 176 15.38 15.39 -4.29
CA LEU D 176 14.04 15.90 -4.42
C LEU D 176 13.99 17.06 -5.43
N ALA D 177 14.91 18.02 -5.30
CA ALA D 177 14.92 19.15 -6.23
C ALA D 177 15.07 18.67 -7.68
N SER D 178 15.94 17.68 -7.90
CA SER D 178 16.21 17.22 -9.26
C SER D 178 14.96 16.74 -9.97
N GLY D 179 13.88 16.45 -9.21
CA GLY D 179 12.65 15.92 -9.77
C GLY D 179 11.42 16.81 -9.68
N LEU D 180 11.58 18.03 -9.15
CA LEU D 180 10.45 18.92 -8.96
C LEU D 180 10.10 19.60 -10.28
N SER D 181 8.81 19.80 -10.52
CA SER D 181 8.34 20.37 -11.78
C SER D 181 8.47 21.88 -11.82
N CYS D 182 8.73 22.52 -10.67
CA CYS D 182 8.90 23.95 -10.59
C CYS D 182 10.36 24.32 -10.43
N PRO D 183 10.70 25.57 -10.71
CA PRO D 183 12.05 26.04 -10.39
C PRO D 183 12.30 26.01 -8.89
N VAL D 184 13.59 26.03 -8.52
CA VAL D 184 14.01 25.82 -7.13
C VAL D 184 15.21 26.72 -6.78
N GLY D 185 15.13 27.39 -5.63
CA GLY D 185 16.26 28.15 -5.11
C GLY D 185 16.90 27.44 -3.92
N PHE D 186 18.22 27.53 -3.86
CA PHE D 186 19.04 26.98 -2.78
C PHE D 186 19.67 28.13 -2.01
N LYS D 187 19.38 28.21 -0.72
CA LYS D 187 19.97 29.25 0.11
C LYS D 187 21.47 28.98 0.29
N ASN D 188 22.20 30.07 0.49
CA ASN D 188 23.62 29.98 0.86
C ASN D 188 23.69 29.39 2.27
N GLY D 189 24.89 29.14 2.79
CA GLY D 189 25.00 28.38 4.04
C GLY D 189 24.67 29.09 5.34
N THR D 190 25.55 29.99 5.77
CA THR D 190 25.39 30.74 7.04
C THR D 190 26.72 31.43 7.25
N ASP D 191 27.73 30.97 6.54
CA ASP D 191 29.07 31.55 6.72
C ASP D 191 28.97 32.62 5.65
N GLY D 192 27.82 32.61 4.98
CA GLY D 192 27.62 33.53 3.84
C GLY D 192 28.36 33.04 2.64
N THR D 193 28.82 31.78 2.69
CA THR D 193 29.59 31.20 1.54
C THR D 193 28.60 30.55 0.57
N ILE D 194 28.99 30.37 -0.70
CA ILE D 194 28.04 29.89 -1.74
C ILE D 194 28.39 28.48 -2.27
N LYS D 195 29.49 27.89 -1.85
CA LYS D 195 29.94 26.58 -2.43
C LYS D 195 28.92 25.44 -2.26
N VAL D 196 28.30 25.29 -1.11
CA VAL D 196 27.24 24.24 -0.92
C VAL D 196 26.08 24.49 -1.88
N ALA D 197 25.65 25.74 -2.03
CA ALA D 197 24.55 26.06 -2.96
C ALA D 197 24.95 25.77 -4.41
N ILE D 198 26.19 26.08 -4.79
CA ILE D 198 26.68 25.75 -6.17
C ILE D 198 26.65 24.23 -6.36
N ASP D 199 27.12 23.49 -5.36
CA ASP D 199 27.11 22.01 -5.42
C ASP D 199 25.66 21.51 -5.57
N ALA D 200 24.73 22.10 -4.82
CA ALA D 200 23.32 21.71 -4.84
C ALA D 200 22.71 21.95 -6.23
N ILE D 201 23.08 23.08 -6.85
CA ILE D 201 22.54 23.40 -8.21
C ILE D 201 23.12 22.39 -9.22
N ASN D 202 24.40 22.07 -9.08
CA ASN D 202 25.04 21.06 -9.97
C ASN D 202 24.43 19.68 -9.69
N ALA D 203 24.22 19.36 -8.42
CA ALA D 203 23.65 18.06 -8.08
C ALA D 203 22.22 17.96 -8.59
N ALA D 204 21.40 19.00 -8.35
CA ALA D 204 19.99 18.95 -8.73
C ALA D 204 19.81 19.02 -10.24
N GLY D 205 20.82 19.53 -10.96
CA GLY D 205 20.74 19.55 -12.42
C GLY D 205 20.93 18.19 -13.05
N ALA D 206 21.40 17.22 -12.30
CA ALA D 206 21.68 15.91 -12.86
C ALA D 206 20.50 14.98 -12.61
N PRO D 207 20.33 13.95 -13.42
CA PRO D 207 19.32 12.95 -13.10
C PRO D 207 19.74 12.09 -11.90
N HIS D 208 18.74 11.64 -11.14
CA HIS D 208 18.96 10.80 -9.97
C HIS D 208 17.99 9.64 -10.01
N CYS D 209 18.34 8.58 -9.28
CA CYS D 209 17.42 7.48 -8.98
C CYS D 209 17.40 7.28 -7.47
N PHE D 210 16.21 7.24 -6.87
CA PHE D 210 16.14 7.19 -5.40
C PHE D 210 14.74 6.75 -4.99
N LEU D 211 14.59 6.42 -3.71
CA LEU D 211 13.32 5.98 -3.17
C LEU D 211 12.44 7.16 -2.76
N SER D 212 11.15 7.10 -3.11
CA SER D 212 10.26 8.18 -2.75
C SER D 212 8.88 7.59 -2.55
N VAL D 213 7.96 8.35 -1.94
CA VAL D 213 6.57 7.90 -1.80
C VAL D 213 5.74 8.41 -2.97
N THR D 214 4.84 7.57 -3.51
CA THR D 214 4.09 7.97 -4.68
C THR D 214 2.81 8.67 -4.26
N LYS D 215 2.04 9.14 -5.23
CA LYS D 215 0.71 9.75 -4.95
C LYS D 215 -0.23 8.70 -4.33
N TRP D 216 0.12 7.40 -4.42
CA TRP D 216 -0.69 6.37 -3.79
C TRP D 216 -0.30 6.11 -2.35
N GLY D 217 0.71 6.82 -1.83
CA GLY D 217 1.11 6.56 -0.47
C GLY D 217 1.99 5.36 -0.30
N HIS D 218 2.58 4.84 -1.37
CA HIS D 218 3.50 3.71 -1.33
C HIS D 218 4.89 4.15 -1.75
N SER D 219 5.90 3.50 -1.18
CA SER D 219 7.28 3.80 -1.53
C SER D 219 7.60 3.10 -2.84
N ALA D 220 8.48 3.72 -3.63
CA ALA D 220 8.78 3.21 -4.96
C ALA D 220 10.15 3.72 -5.31
N ILE D 221 10.71 3.18 -6.38
CA ILE D 221 11.92 3.71 -6.99
C ILE D 221 11.51 4.73 -8.04
N VAL D 222 12.02 5.97 -7.92
CA VAL D 222 11.80 7.00 -8.93
C VAL D 222 13.12 7.36 -9.61
N ASN D 223 13.04 7.71 -10.89
CA ASN D 223 14.12 8.33 -11.63
C ASN D 223 13.69 9.71 -12.05
N THR D 224 14.60 10.66 -11.99
CA THR D 224 14.35 12.04 -12.32
C THR D 224 15.23 12.49 -13.49
N SER D 225 14.84 13.60 -14.12
CA SER D 225 15.64 14.12 -15.24
C SER D 225 16.70 15.11 -14.81
N GLY D 226 16.64 15.62 -13.59
CA GLY D 226 17.49 16.79 -13.37
C GLY D 226 16.71 18.07 -13.63
N ASN D 227 17.04 19.09 -12.85
CA ASN D 227 16.28 20.33 -12.86
C ASN D 227 17.27 21.45 -13.17
N GLY D 228 17.23 21.91 -14.44
CA GLY D 228 18.10 22.99 -14.83
C GLY D 228 17.68 24.35 -14.33
N ASP D 229 16.47 24.44 -13.76
CA ASP D 229 15.92 25.69 -13.28
C ASP D 229 16.20 25.90 -11.80
N CYS D 230 17.44 25.68 -11.37
CA CYS D 230 17.83 25.99 -10.00
C CYS D 230 18.77 27.20 -9.96
N HIS D 231 18.71 27.96 -8.87
CA HIS D 231 19.54 29.15 -8.70
C HIS D 231 19.83 29.35 -7.22
N ILE D 232 20.68 30.29 -6.94
CA ILE D 232 21.14 30.58 -5.58
C ILE D 232 20.19 31.59 -4.96
N ILE D 233 20.03 31.50 -3.65
CA ILE D 233 19.39 32.56 -2.88
C ILE D 233 20.42 33.08 -1.91
N LEU D 234 20.64 34.40 -1.93
CA LEU D 234 21.61 34.99 -1.02
C LEU D 234 20.85 35.47 0.21
N ARG D 235 21.17 34.90 1.37
CA ARG D 235 20.37 35.18 2.59
C ARG D 235 21.28 35.61 3.73
N GLY D 236 22.57 35.72 3.46
CA GLY D 236 23.52 36.19 4.47
C GLY D 236 24.03 35.11 5.39
N GLY D 237 24.86 35.50 6.34
CA GLY D 237 25.30 34.54 7.37
C GLY D 237 25.54 35.30 8.64
N LYS D 238 26.77 35.25 9.14
CA LYS D 238 27.15 36.06 10.32
C LYS D 238 27.16 37.50 9.83
N GLU D 239 27.09 37.71 8.51
CA GLU D 239 27.02 39.08 7.95
C GLU D 239 26.09 39.11 6.73
N PRO D 240 25.50 40.27 6.40
CA PRO D 240 24.66 40.40 5.21
C PRO D 240 25.46 40.27 3.91
N ASN D 241 24.93 39.49 2.96
CA ASN D 241 25.57 39.32 1.64
C ASN D 241 24.66 39.87 0.55
N TYR D 242 24.25 41.14 0.63
CA TYR D 242 23.44 41.65 -0.46
C TYR D 242 24.07 42.79 -1.27
N SER D 243 25.16 43.35 -0.76
CA SER D 243 25.91 44.43 -1.45
C SER D 243 26.35 44.03 -2.87
N ALA D 244 26.67 45.03 -3.68
CA ALA D 244 27.17 44.77 -5.04
C ALA D 244 28.50 44.03 -4.98
N LYS D 245 29.31 44.25 -3.95
CA LYS D 245 30.57 43.51 -3.80
C LYS D 245 30.28 42.02 -3.66
N HIS D 246 29.39 41.68 -2.73
CA HIS D 246 28.98 40.27 -2.53
C HIS D 246 28.37 39.71 -3.82
N VAL D 247 27.59 40.51 -4.54
CA VAL D 247 26.92 39.98 -5.76
C VAL D 247 28.03 39.64 -6.76
N ALA D 248 29.01 40.51 -6.89
CA ALA D 248 30.14 40.32 -7.83
C ALA D 248 30.92 39.06 -7.47
N GLU D 249 31.20 38.88 -6.19
CA GLU D 249 31.92 37.64 -5.77
C GLU D 249 31.09 36.41 -6.15
N VAL D 250 29.79 36.42 -5.86
CA VAL D 250 28.92 35.25 -6.15
C VAL D 250 28.92 35.00 -7.65
N LYS D 251 28.86 36.07 -8.44
CA LYS D 251 28.83 35.94 -9.92
C LYS D 251 30.12 35.30 -10.41
N GLU D 252 31.30 35.76 -9.97
CA GLU D 252 32.57 35.13 -10.37
C GLU D 252 32.59 33.66 -9.94
N GLY D 253 32.07 33.36 -8.75
CA GLY D 253 32.01 31.96 -8.29
C GLY D 253 31.16 31.08 -9.18
N LEU D 254 29.99 31.58 -9.60
CA LEU D 254 29.08 30.81 -10.47
C LEU D 254 29.72 30.65 -11.85
N ASN D 255 30.36 31.70 -12.37
CA ASN D 255 31.01 31.67 -13.70
C ASN D 255 32.18 30.70 -13.60
N LYS D 256 32.99 30.86 -12.56
CA LYS D 256 34.05 29.87 -12.36
C LYS D 256 33.49 28.44 -12.35
N ALA D 257 32.33 28.23 -11.72
CA ALA D 257 31.74 26.88 -11.72
C ALA D 257 30.94 26.58 -12.97
N GLY D 258 31.00 27.41 -14.01
CA GLY D 258 30.20 27.21 -15.20
C GLY D 258 28.70 27.31 -15.00
N LEU D 259 28.24 28.11 -14.05
CA LEU D 259 26.81 28.26 -13.91
C LEU D 259 26.39 29.67 -14.31
N PRO D 260 25.15 29.85 -14.77
CA PRO D 260 24.64 31.21 -15.04
C PRO D 260 24.86 32.12 -13.84
N ALA D 261 25.36 33.34 -14.11
CA ALA D 261 25.70 34.29 -13.03
C ALA D 261 24.46 35.13 -12.69
N GLN D 262 23.59 34.53 -11.89
CA GLN D 262 22.36 35.16 -11.45
C GLN D 262 22.02 34.73 -10.03
N VAL D 263 21.37 35.63 -9.30
CA VAL D 263 21.11 35.45 -7.88
C VAL D 263 19.71 35.95 -7.55
N MET D 264 19.14 35.38 -6.49
CA MET D 264 17.98 35.90 -5.78
C MET D 264 18.49 36.42 -4.45
N ILE D 265 17.99 37.57 -4.01
CA ILE D 265 18.43 38.18 -2.76
C ILE D 265 17.24 38.14 -1.81
N ASP D 266 17.45 37.54 -0.65
CA ASP D 266 16.45 37.47 0.39
C ASP D 266 16.65 38.68 1.30
N PHE D 267 15.68 39.56 1.42
CA PHE D 267 15.86 40.82 2.18
C PHE D 267 15.81 40.60 3.68
N SER D 268 15.29 39.46 4.11
CA SER D 268 15.08 39.25 5.56
C SER D 268 16.15 38.36 6.19
N HIS D 269 15.81 37.76 7.32
CA HIS D 269 16.70 36.80 8.05
C HIS D 269 18.04 37.43 8.40
N ALA D 270 19.13 36.73 8.08
CA ALA D 270 20.48 37.21 8.43
C ALA D 270 20.79 38.45 7.61
N ASN D 271 20.22 38.55 6.40
CA ASN D 271 20.38 39.81 5.64
C ASN D 271 19.60 40.84 6.45
N SER D 272 18.81 40.46 7.46
CA SER D 272 18.01 41.48 8.18
C SER D 272 18.64 41.81 9.53
N GLN D 275 15.55 42.27 12.19
CA GLN D 275 14.90 43.60 12.10
C GLN D 275 14.08 43.66 10.81
N PHE D 276 12.75 43.54 10.91
CA PHE D 276 11.88 43.47 9.71
C PHE D 276 11.98 44.73 8.85
N LYS D 277 12.14 45.90 9.47
CA LYS D 277 12.13 47.16 8.69
C LYS D 277 13.47 47.34 7.96
N LYS D 278 14.54 46.66 8.40
CA LYS D 278 15.82 46.71 7.66
C LYS D 278 15.62 46.06 6.28
N GLN D 279 14.58 45.25 6.11
CA GLN D 279 14.27 44.71 4.76
C GLN D 279 14.04 45.87 3.81
N MET D 280 13.41 46.94 4.31
CA MET D 280 13.20 48.15 3.48
C MET D 280 14.56 48.76 3.16
N ASP D 281 15.48 48.71 4.13
CA ASP D 281 16.83 49.22 3.69
C ASP D 281 17.52 48.36 2.61
N VAL D 282 17.39 47.02 2.67
CA VAL D 282 17.96 46.12 1.64
C VAL D 282 17.28 46.42 0.31
N CYS D 283 15.96 46.60 0.30
CA CYS D 283 15.26 47.01 -0.94
C CYS D 283 15.96 48.26 -1.48
N ALA D 284 16.14 49.24 -0.60
CA ALA D 284 16.87 50.46 -1.06
C ALA D 284 18.20 50.13 -1.74
N ASP D 285 19.11 49.40 -1.10
CA ASP D 285 20.38 49.02 -1.78
C ASP D 285 20.15 48.20 -3.07
N VAL D 286 19.29 47.20 -3.03
CA VAL D 286 19.07 46.33 -4.19
C VAL D 286 18.51 47.13 -5.34
N CYS D 287 17.63 48.09 -5.05
CA CYS D 287 17.10 48.89 -6.13
C CYS D 287 18.21 49.67 -6.83
N GLN D 288 19.12 50.25 -6.06
CA GLN D 288 20.25 51.01 -6.64
C GLN D 288 21.04 50.09 -7.58
N GLN D 289 21.26 48.84 -7.17
CA GLN D 289 22.06 47.95 -8.02
C GLN D 289 21.30 47.67 -9.31
N ILE D 290 20.00 47.50 -9.23
CA ILE D 290 19.27 47.09 -10.40
C ILE D 290 19.12 48.25 -11.36
N ALA D 291 18.78 49.44 -10.81
CA ALA D 291 18.68 50.65 -11.61
C ALA D 291 19.98 50.93 -12.32
N GLY D 292 21.10 50.76 -11.64
CA GLY D 292 22.40 50.99 -12.21
C GLY D 292 22.84 49.94 -13.21
N GLY D 293 21.93 49.05 -13.63
CA GLY D 293 22.25 48.05 -14.65
C GLY D 293 22.57 46.63 -14.19
N GLU D 294 22.44 46.30 -12.91
CA GLU D 294 22.76 44.95 -12.43
C GLU D 294 21.75 43.95 -13.00
N LYS D 295 22.15 43.24 -14.06
CA LYS D 295 21.32 42.21 -14.66
C LYS D 295 21.28 40.90 -13.87
N ALA D 296 22.27 40.66 -13.01
CA ALA D 296 22.40 39.34 -12.40
C ALA D 296 21.33 39.07 -11.35
N ILE D 297 20.75 40.11 -10.78
CA ILE D 297 19.73 39.97 -9.74
C ILE D 297 18.41 39.65 -10.43
N ILE D 298 18.05 38.36 -10.45
CA ILE D 298 16.84 37.97 -11.14
C ILE D 298 15.65 37.82 -10.19
N GLY D 299 15.88 37.94 -8.88
CA GLY D 299 14.74 37.78 -7.99
C GLY D 299 15.08 38.22 -6.59
N VAL D 300 14.03 38.33 -5.78
CA VAL D 300 14.18 38.73 -4.39
C VAL D 300 13.10 38.05 -3.58
N MET D 301 13.30 38.00 -2.27
CA MET D 301 12.37 37.36 -1.34
C MET D 301 12.11 38.30 -0.19
N VAL D 302 10.85 38.44 0.18
CA VAL D 302 10.46 39.45 1.15
C VAL D 302 9.44 38.85 2.09
N GLU D 303 9.69 39.04 3.39
CA GLU D 303 8.76 38.55 4.43
C GLU D 303 7.77 39.69 4.72
N SER D 304 6.50 39.46 4.40
CA SER D 304 5.48 40.54 4.47
C SER D 304 4.14 40.00 4.95
N HIS D 305 3.42 40.81 5.69
CA HIS D 305 2.09 40.41 6.13
C HIS D 305 1.17 41.62 6.09
N LEU D 306 -0.11 41.39 6.39
CA LEU D 306 -1.04 42.51 6.45
C LEU D 306 -0.59 43.51 7.49
N VAL D 307 -0.20 43.01 8.64
CA VAL D 307 0.13 43.82 9.81
C VAL D 307 1.59 43.53 10.12
N GLU D 308 2.37 44.59 10.30
CA GLU D 308 3.81 44.38 10.49
C GLU D 308 4.11 43.77 11.87
N GLY D 309 5.35 43.27 12.01
CA GLY D 309 5.82 42.74 13.29
C GLY D 309 5.58 41.25 13.42
N ASN D 310 5.61 40.77 14.67
CA ASN D 310 5.15 39.41 14.98
C ASN D 310 4.56 39.42 16.39
N GLN D 311 4.33 38.22 16.93
CA GLN D 311 3.61 38.06 18.19
C GLN D 311 3.79 36.64 18.64
N SER D 312 3.54 36.39 19.92
CA SER D 312 3.85 35.10 20.52
C SER D 312 2.58 34.26 20.67
N LEU D 313 2.65 32.99 20.28
CA LEU D 313 1.48 32.08 20.39
C LEU D 313 1.41 31.47 21.80
N GLU D 314 2.53 31.36 22.49
CA GLU D 314 2.57 30.82 23.88
C GLU D 314 2.42 31.97 24.88
N SER D 315 1.35 32.74 24.79
CA SER D 315 1.09 33.81 25.77
C SER D 315 -0.20 33.48 26.51
N GLY D 316 -1.14 32.83 25.82
CA GLY D 316 -2.46 32.53 26.40
C GLY D 316 -3.48 33.57 25.94
N GLU D 317 -3.05 34.53 25.14
CA GLU D 317 -3.94 35.65 24.72
C GLU D 317 -4.37 35.47 23.26
N PRO D 318 -5.61 35.86 22.87
CA PRO D 318 -6.01 35.77 21.45
C PRO D 318 -5.05 36.50 20.53
N LEU D 319 -4.67 35.80 19.45
CA LEU D 319 -3.76 36.36 18.46
C LEU D 319 -4.40 37.53 17.71
N ALA D 320 -3.56 38.51 17.36
CA ALA D 320 -4.01 39.55 16.44
C ALA D 320 -4.17 39.00 15.02
N TYR D 321 -5.07 39.62 14.26
CA TYR D 321 -5.34 39.22 12.88
C TYR D 321 -4.22 39.67 11.94
N GLY D 322 -3.80 38.78 11.03
CA GLY D 322 -2.91 39.19 9.97
C GLY D 322 -1.54 39.64 10.41
N LYS D 323 -1.07 39.12 11.54
CA LYS D 323 0.21 39.46 12.12
C LYS D 323 0.95 38.15 12.37
N SER D 324 2.20 38.10 11.95
CA SER D 324 2.96 36.85 11.96
C SER D 324 3.05 36.27 13.37
N ILE D 325 2.98 34.94 13.47
CA ILE D 325 3.30 34.27 14.73
C ILE D 325 4.69 33.63 14.68
N THR D 326 5.47 33.93 13.65
CA THR D 326 6.85 33.42 13.54
C THR D 326 7.75 34.65 13.42
N ASP D 327 8.51 34.73 12.33
CA ASP D 327 9.46 35.86 12.16
C ASP D 327 8.69 37.15 11.86
N ALA D 328 9.27 38.29 12.21
CA ALA D 328 8.60 39.56 11.95
C ALA D 328 8.64 39.92 10.46
N CYS D 329 7.53 40.47 9.97
CA CYS D 329 7.38 40.91 8.58
C CYS D 329 7.13 42.41 8.55
N ILE D 330 7.38 43.01 7.38
CA ILE D 330 6.81 44.33 7.12
C ILE D 330 5.30 44.21 6.93
N GLY D 331 4.59 45.31 7.18
CA GLY D 331 3.15 45.36 6.99
C GLY D 331 2.77 45.84 5.59
N TRP D 332 1.47 45.95 5.30
CA TRP D 332 1.04 46.23 3.90
C TRP D 332 1.56 47.55 3.27
N GLU D 333 1.57 48.64 4.03
CA GLU D 333 1.98 49.96 3.47
C GLU D 333 3.44 49.88 2.99
N ASP D 334 4.32 49.36 3.85
CA ASP D 334 5.72 49.15 3.43
C ASP D 334 5.73 48.16 2.26
N THR D 335 4.77 47.24 2.17
CA THR D 335 4.82 46.20 1.10
C THR D 335 4.53 46.84 -0.26
N ASP D 336 3.54 47.71 -0.36
CA ASP D 336 3.21 48.41 -1.63
C ASP D 336 4.43 49.24 -2.08
N ALA D 337 5.02 49.97 -1.14
CA ALA D 337 6.19 50.82 -1.43
C ALA D 337 7.37 50.00 -1.97
N LEU D 338 7.74 48.91 -1.30
CA LEU D 338 8.88 48.07 -1.74
C LEU D 338 8.61 47.56 -3.16
N LEU D 339 7.39 47.14 -3.42
CA LEU D 339 7.09 46.56 -4.75
C LEU D 339 7.20 47.63 -5.83
N ARG D 340 6.68 48.83 -5.58
CA ARG D 340 6.75 49.92 -6.59
C ARG D 340 8.22 50.33 -6.77
N GLN D 341 8.99 50.34 -5.70
CA GLN D 341 10.44 50.66 -5.80
C GLN D 341 11.11 49.64 -6.72
N LEU D 342 10.79 48.36 -6.56
CA LEU D 342 11.44 47.32 -7.39
C LEU D 342 10.99 47.48 -8.83
N ALA D 343 9.71 47.74 -9.06
CA ALA D 343 9.22 47.96 -10.45
C ALA D 343 9.93 49.15 -11.08
N ASN D 344 10.21 50.17 -10.28
CA ASN D 344 10.90 51.38 -10.78
C ASN D 344 12.37 51.05 -11.02
N ALA D 345 12.96 50.27 -10.13
CA ALA D 345 14.36 49.91 -10.40
C ALA D 345 14.46 49.09 -11.67
N VAL D 346 13.50 48.20 -11.90
CA VAL D 346 13.51 47.35 -13.13
C VAL D 346 13.31 48.24 -14.35
N LYS D 347 12.45 49.24 -14.25
CA LYS D 347 12.20 50.17 -15.39
C LYS D 347 13.51 50.89 -15.74
N ALA D 348 14.17 51.41 -14.72
CA ALA D 348 15.44 52.12 -14.94
C ALA D 348 16.46 51.15 -15.56
N ARG D 349 16.54 49.90 -15.11
CA ARG D 349 17.50 48.93 -15.70
C ARG D 349 17.19 48.72 -17.18
N ARG D 350 15.92 48.67 -17.54
CA ARG D 350 15.51 48.39 -18.95
C ARG D 350 15.79 49.64 -19.80
N GLY D 351 14.77 50.47 -20.02
CA GLY D 351 15.01 51.73 -20.73
C GLY D 351 15.98 52.55 -19.92
#